data_7UIC
#
_entry.id   7UIC
#
_cell.length_a   1.00
_cell.length_b   1.00
_cell.length_c   1.00
_cell.angle_alpha   90.00
_cell.angle_beta   90.00
_cell.angle_gamma   90.00
#
_symmetry.space_group_name_H-M   'P 1'
#
loop_
_entity.id
_entity.type
_entity.pdbx_description
1 polymer 'Mediator of RNA polymerase II transcription subunit 2'
2 polymer 'Mediator of RNA polymerase II transcription subunit 3'
3 polymer 'Mediator of RNA polymerase II transcription subunit 5'
4 polymer 'Mediator of RNA polymerase II transcription subunit 14'
5 polymer 'Mediator of RNA polymerase II transcription subunit 15'
6 polymer 'Mediator of RNA polymerase II transcription subunit 16'
#
loop_
_entity_poly.entity_id
_entity_poly.type
_entity_poly.pdbx_seq_one_letter_code
_entity_poly.pdbx_strand_id
1 'polypeptide(L)'
;MVVQNSPVSSVHTANFSERGSNTRTMTYKNKLTVCFDDILKVGAEMMMQQQLKNVQLDSYLVNGFSQSQQKLLKEKVKLF
HGILDDLETSLSQSSSYLETLTALGKEKEKEREEAEKKRAEQENMRKVREQEELKKRQELEEASQQQQLQQNSKEKNGLG
LNFSTTAPANTTDANGSKENYQELGSLQSSSQTQLENANAANNGAAFSPLTTTRIQSQQAQPSDVMFNDLNSMDISMFSG
LDSTGFDSTAFNATVDETKGFDDNDSGNNYNDINISSIENNINNNINSTKNGKDNNNESNKNNNGDEKNKNNNEDNENNN
NSSEKNNNNNNNNNNNNDDNGNNNNNNSGNDNNNTTNNDSNNKNNSITTGNDNENIVNNDLPTTVVSNPGDNPPPADNGE
EYLTLNDFNDLNIDWSTTGDNGELDLSGFNI
;
b
2 'polypeptide(L)'
;MDSIIPAGVKLDDLQVILAKNENETRDKVCKQINEARDEILPLRLQFNEFIQIMANIDQEGSKQADRMAKYLHIRDKILQ
LNDRFQTLSSHLEALQPLFSTVPEYLKTADNRDRSFQLLEPLSTYNKNGNAVCSTATVVSTNHSAAASTPTTTATPHANP
ITHAHSLSNPNSTATMQHNPLAGKRGPKSGSTMGTPTVHNSTAAAPIAAPKKPRKPRQTKKAKAQAQAQAQAQAQVYAQQ
STVQTPITASMAAALPNPTPSMINSVSPTNVMGTPLTNMMSPMGNAYSMGAQNQGGQVSMSQFNGSGNGSNPNTNTNSNN
TPLQSQLNLNNLTPANILNMSMNNDFQQQQQQQQQQQQPQPQYNMNMGMNNMNNGGKELDSLDLNNLELGGLNMDFL
;
c
3 'polypeptide(L)'
;MEKESVYNLALKCAERQLTSMEFSNLYKEFFNEKFPSLIQEEEEDTTTTANINEVKKASDLVDTPSNNTAATADTTHLHE
ALDIVCSDFVKILNLEKPLILADYIVEVLLVNYNSDMIKCFLPKLNSVRNSLLLAHFFSKSCSFFAKLSDTLIIDQVRKD
LGNVIVPNILSLDMNSMNKELIAIVSKLLQTTLKLSPSPILLTSAGCKNGSFTLLNQLSQTNKLLFKRVSQTFEAKLHFK
DTKPFLNKDSTNEFVGSPSLTSPQYIPSPLSSTKPPGSVNSAAKYKDMKLLRYYKNIWLNNKIINWEISNPDFLSKYSAI
TSSIFQESFNSVQNLDQLLTDLIETSFTCFAQFVSNKQYHQANSNLTLLERKWVIFITKHLPLLILENSSRSPRVVTNAL
DNIDEKVVKAIRIYFTEKDDNKTNNEDLFDDYPSTSLDIRHDFIKGLIMLNLQPASVINNYLREDQMIDTSILPTRDDLF
VRNLQGIQEVVHNTNSFIISSLDTLELESITESITHDSSNGLFQVLHNFESVAPTKQREIVKAFLSIFEDAIKELNYNRI
AKICALLFFNFSHSLTTILSFSSPAALMKTLIKFVDLSRNGRNGSNGNDESSEYETINISLSFSWAILLIINLTQTYGIS
VVDVALKYPELSIKNSFIINFISNLPNVSDKYYLEESNVNDSDMLTKSHNTVQSWLCDLFVNGSITDQLIQNIETRQLAN
LIPFIVKQVLLSVEIGVLTDISSLIGGFEYFLQPLLLVGLIKTFYWLEQFLSCVKNDTISEDILQGIFNLLNTLFNPVTL
NEDSKAFHTAVLRLNAIPLLKVLRKFRVQSQSNYGIYSSDAQGDPNLEPLIAKLVAVLNVSPVYDVDPRIINSENDYSRK
QLGYGKFLILNENPINKIMTNQINSFWSLHSSTYYNLDYLFELIELVTPKSFLFDVLKTLEYKLATYGVPGSENKRGSLD
SEHVFDYFFYFLVLYDVKTAEEASQLIEYMENDAKKSKGDVDIKGEDLHEKNDSAEVRQETQPKAEATQDDDFDMLFGEN
DTSTQAYEEEEENEDNDGNNRTNNVPMIKAEETPSKTNKISILKRHSFAVLLHERKLLNDLALENGEITKTENEKFISYH
DKYLCMLKTCVF
;
e
4 'polypeptide(L)'
;MTTTIGSPQMLANEERLSNEMHALKNRSEQNGQEQQGPVKNTQLHGPSATDPETTATQKESLEMVPKDTSAATMTSAPPP
ALPHVEINQVSLALVIRNLTVFTMKELAQYMKTNVHTQANEPNSAKKIRFLQLIIFLRTQFLKLYVLVKWTRTIKQNNFH
VLIDLLNWFRTTNMNVNNCIWALKSSLNSMTNAKLPNVDLVTALEVLSLGRPNLPTHNFKLSGVSNSMDMVDGMAKVPIG
LILQRLKDLNLTVSIKIALMNIPKPLNSYHIKNGRIYFTVPNEFEIQLSTVNRQSPLFFVDLKLLFNTEAEQTVSAVTEA
TSTNGDSENNEENSSSNGNNLPLNKPRLEKLINEILLKSNDPLLSLYNFLHKYVLTLQLYMVHREFLKLANGGKFSKSNL
IHNYDSKKSTITVRYWLNGKMDSKGKITIGIQRTTESLILKWDNQSASRAKNMPVIYNNIVSNIEGILDEIMFNHARIIR
SELLARDIFQEDEENSDVLLFQLPTTCVSMAPIQLKIDLLSGQFYFRNPTPLLSNYASKINRAEGPEELARILQQLKLDK
IIHVLTTMFENTGWSCSRIIKIDKPIRTQVNTGGESVVKKEDNKYAIAGNSTTNSDVSLLLQRDLFIRLPHWPLNWYLIL
SIISSKTSCVVEKRIGKIVSQRGKWNLKYLDNSNVMTVKLESITYQKIMILQRTILNRIINHMLIDSLNQLEIRNKICSS
EMINEQKLPQYIIQGSNTNDNISIITLELESFLEGSKALNSILESSMFLRIDYSNSQIRLYAKFKRNTMMIQCQIDKLYI
HFVQEEPLAFYLEESFTNLGIIVQYLTKFRQKLMQLVVLTDVVERLHKNFESENFKIIALQPNEISFKYLSNNDEDDKDC
TIKISTNDDSIKNLTVQLSPSNPQHIIQPFLDNSKMDYHFIFSYLQFTSSLFKALKVILNERGGKFHESGSQYSTMVNIG
LHNLNEYQIVYYNPQAGTKITICIELKTVLHNGRDKIQFHIHFADVAHITTKSPAYPMMHQVRNQVFMLDTKRLGTPESV
KPANASHAIRLGNGVACDPSEIEPILMEIHNILKVDSNSSSS
;
n
5 'polypeptide(L)'
;MSAAPVQDKDTLSNAERAKNVNGLLQVLMDINTLNGGSSDTADKIRIHAKNFEAALFAKSSSKKEYMDSMNEKVAVMRNT
YNTRKNAVTAAAANNNIKPVEQHHINNLKNSGNSANNMNVNMNLNPQMFLNQQAQARQQVAQQLRNQQQQQQQQQQQQRR
QLTPQQQQLVNQMKVAPIPKQLLQRIPNIPPNINTWQQVTALAQQKLLTPQDMEAAKEVYKIHQQLLFKARLQQQQAQAQ
AQANNNNNGLPQNGNINNNINIPQQQQMQPPNSSANNNPLQQQSSQNTVPNVLNQINQIFSPEEQRSLLQEAIETCKNFE
KTQLGSTMTEPVKQSFIRKYINQKALRKIQALRDVKNNNNANNNGSNLQRAQNVPMNIIQQQQQQNTNNNDTIATSATPN
AAAFSQQQNASSKLYQMQQQQQAQAQAQAQAQAQAQAQAQAQAAQAAQAQAQAQAQAQAQAQAQAQAQAQAQAQAQAQAQ
AHAQHQPSQQPQQAQQQPNPLHGLTPTAKDVEVIKQLSLDASKTNLRLTDVTNSLSNEEKEKIKMKLKQGQKLFVQVSNF
APQVYIITKNENFLKEVFQLRIFVKEILEKCAEGIFVVKLDTVDRLIIKYQKYWESMRIQILRRQAILRQQQQMANNNGN
PGTTSTGNNNNIATQQNMQQSLQQMQHLQQLKMQQQQQQQQQQQQQQQQQQQQQQQHIYPSSTPGVANYSAMANAPGNNI
PYMNHKNTSSMDFLNSMENTPKVPVSAAATPSLNKTINGKVNGRTKSNTIPVTSIPSTNKKLSISNAASQQPTPRSASNT
AKSTPNTNPSPLKTQTKNGTPNPNNMKTVQSPMGAQPSYNSAIIENAFRKEELLLKDLEIRKLEISSRFKHRQEIFKDSP
MDLFMSTLGDCLGIKDEEMLTSCTIPKAVVDHINGSGKRKPTKAAQRARDQDSIDISIKDNKLVMKSKFNKSNRSYSIAL
SNVAAIFKGIGGNFKDLSTLVHSSSPSTSSNMDVGNPRKRKASVLEISPQDSIASVLSPDSNIMSDSKKIKVDSPDDPFM
TKSGATTSEKQEVTNEAPFLTSGTSSEQFNVWDWNNWTSAT
;
o
6 'polypeptide(L)'
;MMLGEHLMSWSKTGIIAYSDSQSSNANICLTFLESINGINWRFHTPQKYVLHPQLHEVQYQESSSTLSTHSTTTSVNGST
TAGVGSTPNFGGNSNKSPPQFFYNISSIHWNNWFSLPGDMLAVCDELGNMTMLITGQRPDRATTYEKLTMVFQDNVYKIY
NHVMPLKPVDKLKPMNIERKQTRKEYNTSILEFRWLTSSKSVIVSQFCAFDSSSNTYRSRAQQVPPYGVYHPPFIKYACL
AIRKNGQIDFWYQFSNSKDHKKITLQLLDTSNQRFKDLQWLEFARITPMNDDQCMLITTYSKLSKNISFYKLHVNWNLNA
TKPNVLNDPSLKIQFILSTTLDPTDDEGHVLKLENLHVVSKSSIEKDPSPEILVLYNVCDTSKSLVKRYRLAPTQLSAEY
LVILKPDLNIDRNNSTNQIFQSRRYNLRRHSDIVLDKKVTLITSEMFDAFVSFYFEDGTIESYNQNDWKLETERLISQSQ
LGKFKNIIASPLSAGFNYGKLPLPPSVEWMKVSPSMCGVIVKQYNKKWPQFYAAVQKNYADPEKDSINATALAFGYVKSL
HKQISAEDLTIAAKTHILRISFLDRKRAKEFITTLLKSLYSFFNISPDAPKEIMDKIITSRPLQKIMLLQLELGSCFSQE
NIEEMARVILYLKNVLFAFNGVARNFHFAIEQISNNSNQQQNPKLFQTIFSKQDLIHSLIPVAKWFVKFITYLTQEILIL
INDPTNKEYTLVHGIFGAKMSRTLILSILNEIKKVTQIVAKFPETSYPILNESSTFLKLVLSESPVDFEKFETFLVDVNN
KFIALCEQQPSQEREFSLLVKAEIPPEYAKVGDFLLQYANNAVISHANAAAVYFADTSGLKISNSEFFNPEIFHLLQPLE
EGLIIDTDKLPIKNRTSKSFSKLLYDDVTCDKLSVSEISDGKLKRCSRCGSVTRAGNIISSDKTIVPTSIQTKRWPTMYT
RLCICSGMLFEMDG
;
p
#
# COMPACT_ATOMS: atom_id res chain seq x y z
N TYR A 28 18.22 -21.86 -76.70
CA TYR A 28 18.28 -22.41 -75.36
C TYR A 28 19.72 -22.52 -74.88
N LYS A 29 20.65 -22.64 -75.83
CA LYS A 29 22.07 -22.73 -75.48
C LYS A 29 22.55 -21.45 -74.81
N ASN A 30 22.11 -20.30 -75.32
CA ASN A 30 22.53 -19.02 -74.73
C ASN A 30 21.79 -18.74 -73.43
N LYS A 31 20.54 -19.19 -73.31
CA LYS A 31 19.75 -18.91 -72.12
C LYS A 31 20.37 -19.53 -70.88
N LEU A 32 20.84 -20.78 -70.98
CA LEU A 32 21.43 -21.44 -69.82
C LEU A 32 22.75 -20.78 -69.43
N THR A 33 23.52 -20.29 -70.40
CA THR A 33 24.77 -19.62 -70.08
C THR A 33 24.52 -18.28 -69.40
N VAL A 34 23.62 -17.47 -69.95
CA VAL A 34 23.39 -16.13 -69.40
C VAL A 34 22.72 -16.22 -68.03
N CYS A 35 21.84 -17.21 -67.84
CA CYS A 35 21.12 -17.30 -66.57
C CYS A 35 22.07 -17.53 -65.40
N PHE A 36 23.06 -18.41 -65.58
CA PHE A 36 24.06 -18.58 -64.53
C PHE A 36 25.04 -17.42 -64.49
N ASP A 37 25.22 -16.71 -65.60
CA ASP A 37 26.00 -15.48 -65.58
C ASP A 37 25.20 -14.35 -64.93
N ASP A 38 23.88 -14.33 -65.14
CA ASP A 38 23.06 -13.26 -64.57
C ASP A 38 22.82 -13.45 -63.08
N ILE A 39 22.72 -14.69 -62.61
CA ILE A 39 22.53 -14.91 -61.18
C ILE A 39 23.73 -14.38 -60.40
N LEU A 40 24.92 -14.45 -60.98
CA LEU A 40 26.07 -13.77 -60.39
C LEU A 40 26.01 -12.28 -60.66
N LYS A 41 25.51 -11.88 -61.84
CA LYS A 41 25.31 -10.48 -62.14
C LYS A 41 24.26 -9.85 -61.23
N VAL A 42 23.16 -10.56 -60.98
CA VAL A 42 22.15 -10.07 -60.05
C VAL A 42 22.74 -9.91 -58.65
N GLY A 43 23.54 -10.89 -58.23
CA GLY A 43 24.22 -10.78 -56.95
C GLY A 43 25.33 -9.74 -56.93
N ALA A 44 25.87 -9.38 -58.10
CA ALA A 44 27.00 -8.46 -58.14
C ALA A 44 26.67 -7.16 -57.41
N GLU A 45 25.50 -6.59 -57.65
CA GLU A 45 25.07 -5.43 -56.88
C GLU A 45 24.68 -5.81 -55.45
N MET A 46 24.32 -7.07 -55.21
CA MET A 46 23.97 -7.47 -53.85
C MET A 46 25.19 -7.45 -52.92
N MET A 47 26.32 -7.99 -53.39
CA MET A 47 27.55 -7.87 -52.61
C MET A 47 28.26 -6.54 -52.82
N MET A 48 27.87 -5.76 -53.82
CA MET A 48 28.44 -4.43 -53.98
C MET A 48 28.13 -3.57 -52.76
N GLN A 49 26.85 -3.49 -52.38
CA GLN A 49 26.48 -2.81 -51.14
C GLN A 49 27.12 -3.49 -49.94
N GLN A 50 27.20 -4.83 -49.97
CA GLN A 50 27.93 -5.56 -48.94
C GLN A 50 29.41 -5.17 -48.93
N GLN A 51 30.01 -5.02 -50.11
CA GLN A 51 31.41 -4.64 -50.22
C GLN A 51 31.64 -3.22 -49.71
N GLY A 64 21.54 -3.98 -44.41
CA GLY A 64 20.67 -5.09 -44.78
C GLY A 64 20.65 -5.36 -46.27
N PHE A 65 19.61 -6.08 -46.72
CA PHE A 65 19.44 -6.42 -48.13
C PHE A 65 18.28 -5.64 -48.71
N SER A 66 18.43 -5.18 -49.95
CA SER A 66 17.35 -4.48 -50.63
C SER A 66 16.32 -5.47 -51.15
N GLN A 67 15.04 -5.12 -50.99
CA GLN A 67 13.97 -6.01 -51.43
C GLN A 67 13.97 -6.19 -52.94
N SER A 68 14.37 -5.15 -53.68
CA SER A 68 14.41 -5.26 -55.14
C SER A 68 15.40 -6.32 -55.58
N GLN A 69 16.59 -6.34 -54.99
CA GLN A 69 17.58 -7.36 -55.35
C GLN A 69 17.11 -8.75 -54.94
N GLN A 70 16.46 -8.87 -53.78
CA GLN A 70 15.97 -10.17 -53.34
C GLN A 70 14.91 -10.72 -54.29
N LYS A 71 13.95 -9.88 -54.69
CA LYS A 71 12.93 -10.34 -55.62
C LYS A 71 13.51 -10.58 -57.00
N LEU A 72 14.54 -9.83 -57.40
CA LEU A 72 15.22 -10.10 -58.66
C LEU A 72 15.87 -11.48 -58.63
N LEU A 73 16.53 -11.82 -57.52
CA LEU A 73 17.11 -13.15 -57.38
C LEU A 73 16.04 -14.24 -57.40
N LYS A 74 14.92 -13.99 -56.71
CA LYS A 74 13.84 -14.97 -56.68
C LYS A 74 13.28 -15.23 -58.08
N GLU A 75 13.03 -14.16 -58.84
CA GLU A 75 12.49 -14.35 -60.19
C GLU A 75 13.54 -14.98 -61.10
N LYS A 76 14.83 -14.67 -60.90
CA LYS A 76 15.87 -15.29 -61.70
C LYS A 76 15.92 -16.80 -61.46
N VAL A 77 15.89 -17.23 -60.20
CA VAL A 77 15.98 -18.66 -59.93
C VAL A 77 14.72 -19.37 -60.41
N LYS A 78 13.54 -18.75 -60.23
CA LYS A 78 12.32 -19.41 -60.67
C LYS A 78 12.26 -19.51 -62.19
N LEU A 79 12.76 -18.49 -62.91
CA LEU A 79 12.79 -18.59 -64.37
C LEU A 79 13.83 -19.59 -64.84
N PHE A 80 14.94 -19.72 -64.12
CA PHE A 80 15.90 -20.78 -64.45
C PHE A 80 15.25 -22.15 -64.35
N HIS A 81 14.53 -22.39 -63.25
CA HIS A 81 13.81 -23.66 -63.10
C HIS A 81 12.78 -23.84 -64.22
N GLY A 82 12.05 -22.77 -64.54
CA GLY A 82 11.03 -22.87 -65.57
C GLY A 82 11.61 -23.19 -66.95
N ILE A 83 12.70 -22.54 -67.31
CA ILE A 83 13.31 -22.82 -68.60
C ILE A 83 13.93 -24.21 -68.63
N LEU A 84 14.44 -24.69 -67.49
CA LEU A 84 14.92 -26.07 -67.43
C LEU A 84 13.75 -27.04 -67.70
N ASP A 85 12.60 -26.79 -67.07
CA ASP A 85 11.44 -27.64 -67.31
C ASP A 85 10.98 -27.57 -68.76
N ASP A 86 10.99 -26.37 -69.34
CA ASP A 86 10.58 -26.20 -70.72
C ASP A 86 11.52 -26.95 -71.67
N LEU A 87 12.82 -26.89 -71.41
CA LEU A 87 13.78 -27.62 -72.22
C LEU A 87 13.57 -29.12 -72.09
N GLU A 88 13.27 -29.60 -70.87
CA GLU A 88 12.99 -31.01 -70.69
C GLU A 88 11.76 -31.45 -71.48
N THR A 89 10.70 -30.64 -71.44
CA THR A 89 9.49 -30.95 -72.21
C THR A 89 9.77 -30.95 -73.70
N SER A 90 10.55 -29.98 -74.18
CA SER A 90 10.89 -29.93 -75.59
C SER A 90 11.71 -31.16 -76.00
N LEU A 91 12.64 -31.58 -75.15
CA LEU A 91 13.42 -32.78 -75.44
C LEU A 91 12.53 -34.01 -75.50
N SER A 92 11.57 -34.13 -74.57
CA SER A 92 10.67 -35.27 -74.58
C SER A 92 9.82 -35.28 -75.86
N GLN A 93 9.29 -34.12 -76.25
CA GLN A 93 8.47 -34.04 -77.45
C GLN A 93 9.29 -34.37 -78.70
N SER A 94 10.52 -33.86 -78.78
CA SER A 94 11.38 -34.17 -79.91
C SER A 94 11.70 -35.66 -79.96
N SER A 95 11.95 -36.27 -78.80
CA SER A 95 12.22 -37.70 -78.77
C SER A 95 11.02 -38.48 -79.28
N SER A 96 9.81 -38.16 -78.78
CA SER A 96 8.62 -38.87 -79.21
C SER A 96 8.41 -38.72 -80.71
N TYR A 97 8.62 -37.52 -81.24
CA TYR A 97 8.60 -37.34 -82.69
C TYR A 97 9.64 -38.24 -83.36
N LEU A 98 10.80 -38.42 -82.73
CA LEU A 98 11.83 -39.28 -83.31
C LEU A 98 11.32 -40.71 -83.45
N GLU A 99 10.77 -41.29 -82.38
CA GLU A 99 10.30 -42.68 -82.53
C GLU A 99 9.13 -42.77 -83.49
N THR A 100 8.21 -41.79 -83.49
CA THR A 100 7.06 -41.94 -84.37
C THR A 100 7.45 -41.81 -85.84
N LEU A 101 8.39 -40.91 -86.17
CA LEU A 101 8.86 -40.82 -87.54
C LEU A 101 9.68 -42.04 -87.95
N THR A 102 10.51 -42.56 -87.03
CA THR A 102 11.28 -43.76 -87.38
C THR A 102 10.35 -44.95 -87.61
N ALA A 103 9.32 -45.10 -86.79
CA ALA A 103 8.34 -46.17 -87.00
C ALA A 103 7.60 -45.97 -88.32
N LEU A 104 7.21 -44.74 -88.62
CA LEU A 104 6.51 -44.45 -89.87
C LEU A 104 7.50 -44.17 -90.99
N MET B 1 31.00 -35.73 -81.03
CA MET B 1 32.21 -36.27 -81.64
C MET B 1 31.95 -36.73 -83.07
N ASP B 2 31.64 -38.02 -83.21
CA ASP B 2 31.36 -38.59 -84.53
C ASP B 2 30.09 -37.98 -85.11
N SER B 3 30.15 -37.64 -86.40
CA SER B 3 29.02 -37.05 -87.12
C SER B 3 28.33 -38.15 -87.91
N ILE B 4 27.42 -38.87 -87.25
CA ILE B 4 26.66 -39.91 -87.92
C ILE B 4 25.77 -39.31 -89.00
N ILE B 5 25.14 -38.17 -88.70
CA ILE B 5 24.24 -37.50 -89.62
C ILE B 5 25.04 -36.42 -90.34
N PRO B 6 25.23 -36.52 -91.66
CA PRO B 6 25.96 -35.46 -92.38
C PRO B 6 25.18 -34.16 -92.39
N ALA B 7 25.92 -33.06 -92.48
CA ALA B 7 25.31 -31.73 -92.54
C ALA B 7 24.88 -31.40 -93.95
N GLY B 8 23.73 -30.75 -94.07
CA GLY B 8 23.21 -30.32 -95.36
C GLY B 8 22.44 -31.37 -96.13
N VAL B 9 22.20 -32.54 -95.57
CA VAL B 9 21.49 -33.62 -96.24
C VAL B 9 20.00 -33.45 -96.00
N LYS B 10 19.21 -33.86 -96.99
CA LYS B 10 17.76 -33.69 -96.92
C LYS B 10 17.14 -34.72 -95.98
N LEU B 11 15.87 -34.47 -95.63
CA LEU B 11 15.17 -35.34 -94.69
C LEU B 11 14.92 -36.72 -95.28
N ASP B 12 14.52 -36.78 -96.55
CA ASP B 12 14.20 -38.06 -97.17
C ASP B 12 15.43 -38.95 -97.28
N ASP B 13 16.58 -38.36 -97.63
CA ASP B 13 17.82 -39.13 -97.66
C ASP B 13 18.16 -39.68 -96.28
N LEU B 14 17.95 -38.88 -95.23
CA LEU B 14 18.15 -39.36 -93.88
C LEU B 14 17.20 -40.50 -93.53
N GLN B 15 15.95 -40.42 -94.01
CA GLN B 15 15.01 -41.51 -93.79
C GLN B 15 15.51 -42.79 -94.45
N VAL B 16 15.99 -42.67 -95.69
CA VAL B 16 16.50 -43.85 -96.41
C VAL B 16 17.70 -44.44 -95.67
N ILE B 17 18.61 -43.59 -95.19
CA ILE B 17 19.77 -44.06 -94.44
C ILE B 17 19.32 -44.74 -93.15
N LEU B 18 18.36 -44.13 -92.45
CA LEU B 18 17.90 -44.66 -91.17
C LEU B 18 17.19 -46.00 -91.32
N ALA B 19 16.55 -46.22 -92.47
CA ALA B 19 15.80 -47.46 -92.67
C ALA B 19 16.67 -48.70 -92.61
N LYS B 20 17.98 -48.57 -92.81
CA LYS B 20 18.91 -49.68 -92.83
C LYS B 20 19.88 -49.58 -91.65
N ASN B 21 20.87 -50.47 -91.64
CA ASN B 21 21.98 -50.57 -90.68
C ASN B 21 21.56 -51.14 -89.32
N GLU B 22 20.34 -51.68 -89.20
CA GLU B 22 19.87 -52.32 -87.97
C GLU B 22 19.91 -51.39 -86.76
N ASN B 23 19.72 -50.09 -86.99
CA ASN B 23 19.35 -49.14 -85.95
C ASN B 23 20.44 -48.95 -84.88
N GLU B 24 21.70 -49.06 -85.28
CA GLU B 24 22.77 -48.75 -84.34
C GLU B 24 22.74 -47.27 -83.95
N THR B 25 22.44 -46.40 -84.91
CA THR B 25 22.28 -44.98 -84.59
C THR B 25 21.02 -44.71 -83.80
N ARG B 26 19.96 -45.49 -84.01
CA ARG B 26 18.79 -45.39 -83.15
C ARG B 26 19.14 -45.74 -81.71
N ASP B 27 19.91 -46.81 -81.52
CA ASP B 27 20.35 -47.17 -80.18
C ASP B 27 21.20 -46.07 -79.56
N LYS B 28 22.11 -45.50 -80.35
CA LYS B 28 22.98 -44.44 -79.83
C LYS B 28 22.17 -43.21 -79.41
N VAL B 29 21.21 -42.79 -80.25
CA VAL B 29 20.43 -41.60 -79.92
C VAL B 29 19.49 -41.89 -78.76
N CYS B 30 18.98 -43.12 -78.65
CA CYS B 30 18.17 -43.47 -77.50
C CYS B 30 18.99 -43.41 -76.22
N LYS B 31 20.22 -43.91 -76.25
CA LYS B 31 21.08 -43.80 -75.08
C LYS B 31 21.37 -42.34 -74.74
N GLN B 32 21.59 -41.51 -75.77
CA GLN B 32 21.89 -40.10 -75.52
C GLN B 32 20.70 -39.37 -74.90
N ILE B 33 19.49 -39.59 -75.43
CA ILE B 33 18.33 -38.95 -74.84
C ILE B 33 18.06 -39.49 -73.44
N ASN B 34 18.31 -40.78 -73.21
CA ASN B 34 18.12 -41.33 -71.87
C ASN B 34 19.08 -40.70 -70.87
N GLU B 35 20.35 -40.53 -71.25
CA GLU B 35 21.30 -39.93 -70.32
C GLU B 35 21.01 -38.44 -70.13
N ALA B 36 20.50 -37.77 -71.16
CA ALA B 36 20.07 -36.38 -70.98
C ALA B 36 18.93 -36.28 -69.98
N ARG B 37 17.94 -37.18 -70.10
CA ARG B 37 16.81 -37.18 -69.17
C ARG B 37 17.27 -37.51 -67.75
N ASP B 38 18.21 -38.45 -67.62
CA ASP B 38 18.72 -38.80 -66.30
C ASP B 38 19.73 -37.79 -65.76
N GLU B 39 20.20 -36.86 -66.60
CA GLU B 39 21.06 -35.77 -66.17
C GLU B 39 20.30 -34.52 -65.80
N ILE B 40 19.09 -34.35 -66.35
CA ILE B 40 18.30 -33.15 -66.07
C ILE B 40 18.04 -33.01 -64.57
N LEU B 41 17.59 -34.07 -63.93
CA LEU B 41 17.23 -34.00 -62.51
C LEU B 41 18.43 -33.71 -61.60
N PRO B 42 19.56 -34.42 -61.70
CA PRO B 42 20.67 -34.12 -60.76
C PRO B 42 21.17 -32.69 -60.85
N LEU B 43 21.11 -32.07 -62.03
CA LEU B 43 21.49 -30.66 -62.13
C LEU B 43 20.59 -29.80 -61.26
N ARG B 44 19.27 -30.04 -61.32
CA ARG B 44 18.34 -29.32 -60.45
C ARG B 44 18.65 -29.58 -58.97
N LEU B 45 18.91 -30.83 -58.62
CA LEU B 45 19.15 -31.18 -57.22
C LEU B 45 20.39 -30.46 -56.69
N GLN B 46 21.50 -30.52 -57.44
CA GLN B 46 22.72 -29.88 -56.98
C GLN B 46 22.61 -28.35 -57.03
N PHE B 47 21.81 -27.82 -57.95
CA PHE B 47 21.62 -26.37 -57.98
C PHE B 47 20.86 -25.91 -56.75
N ASN B 48 19.84 -26.67 -56.35
CA ASN B 48 19.14 -26.38 -55.10
C ASN B 48 20.08 -26.51 -53.91
N GLU B 49 20.97 -27.50 -53.94
CA GLU B 49 21.96 -27.64 -52.88
C GLU B 49 22.88 -26.42 -52.81
N PHE B 50 23.30 -25.91 -53.97
CA PHE B 50 24.13 -24.71 -54.01
C PHE B 50 23.39 -23.51 -53.45
N ILE B 51 22.10 -23.37 -53.79
CA ILE B 51 21.30 -22.28 -53.23
C ILE B 51 21.21 -22.41 -51.71
N GLN B 52 21.00 -23.63 -51.21
CA GLN B 52 20.94 -23.84 -49.76
C GLN B 52 22.26 -23.48 -49.10
N ILE B 53 23.39 -23.84 -49.73
CA ILE B 53 24.69 -23.51 -49.18
C ILE B 53 24.87 -21.99 -49.13
N MET B 54 24.49 -21.31 -50.21
CA MET B 54 24.64 -19.86 -50.26
C MET B 54 23.77 -19.19 -49.18
N ALA B 55 22.55 -19.67 -49.01
CA ALA B 55 21.64 -19.06 -48.03
C ALA B 55 22.15 -19.26 -46.61
N ASN B 56 22.78 -20.41 -46.33
CA ASN B 56 23.25 -20.75 -44.99
C ASN B 56 24.72 -20.37 -44.78
N ILE B 57 25.20 -19.33 -45.47
CA ILE B 57 26.60 -18.94 -45.34
C ILE B 57 26.92 -18.39 -43.95
N ASP B 58 25.93 -17.88 -43.24
CA ASP B 58 26.13 -17.30 -41.92
C ASP B 58 26.00 -18.33 -40.80
N GLN B 59 26.17 -19.61 -41.10
CA GLN B 59 26.06 -20.67 -40.10
C GLN B 59 27.22 -21.64 -40.25
N GLU B 60 27.56 -22.30 -39.15
CA GLU B 60 28.63 -23.30 -39.11
C GLU B 60 29.96 -22.72 -39.58
N GLY B 61 30.22 -21.46 -39.24
CA GLY B 61 31.50 -20.84 -39.53
C GLY B 61 32.12 -20.16 -38.33
N SER B 62 33.28 -20.65 -37.88
CA SER B 62 33.98 -20.09 -36.73
C SER B 62 35.46 -19.89 -36.94
N LYS B 63 36.09 -20.58 -37.90
CA LYS B 63 37.51 -20.45 -38.16
C LYS B 63 37.75 -19.98 -39.59
N GLN B 64 38.84 -19.24 -39.79
CA GLN B 64 39.11 -18.66 -41.10
C GLN B 64 39.41 -19.75 -42.13
N ALA B 65 40.16 -20.77 -41.72
CA ALA B 65 40.42 -21.90 -42.58
C ALA B 65 39.13 -22.62 -42.97
N ASP B 66 38.10 -22.56 -42.12
CA ASP B 66 36.80 -23.07 -42.50
C ASP B 66 36.26 -22.33 -43.72
N ARG B 67 36.44 -21.01 -43.75
CA ARG B 67 36.08 -20.25 -44.94
C ARG B 67 36.93 -20.65 -46.14
N MET B 68 38.25 -20.84 -45.94
CA MET B 68 39.07 -21.35 -47.04
C MET B 68 38.48 -22.63 -47.62
N ALA B 69 38.21 -23.61 -46.76
CA ALA B 69 37.71 -24.90 -47.23
C ALA B 69 36.35 -24.76 -47.92
N LYS B 70 35.43 -24.03 -47.29
CA LYS B 70 34.08 -23.94 -47.84
C LYS B 70 34.07 -23.22 -49.19
N TYR B 71 34.82 -22.12 -49.31
CA TYR B 71 34.79 -21.38 -50.56
C TYR B 71 35.61 -22.05 -51.65
N LEU B 72 36.67 -22.78 -51.30
CA LEU B 72 37.30 -23.64 -52.29
C LEU B 72 36.33 -24.70 -52.78
N HIS B 73 35.55 -25.27 -51.86
CA HIS B 73 34.54 -26.25 -52.24
C HIS B 73 33.52 -25.66 -53.21
N ILE B 74 33.04 -24.45 -52.91
CA ILE B 74 32.01 -23.86 -53.80
C ILE B 74 32.62 -23.48 -55.15
N ARG B 75 33.86 -22.99 -55.16
CA ARG B 75 34.48 -22.68 -56.45
C ARG B 75 34.65 -23.95 -57.28
N ASP B 76 34.99 -25.06 -56.62
CA ASP B 76 35.02 -26.34 -57.32
C ASP B 76 33.62 -26.73 -57.82
N LYS B 77 32.59 -26.43 -57.02
CA LYS B 77 31.23 -26.75 -57.41
C LYS B 77 30.85 -26.07 -58.71
N ILE B 78 31.03 -24.76 -58.79
CA ILE B 78 30.78 -24.06 -60.05
C ILE B 78 31.76 -24.51 -61.14
N LEU B 79 32.94 -25.02 -60.76
CA LEU B 79 33.80 -25.62 -61.77
C LEU B 79 33.12 -26.80 -62.46
N GLN B 80 32.61 -27.76 -61.68
CA GLN B 80 31.91 -28.84 -62.40
C GLN B 80 30.59 -28.35 -62.99
N LEU B 81 30.04 -27.25 -62.51
CA LEU B 81 28.88 -26.66 -63.17
C LEU B 81 29.21 -26.23 -64.60
N ASN B 82 30.31 -25.51 -64.78
CA ASN B 82 30.69 -25.11 -66.12
C ASN B 82 31.11 -26.32 -66.96
N ASP B 83 31.75 -27.31 -66.34
CA ASP B 83 32.07 -28.54 -67.05
C ASP B 83 30.82 -29.25 -67.54
N ARG B 84 29.80 -29.34 -66.68
CA ARG B 84 28.54 -29.98 -67.05
C ARG B 84 27.81 -29.18 -68.11
N PHE B 85 27.90 -27.84 -68.05
CA PHE B 85 27.33 -27.03 -69.12
C PHE B 85 27.99 -27.34 -70.45
N GLN B 86 29.32 -27.48 -70.45
CA GLN B 86 30.01 -27.84 -71.69
C GLN B 86 29.60 -29.23 -72.16
N THR B 87 29.46 -30.19 -71.24
CA THR B 87 29.07 -31.53 -71.64
C THR B 87 27.67 -31.56 -72.23
N LEU B 88 26.72 -30.84 -71.62
CA LEU B 88 25.37 -30.80 -72.17
C LEU B 88 25.33 -30.05 -73.49
N SER B 89 26.18 -29.03 -73.65
CA SER B 89 26.29 -28.37 -74.95
C SER B 89 26.78 -29.34 -76.01
N SER B 90 27.77 -30.17 -75.67
CA SER B 90 28.24 -31.19 -76.60
C SER B 90 27.14 -32.20 -76.91
N HIS B 91 26.36 -32.59 -75.88
CA HIS B 91 25.27 -33.53 -76.10
C HIS B 91 24.22 -32.95 -77.04
N LEU B 92 23.86 -31.68 -76.86
CA LEU B 92 22.82 -31.10 -77.70
C LEU B 92 23.32 -30.84 -79.12
N GLU B 93 24.60 -30.47 -79.28
CA GLU B 93 25.13 -30.27 -80.63
C GLU B 93 25.31 -31.61 -81.34
N ALA B 94 25.53 -32.69 -80.59
CA ALA B 94 25.55 -34.01 -81.20
C ALA B 94 24.19 -34.37 -81.78
N LEU B 95 23.11 -34.02 -81.08
CA LEU B 95 21.76 -34.24 -81.56
C LEU B 95 21.27 -33.07 -82.42
N GLN B 96 22.06 -32.03 -82.62
CA GLN B 96 21.66 -30.92 -83.46
C GLN B 96 21.35 -31.33 -84.90
N PRO B 97 22.19 -32.15 -85.57
CA PRO B 97 21.78 -32.60 -86.92
C PRO B 97 20.49 -33.39 -86.94
N LEU B 98 20.23 -34.19 -85.90
CA LEU B 98 18.97 -34.92 -85.83
C LEU B 98 17.80 -33.97 -85.68
N PHE B 99 17.93 -32.96 -84.82
CA PHE B 99 16.86 -32.00 -84.63
C PHE B 99 16.69 -31.07 -85.83
N SER B 100 17.71 -30.95 -86.68
CA SER B 100 17.64 -30.04 -87.82
C SER B 100 16.57 -30.45 -88.82
N THR B 101 16.17 -31.71 -88.84
CA THR B 101 15.11 -32.16 -89.75
C THR B 101 13.73 -31.70 -89.31
N VAL B 102 13.53 -31.44 -88.01
CA VAL B 102 12.20 -31.05 -87.53
C VAL B 102 11.73 -29.74 -88.15
N PRO B 103 12.52 -28.66 -88.19
CA PRO B 103 12.02 -27.43 -88.85
C PRO B 103 11.67 -27.64 -90.32
N GLU B 104 12.48 -28.42 -91.04
CA GLU B 104 12.18 -28.67 -92.45
C GLU B 104 10.89 -29.47 -92.60
N TYR B 105 10.69 -30.49 -91.78
CA TYR B 105 9.47 -31.28 -91.84
C TYR B 105 8.26 -30.41 -91.51
N LEU B 106 8.37 -29.56 -90.48
CA LEU B 106 7.25 -28.70 -90.11
C LEU B 106 6.93 -27.70 -91.21
N LYS B 107 7.95 -27.08 -91.81
CA LYS B 107 7.69 -26.09 -92.85
C LYS B 107 7.17 -26.72 -94.12
N THR B 108 7.60 -27.95 -94.44
CA THR B 108 7.05 -28.63 -95.60
C THR B 108 5.62 -29.07 -95.35
N ALA B 109 5.30 -29.51 -94.12
CA ALA B 109 3.94 -29.89 -93.78
C ALA B 109 3.01 -28.69 -93.61
N ASP B 110 3.56 -27.48 -93.53
CA ASP B 110 2.74 -26.28 -93.38
C ASP B 110 2.00 -25.96 -94.68
N ASP C 287 8.38 -21.68 51.18
CA ASP C 287 7.14 -21.93 51.90
C ASP C 287 6.91 -20.87 52.96
N MET C 288 7.89 -20.70 53.87
CA MET C 288 7.84 -19.60 54.81
C MET C 288 7.91 -18.25 54.10
N LYS C 289 8.75 -18.14 53.07
CA LYS C 289 8.81 -16.90 52.30
C LYS C 289 7.49 -16.62 51.60
N LEU C 290 6.88 -17.66 51.02
CA LEU C 290 5.55 -17.51 50.41
C LEU C 290 4.54 -17.04 51.45
N LEU C 291 4.56 -17.65 52.63
CA LEU C 291 3.63 -17.27 53.69
C LEU C 291 3.81 -15.82 54.10
N ARG C 292 5.06 -15.38 54.27
CA ARG C 292 5.29 -14.02 54.74
C ARG C 292 4.93 -12.99 53.67
N TYR C 293 5.25 -13.27 52.40
CA TYR C 293 4.86 -12.35 51.33
C TYR C 293 3.34 -12.25 51.23
N TYR C 294 2.66 -13.39 51.25
CA TYR C 294 1.21 -13.38 51.16
C TYR C 294 0.59 -12.64 52.33
N LYS C 295 1.11 -12.86 53.54
CA LYS C 295 0.53 -12.21 54.70
C LYS C 295 0.79 -10.71 54.69
N ASN C 296 1.98 -10.28 54.29
CA ASN C 296 2.24 -8.83 54.26
C ASN C 296 1.35 -8.14 53.23
N ILE C 297 1.21 -8.73 52.03
CA ILE C 297 0.34 -8.09 51.05
C ILE C 297 -1.11 -8.14 51.49
N TRP C 298 -1.52 -9.22 52.18
CA TRP C 298 -2.89 -9.34 52.65
C TRP C 298 -3.22 -8.28 53.71
N LEU C 299 -2.32 -8.11 54.69
CA LEU C 299 -2.52 -7.05 55.68
C LEU C 299 -2.52 -5.68 55.03
N ASN C 300 -1.61 -5.42 54.09
CA ASN C 300 -1.60 -4.11 53.44
C ASN C 300 -2.92 -3.84 52.73
N ASN C 301 -3.40 -4.81 51.96
CA ASN C 301 -4.66 -4.63 51.23
C ASN C 301 -5.83 -4.43 52.19
N LYS C 302 -5.90 -5.24 53.26
CA LYS C 302 -7.02 -5.13 54.18
C LYS C 302 -7.00 -3.81 54.95
N ILE C 303 -5.81 -3.30 55.28
CA ILE C 303 -5.72 -1.99 55.93
C ILE C 303 -6.17 -0.90 54.97
N ILE C 304 -5.79 -1.00 53.69
CA ILE C 304 -6.24 0.01 52.73
C ILE C 304 -7.75 -0.04 52.55
N ASN C 305 -8.34 -1.24 52.58
CA ASN C 305 -9.74 -1.43 52.23
C ASN C 305 -10.70 -1.12 53.38
N TRP C 306 -10.20 -0.55 54.48
CA TRP C 306 -11.05 -0.10 55.60
C TRP C 306 -11.85 -1.24 56.23
N GLU C 307 -11.31 -2.47 56.19
CA GLU C 307 -12.02 -3.63 56.71
C GLU C 307 -11.57 -4.03 58.10
N ILE C 308 -10.84 -3.16 58.82
CA ILE C 308 -10.39 -3.52 60.16
C ILE C 308 -11.57 -3.70 61.09
N SER C 309 -12.60 -2.85 60.96
CA SER C 309 -13.77 -2.93 61.82
C SER C 309 -14.57 -4.20 61.59
N ASN C 310 -14.32 -4.94 60.52
CA ASN C 310 -15.00 -6.20 60.28
C ASN C 310 -14.66 -7.20 61.37
N PRO C 311 -15.65 -7.78 62.05
CA PRO C 311 -15.35 -8.80 63.07
C PRO C 311 -14.81 -10.10 62.50
N ASP C 312 -14.61 -10.20 61.18
CA ASP C 312 -14.05 -11.37 60.55
C ASP C 312 -12.55 -11.25 60.32
N PHE C 313 -11.92 -10.22 60.87
CA PHE C 313 -10.48 -10.02 60.68
C PHE C 313 -9.68 -11.20 61.21
N LEU C 314 -9.98 -11.62 62.45
CA LEU C 314 -9.24 -12.71 63.06
C LEU C 314 -9.50 -14.03 62.34
N SER C 315 -10.75 -14.25 61.89
CA SER C 315 -11.07 -15.50 61.20
C SER C 315 -10.30 -15.61 59.89
N LYS C 316 -10.29 -14.54 59.10
CA LYS C 316 -9.54 -14.54 57.85
C LYS C 316 -8.03 -14.66 58.11
N TYR C 317 -7.54 -13.98 59.13
CA TYR C 317 -6.12 -14.06 59.46
C TYR C 317 -5.73 -15.48 59.84
N SER C 318 -6.60 -16.17 60.59
CA SER C 318 -6.32 -17.56 60.96
C SER C 318 -6.42 -18.49 59.76
N ALA C 319 -7.39 -18.25 58.87
CA ALA C 319 -7.59 -19.10 57.70
C ALA C 319 -6.58 -18.81 56.59
N ILE C 320 -5.78 -17.76 56.72
CA ILE C 320 -4.74 -17.48 55.73
C ILE C 320 -3.82 -18.70 55.58
N THR C 321 -3.38 -19.27 56.70
CA THR C 321 -2.45 -20.38 56.65
C THR C 321 -3.04 -21.59 55.94
N SER C 322 -4.32 -21.89 56.21
CA SER C 322 -4.96 -23.02 55.56
C SER C 322 -5.25 -22.76 54.09
N SER C 323 -5.54 -21.50 53.73
CA SER C 323 -5.85 -21.20 52.33
C SER C 323 -4.60 -21.18 51.47
N ILE C 324 -3.48 -20.72 52.02
CA ILE C 324 -2.24 -20.65 51.24
C ILE C 324 -1.79 -22.06 50.83
N PHE C 325 -1.80 -22.99 51.77
CA PHE C 325 -1.36 -24.35 51.50
C PHE C 325 -2.55 -25.17 51.02
N GLN C 326 -2.46 -25.67 49.79
CA GLN C 326 -3.55 -26.46 49.21
C GLN C 326 -3.79 -27.73 50.00
N GLU C 327 -2.72 -28.39 50.44
CA GLU C 327 -2.85 -29.58 51.26
C GLU C 327 -3.44 -29.23 52.62
N SER C 328 -4.15 -30.19 53.21
CA SER C 328 -4.78 -29.97 54.51
C SER C 328 -3.74 -29.68 55.58
N PHE C 329 -4.00 -28.65 56.37
CA PHE C 329 -3.11 -28.23 57.46
C PHE C 329 -3.98 -28.09 58.71
N ASN C 330 -4.16 -29.18 59.43
CA ASN C 330 -5.05 -29.22 60.60
C ASN C 330 -4.22 -29.11 61.88
N SER C 331 -3.82 -27.87 62.18
CA SER C 331 -3.09 -27.56 63.40
C SER C 331 -3.94 -26.66 64.27
N VAL C 332 -4.00 -26.97 65.56
CA VAL C 332 -4.76 -26.16 66.53
C VAL C 332 -3.86 -25.01 66.97
N GLN C 333 -4.03 -23.86 66.34
CA GLN C 333 -3.25 -22.67 66.68
C GLN C 333 -3.89 -21.96 67.86
N ASN C 334 -3.17 -21.85 68.97
CA ASN C 334 -3.72 -21.24 70.17
C ASN C 334 -3.79 -19.72 70.01
N LEU C 335 -4.57 -19.10 70.90
CA LEU C 335 -4.83 -17.66 70.80
C LEU C 335 -3.55 -16.86 70.92
N ASP C 336 -2.66 -17.25 71.84
CA ASP C 336 -1.39 -16.55 71.98
C ASP C 336 -0.58 -16.62 70.69
N GLN C 337 -0.63 -17.76 69.99
CA GLN C 337 0.07 -17.88 68.73
C GLN C 337 -0.50 -16.91 67.70
N LEU C 338 -1.84 -16.80 67.62
CA LEU C 338 -2.45 -15.85 66.69
C LEU C 338 -2.04 -14.42 66.99
N LEU C 339 -2.10 -14.03 68.27
CA LEU C 339 -1.77 -12.65 68.59
C LEU C 339 -0.29 -12.38 68.36
N THR C 340 0.58 -13.35 68.66
CA THR C 340 2.00 -13.19 68.37
C THR C 340 2.25 -13.01 66.88
N ASP C 341 1.62 -13.86 66.06
CA ASP C 341 1.77 -13.76 64.62
C ASP C 341 1.30 -12.41 64.12
N LEU C 342 0.17 -11.93 64.64
CA LEU C 342 -0.31 -10.60 64.27
C LEU C 342 0.72 -9.54 64.67
N ILE C 343 1.32 -9.69 65.85
CA ILE C 343 2.26 -8.67 66.33
C ILE C 343 3.47 -8.59 65.42
N GLU C 344 4.12 -9.73 65.15
CA GLU C 344 5.31 -9.63 64.30
C GLU C 344 4.96 -9.30 62.86
N THR C 345 3.81 -9.74 62.36
CA THR C 345 3.41 -9.38 61.01
C THR C 345 3.22 -7.87 60.90
N SER C 346 2.52 -7.27 61.86
CA SER C 346 2.31 -5.83 61.84
C SER C 346 3.62 -5.07 61.96
N PHE C 347 4.50 -5.50 62.88
CA PHE C 347 5.76 -4.79 63.07
C PHE C 347 6.65 -4.89 61.84
N THR C 348 6.74 -6.07 61.23
CA THR C 348 7.55 -6.22 60.02
C THR C 348 6.95 -5.46 58.85
N CYS C 349 5.62 -5.45 58.74
CA CYS C 349 4.98 -4.68 57.67
C CYS C 349 5.26 -3.19 57.81
N PHE C 350 5.16 -2.67 59.04
CA PHE C 350 5.50 -1.27 59.27
C PHE C 350 6.98 -1.01 59.00
N ALA C 351 7.83 -1.97 59.37
CA ALA C 351 9.27 -1.84 59.10
C ALA C 351 9.53 -1.69 57.60
N GLN C 352 8.94 -2.57 56.80
CA GLN C 352 9.12 -2.47 55.35
C GLN C 352 8.51 -1.18 54.80
N PHE C 353 7.34 -0.79 55.33
CA PHE C 353 6.67 0.41 54.85
C PHE C 353 7.53 1.65 55.09
N VAL C 354 8.20 1.73 56.24
CA VAL C 354 8.99 2.91 56.55
C VAL C 354 10.38 2.82 55.94
N SER C 355 10.89 1.61 55.72
CA SER C 355 12.24 1.43 55.18
C SER C 355 12.27 1.35 53.66
N ASN C 356 11.11 1.36 53.00
CA ASN C 356 11.07 1.48 51.55
C ASN C 356 10.92 2.91 51.06
N LYS C 357 10.79 3.88 51.97
CA LYS C 357 10.47 5.24 51.58
C LYS C 357 11.66 6.02 51.05
N GLN C 358 12.88 5.64 51.43
CA GLN C 358 14.05 6.39 50.98
C GLN C 358 14.31 6.23 49.48
N TYR C 359 13.88 5.09 48.91
CA TYR C 359 14.06 4.88 47.47
C TYR C 359 13.02 5.64 46.65
N HIS C 360 11.91 6.05 47.26
CA HIS C 360 10.93 6.87 46.57
C HIS C 360 11.51 8.25 46.25
N GLN C 361 10.85 8.96 45.34
CA GLN C 361 11.19 10.36 45.13
C GLN C 361 10.97 11.14 46.42
N ALA C 362 11.86 12.10 46.69
CA ALA C 362 11.80 12.83 47.95
C ALA C 362 10.52 13.63 48.09
N ASN C 363 9.80 13.89 47.01
CA ASN C 363 8.57 14.67 47.06
C ASN C 363 7.34 13.91 46.58
N SER C 364 7.48 12.63 46.22
CA SER C 364 6.32 11.80 45.87
C SER C 364 5.59 11.42 47.16
N ASN C 365 4.89 12.42 47.71
CA ASN C 365 4.40 12.37 49.08
C ASN C 365 3.00 11.76 49.10
N LEU C 366 2.86 10.62 49.76
CA LEU C 366 1.56 10.01 50.04
C LEU C 366 1.59 9.50 51.48
N THR C 367 0.79 10.12 52.35
CA THR C 367 0.83 9.84 53.78
C THR C 367 -0.49 9.33 54.35
N LEU C 368 -1.52 9.12 53.52
CA LEU C 368 -2.76 8.58 54.04
C LEU C 368 -2.55 7.19 54.61
N LEU C 369 -1.79 6.35 53.90
CA LEU C 369 -1.54 5.00 54.38
C LEU C 369 -0.61 5.01 55.59
N GLU C 370 0.32 5.96 55.67
CA GLU C 370 1.19 6.04 56.84
C GLU C 370 0.38 6.34 58.10
N ARG C 371 -0.48 7.37 58.04
CA ARG C 371 -1.38 7.65 59.14
C ARG C 371 -2.31 6.48 59.42
N LYS C 372 -2.69 5.75 58.37
CA LYS C 372 -3.58 4.61 58.54
C LYS C 372 -2.89 3.48 59.31
N TRP C 373 -1.63 3.19 58.97
CA TRP C 373 -0.84 2.25 59.75
C TRP C 373 -0.71 2.70 61.20
N VAL C 374 -0.40 3.97 61.41
CA VAL C 374 -0.22 4.47 62.78
C VAL C 374 -1.51 4.30 63.57
N ILE C 375 -2.64 4.67 62.97
CA ILE C 375 -3.93 4.58 63.67
C ILE C 375 -4.25 3.13 63.97
N PHE C 376 -4.06 2.23 63.00
CA PHE C 376 -4.35 0.82 63.23
C PHE C 376 -3.50 0.27 64.36
N ILE C 377 -2.18 0.45 64.27
CA ILE C 377 -1.27 -0.16 65.23
C ILE C 377 -1.47 0.42 66.63
N THR C 378 -1.85 1.69 66.74
CA THR C 378 -2.02 2.30 68.05
C THR C 378 -3.43 2.13 68.61
N LYS C 379 -4.41 1.77 67.79
CA LYS C 379 -5.80 1.78 68.23
C LYS C 379 -6.43 0.41 68.21
N HIS C 380 -6.35 -0.31 67.08
CA HIS C 380 -7.09 -1.56 66.94
C HIS C 380 -6.36 -2.73 67.60
N LEU C 381 -5.06 -2.86 67.33
CA LEU C 381 -4.30 -3.95 67.92
C LEU C 381 -4.39 -3.98 69.44
N PRO C 382 -4.33 -2.85 70.18
CA PRO C 382 -4.63 -2.92 71.62
C PRO C 382 -6.00 -3.50 71.92
N LEU C 383 -7.03 -3.15 71.13
CA LEU C 383 -8.35 -3.73 71.35
C LEU C 383 -8.38 -5.20 70.96
N LEU C 384 -7.66 -5.54 69.88
CA LEU C 384 -7.55 -6.94 69.48
C LEU C 384 -6.99 -7.78 70.61
N ILE C 385 -5.95 -7.27 71.28
CA ILE C 385 -5.43 -7.96 72.45
C ILE C 385 -6.44 -7.94 73.59
N LEU C 386 -7.12 -6.81 73.79
CA LEU C 386 -7.99 -6.64 74.94
C LEU C 386 -9.13 -7.67 74.96
N GLU C 387 -9.88 -7.78 73.87
CA GLU C 387 -10.91 -8.79 73.80
C GLU C 387 -10.56 -9.96 72.87
N ASN C 388 -9.26 -10.27 72.70
CA ASN C 388 -8.88 -11.50 72.04
C ASN C 388 -7.81 -12.27 72.82
N SER C 389 -7.06 -11.59 73.69
CA SER C 389 -6.00 -12.26 74.42
C SER C 389 -6.48 -12.77 75.78
N SER C 390 -5.60 -13.50 76.44
CA SER C 390 -5.82 -14.01 77.79
C SER C 390 -5.05 -13.24 78.86
N ARG C 391 -4.54 -12.05 78.51
CA ARG C 391 -3.81 -11.19 79.45
C ARG C 391 -2.55 -11.89 79.97
N SER C 392 -1.73 -12.40 79.06
CA SER C 392 -0.48 -13.04 79.43
C SER C 392 0.67 -12.07 79.20
N PRO C 393 1.32 -11.56 80.25
CA PRO C 393 2.47 -10.66 80.03
C PRO C 393 3.63 -11.32 79.30
N ARG C 394 3.80 -12.64 79.47
CA ARG C 394 4.94 -13.32 78.85
C ARG C 394 4.89 -13.25 77.33
N VAL C 395 3.71 -13.43 76.75
CA VAL C 395 3.60 -13.51 75.30
C VAL C 395 3.94 -12.18 74.65
N VAL C 396 3.58 -11.07 75.31
CA VAL C 396 3.94 -9.75 74.78
C VAL C 396 5.45 -9.57 74.81
N THR C 397 6.09 -9.99 75.89
CA THR C 397 7.55 -9.88 75.99
C THR C 397 8.22 -10.71 74.90
N ASN C 398 7.73 -11.93 74.67
CA ASN C 398 8.30 -12.76 73.61
C ASN C 398 8.09 -12.13 72.25
N ALA C 399 6.91 -11.55 72.01
CA ALA C 399 6.62 -10.96 70.71
C ALA C 399 7.49 -9.75 70.44
N LEU C 400 7.68 -8.89 71.44
CA LEU C 400 8.48 -7.68 71.25
C LEU C 400 9.98 -7.90 71.47
N ASP C 401 10.38 -9.09 71.92
CA ASP C 401 11.80 -9.42 72.02
C ASP C 401 12.32 -10.20 70.82
N ASN C 402 11.43 -10.79 70.02
CA ASN C 402 11.83 -11.61 68.87
C ASN C 402 12.08 -10.77 67.63
N ILE C 403 11.86 -9.46 67.69
CA ILE C 403 12.05 -8.62 66.51
C ILE C 403 13.54 -8.44 66.23
N ASP C 404 13.87 -8.25 64.96
CA ASP C 404 15.24 -7.93 64.58
C ASP C 404 15.56 -6.48 64.95
N GLU C 405 16.85 -6.21 65.09
CA GLU C 405 17.30 -4.85 65.38
C GLU C 405 17.35 -3.96 64.14
N LYS C 406 17.13 -4.53 62.95
CA LYS C 406 17.15 -3.74 61.73
C LYS C 406 16.03 -2.72 61.72
N VAL C 407 14.84 -3.10 62.20
CA VAL C 407 13.73 -2.15 62.26
C VAL C 407 14.06 -0.98 63.17
N VAL C 408 14.65 -1.26 64.34
CA VAL C 408 14.99 -0.19 65.27
C VAL C 408 16.05 0.71 64.67
N LYS C 409 17.07 0.12 64.03
CA LYS C 409 18.12 0.91 63.42
C LYS C 409 17.57 1.81 62.31
N ALA C 410 16.70 1.26 61.47
CA ALA C 410 16.13 2.05 60.37
C ALA C 410 15.25 3.18 60.91
N ILE C 411 14.43 2.90 61.92
CA ILE C 411 13.55 3.93 62.48
C ILE C 411 14.38 5.04 63.10
N ARG C 412 15.40 4.67 63.87
CA ARG C 412 16.25 5.67 64.51
C ARG C 412 17.01 6.50 63.47
N ILE C 413 17.51 5.84 62.42
CA ILE C 413 18.23 6.56 61.36
C ILE C 413 17.32 7.55 60.67
N TYR C 414 16.08 7.12 60.35
CA TYR C 414 15.15 8.01 59.67
C TYR C 414 14.77 9.20 60.55
N PHE C 415 14.51 8.94 61.84
CA PHE C 415 14.19 10.05 62.75
C PHE C 415 15.36 11.01 62.89
N THR C 416 16.58 10.49 62.99
CA THR C 416 17.75 11.36 63.09
C THR C 416 17.94 12.19 61.83
N GLU C 417 17.74 11.58 60.66
CA GLU C 417 17.84 12.32 59.40
C GLU C 417 16.78 13.41 59.31
N LYS C 418 15.55 13.10 59.74
CA LYS C 418 14.50 14.11 59.72
C LYS C 418 14.81 15.26 60.66
N ASP C 419 15.33 14.95 61.85
CA ASP C 419 15.71 15.98 62.81
C ASP C 419 17.05 16.60 62.43
N PRO C 433 19.53 13.97 73.47
CA PRO C 433 18.87 14.45 72.25
C PRO C 433 17.40 14.75 72.46
N SER C 434 16.75 15.30 71.43
CA SER C 434 15.31 15.54 71.51
C SER C 434 14.56 14.22 71.65
N THR C 435 13.46 14.26 72.39
CA THR C 435 12.68 13.05 72.67
C THR C 435 12.19 12.42 71.36
N SER C 436 12.70 11.24 71.05
CA SER C 436 12.35 10.51 69.83
C SER C 436 11.74 9.18 70.25
N LEU C 437 10.42 9.17 70.45
CA LEU C 437 9.72 7.96 70.83
C LEU C 437 9.36 7.14 69.60
N ASP C 438 9.36 5.83 69.75
CA ASP C 438 9.00 4.91 68.68
C ASP C 438 7.57 4.42 68.88
N ILE C 439 7.08 3.67 67.88
CA ILE C 439 5.73 3.16 67.93
C ILE C 439 5.57 2.07 69.00
N ARG C 440 6.68 1.49 69.47
CA ARG C 440 6.60 0.47 70.49
C ARG C 440 6.19 1.06 71.83
N HIS C 441 6.64 2.28 72.14
CA HIS C 441 6.26 2.92 73.39
C HIS C 441 4.76 3.17 73.45
N ASP C 442 4.18 3.66 72.35
CA ASP C 442 2.74 3.92 72.31
C ASP C 442 1.94 2.62 72.42
N PHE C 443 2.46 1.53 71.89
CA PHE C 443 1.78 0.25 71.99
C PHE C 443 1.63 -0.17 73.46
N ILE C 444 2.72 -0.11 74.22
CA ILE C 444 2.69 -0.56 75.61
C ILE C 444 1.83 0.39 76.46
N LYS C 445 1.88 1.69 76.16
CA LYS C 445 1.13 2.66 76.95
C LYS C 445 -0.37 2.37 76.89
N GLY C 446 -0.89 2.06 75.69
CA GLY C 446 -2.30 1.75 75.57
C GLY C 446 -2.70 0.52 76.36
N LEU C 447 -1.82 -0.49 76.40
CA LEU C 447 -2.11 -1.70 77.16
C LEU C 447 -2.18 -1.42 78.66
N ILE C 448 -1.39 -0.45 79.14
CA ILE C 448 -1.42 -0.10 80.55
C ILE C 448 -2.78 0.47 80.95
N MET C 449 -3.34 1.33 80.10
CA MET C 449 -4.62 1.96 80.40
C MET C 449 -5.75 0.93 80.47
N LEU C 450 -5.61 -0.18 79.76
CA LEU C 450 -6.64 -1.23 79.73
C LEU C 450 -6.44 -2.27 80.83
N ASN C 451 -5.52 -2.04 81.76
CA ASN C 451 -5.22 -2.99 82.84
C ASN C 451 -4.68 -4.31 82.30
N LEU C 452 -4.10 -4.28 81.10
CA LEU C 452 -3.53 -5.50 80.53
C LEU C 452 -2.24 -5.89 81.23
N GLN C 453 -1.35 -4.94 81.48
CA GLN C 453 -0.06 -5.20 82.09
C GLN C 453 0.17 -4.24 83.24
N PRO C 454 0.91 -4.66 84.27
CA PRO C 454 1.27 -3.75 85.36
C PRO C 454 2.30 -2.72 84.90
N ALA C 455 2.46 -1.68 85.73
CA ALA C 455 3.38 -0.60 85.41
C ALA C 455 4.84 -1.04 85.43
N SER C 456 5.15 -2.23 85.96
CA SER C 456 6.52 -2.71 85.99
C SER C 456 6.98 -3.30 84.66
N VAL C 457 6.08 -3.41 83.67
CA VAL C 457 6.44 -4.02 82.41
C VAL C 457 7.06 -3.02 81.43
N ILE C 458 6.63 -1.76 81.49
CA ILE C 458 7.19 -0.74 80.59
C ILE C 458 8.68 -0.54 80.86
N ASN C 459 9.10 -0.63 82.13
CA ASN C 459 10.51 -0.47 82.45
C ASN C 459 11.37 -1.58 81.88
N ASN C 460 10.78 -2.74 81.57
CA ASN C 460 11.56 -3.84 81.00
C ASN C 460 12.08 -3.50 79.62
N TYR C 461 11.26 -2.87 78.79
CA TYR C 461 11.63 -2.55 77.42
C TYR C 461 12.25 -1.16 77.27
N LEU C 462 12.26 -0.35 78.32
CA LEU C 462 12.89 0.96 78.24
C LEU C 462 14.40 0.82 78.13
N ARG C 463 15.04 1.88 77.64
CA ARG C 463 16.48 1.91 77.57
C ARG C 463 17.09 1.79 78.97
N GLU C 464 18.24 1.11 79.04
CA GLU C 464 18.81 0.77 80.33
C GLU C 464 19.19 2.00 81.16
N ASP C 465 19.29 3.17 80.53
CA ASP C 465 19.65 4.38 81.26
C ASP C 465 18.46 5.25 81.63
N GLN C 466 17.33 5.12 80.94
CA GLN C 466 16.16 5.96 81.19
C GLN C 466 14.96 5.11 81.55
N MET C 467 14.32 5.44 82.66
CA MET C 467 13.07 4.83 83.09
C MET C 467 11.92 5.80 82.86
N ILE C 468 10.71 5.32 83.17
CA ILE C 468 9.50 6.14 83.12
C ILE C 468 8.78 6.00 84.46
N ASP C 469 8.44 7.13 85.06
CA ASP C 469 7.72 7.11 86.33
C ASP C 469 6.36 6.46 86.16
N THR C 470 6.02 5.54 87.07
CA THR C 470 4.77 4.81 86.97
C THR C 470 3.56 5.68 87.27
N SER C 471 3.70 6.60 88.24
CA SER C 471 2.56 7.42 88.65
C SER C 471 2.15 8.38 87.54
N ILE C 472 3.11 8.90 86.78
CA ILE C 472 2.78 9.88 85.75
C ILE C 472 1.96 9.25 84.63
N LEU C 473 2.26 8.00 84.29
CA LEU C 473 1.54 7.33 83.21
C LEU C 473 0.07 7.13 83.60
N PRO C 474 -0.88 7.54 82.76
CA PRO C 474 -2.29 7.27 83.06
C PRO C 474 -2.57 5.78 83.13
N THR C 475 -3.46 5.40 84.05
CA THR C 475 -3.80 4.00 84.26
C THR C 475 -5.29 3.70 84.16
N ARG C 476 -6.15 4.71 84.12
CA ARG C 476 -7.59 4.52 84.05
C ARG C 476 -8.12 4.98 82.70
N ASP C 477 -9.18 4.31 82.23
CA ASP C 477 -9.77 4.59 80.93
C ASP C 477 -10.98 5.52 81.04
N ASP C 478 -10.99 6.42 82.03
CA ASP C 478 -12.07 7.37 82.18
C ASP C 478 -11.71 8.69 81.49
N LEU C 479 -12.71 9.33 80.91
CA LEU C 479 -12.49 10.57 80.18
C LEU C 479 -12.24 11.72 81.14
N PHE C 480 -11.17 12.49 80.88
CA PHE C 480 -10.81 13.64 81.70
C PHE C 480 -10.67 14.85 80.78
N VAL C 481 -11.36 15.94 81.13
CA VAL C 481 -11.36 17.15 80.33
C VAL C 481 -11.04 18.33 81.25
N ARG C 482 -10.27 19.28 80.71
CA ARG C 482 -9.94 20.49 81.45
C ARG C 482 -11.10 21.47 81.37
N ASN C 483 -11.69 21.79 82.53
CA ASN C 483 -12.85 22.68 82.57
C ASN C 483 -12.40 24.13 82.46
N LEU C 484 -13.35 25.06 82.67
CA LEU C 484 -13.00 26.48 82.60
C LEU C 484 -12.10 26.89 83.76
N GLN C 485 -12.19 26.20 84.89
CA GLN C 485 -11.40 26.54 86.07
C GLN C 485 -10.12 25.72 86.19
N GLY C 486 -9.81 24.87 85.20
CA GLY C 486 -8.58 24.13 85.18
C GLY C 486 -8.61 22.77 85.88
N ILE C 487 -9.75 22.35 86.38
CA ILE C 487 -9.87 21.05 87.04
C ILE C 487 -10.23 20.00 86.01
N GLN C 488 -9.51 18.88 86.03
CA GLN C 488 -9.77 17.78 85.11
C GLN C 488 -11.08 17.11 85.50
N GLU C 489 -12.14 17.43 84.77
CA GLU C 489 -13.46 16.89 85.06
C GLU C 489 -13.65 15.55 84.38
N VAL C 490 -14.41 14.68 85.04
CA VAL C 490 -14.63 13.32 84.56
C VAL C 490 -15.90 13.30 83.71
N VAL C 491 -15.76 12.93 82.44
CA VAL C 491 -16.90 12.82 81.53
C VAL C 491 -17.44 11.40 81.67
N HIS C 492 -18.37 11.21 82.62
CA HIS C 492 -18.90 9.88 82.87
C HIS C 492 -19.76 9.38 81.72
N ASN C 493 -20.51 10.28 81.07
CA ASN C 493 -21.37 9.91 79.96
C ASN C 493 -20.88 10.63 78.71
N THR C 494 -20.73 9.86 77.61
CA THR C 494 -20.18 10.40 76.38
C THR C 494 -21.24 11.05 75.50
N ASN C 495 -22.35 10.34 75.24
CA ASN C 495 -23.37 10.87 74.34
C ASN C 495 -23.98 12.15 74.88
N SER C 496 -24.27 12.21 76.18
CA SER C 496 -24.82 13.43 76.76
C SER C 496 -23.84 14.59 76.66
N PHE C 497 -22.54 14.30 76.81
CA PHE C 497 -21.54 15.36 76.70
C PHE C 497 -21.51 15.96 75.30
N ILE C 498 -21.63 15.11 74.27
CA ILE C 498 -21.58 15.62 72.90
C ILE C 498 -22.80 16.48 72.60
N ILE C 499 -23.98 16.01 72.94
CA ILE C 499 -25.20 16.74 72.61
C ILE C 499 -25.30 18.03 73.42
N SER C 500 -24.89 17.99 74.69
CA SER C 500 -24.92 19.21 75.50
C SER C 500 -23.94 20.25 74.97
N SER C 501 -22.73 19.83 74.60
CA SER C 501 -21.77 20.75 74.02
C SER C 501 -22.23 21.22 72.64
N LEU C 502 -22.83 20.31 71.86
CA LEU C 502 -23.26 20.66 70.52
C LEU C 502 -24.35 21.73 70.54
N ASP C 503 -25.29 21.63 71.49
CA ASP C 503 -26.36 22.62 71.58
C ASP C 503 -25.80 24.00 71.91
N THR C 504 -24.84 24.07 72.83
CA THR C 504 -24.22 25.33 73.21
C THR C 504 -23.01 25.69 72.36
N LEU C 505 -22.70 24.87 71.35
CA LEU C 505 -21.54 25.15 70.51
C LEU C 505 -21.79 26.39 69.67
N GLU C 506 -20.73 27.16 69.45
CA GLU C 506 -20.78 28.36 68.62
C GLU C 506 -19.97 28.13 67.35
N LEU C 507 -20.59 28.40 66.20
CA LEU C 507 -19.92 28.20 64.93
C LEU C 507 -18.76 29.17 64.73
N GLU C 508 -18.73 30.28 65.48
CA GLU C 508 -17.61 31.22 65.37
C GLU C 508 -16.34 30.66 65.99
N SER C 509 -16.45 29.72 66.93
CA SER C 509 -15.31 29.21 67.67
C SER C 509 -14.53 28.14 66.90
N ILE C 510 -14.74 28.02 65.59
CA ILE C 510 -14.12 26.93 64.83
C ILE C 510 -12.66 27.24 64.53
N THR C 511 -12.41 28.32 63.77
CA THR C 511 -11.05 28.60 63.31
C THR C 511 -10.38 29.75 64.04
N GLU C 512 -11.13 30.70 64.59
CA GLU C 512 -10.52 31.81 65.30
C GLU C 512 -10.00 31.42 66.67
N SER C 513 -10.53 30.36 67.27
CA SER C 513 -10.08 29.90 68.58
C SER C 513 -8.81 29.06 68.41
N ILE C 514 -7.71 29.77 68.12
CA ILE C 514 -6.41 29.12 68.00
C ILE C 514 -5.94 28.61 69.36
N THR C 515 -6.18 29.39 70.41
CA THR C 515 -5.77 29.00 71.75
C THR C 515 -6.57 27.78 72.22
N HIS C 516 -5.92 26.95 73.03
CA HIS C 516 -6.54 25.75 73.55
C HIS C 516 -7.43 26.00 74.75
N ASP C 517 -7.38 27.19 75.35
CA ASP C 517 -8.17 27.49 76.54
C ASP C 517 -9.58 27.96 76.18
N SER C 518 -10.28 27.14 75.40
CA SER C 518 -11.66 27.41 75.04
C SER C 518 -12.60 26.83 76.09
N SER C 519 -13.68 27.56 76.39
CA SER C 519 -14.63 27.09 77.39
C SER C 519 -15.32 25.80 76.97
N ASN C 520 -15.46 25.57 75.66
CA ASN C 520 -16.14 24.39 75.17
C ASN C 520 -15.24 23.16 75.35
N GLY C 521 -15.75 22.14 76.03
CA GLY C 521 -14.97 20.94 76.24
C GLY C 521 -14.76 20.14 74.97
N LEU C 522 -15.79 20.06 74.12
CA LEU C 522 -15.69 19.25 72.91
C LEU C 522 -14.63 19.81 71.95
N PHE C 523 -14.57 21.12 71.81
CA PHE C 523 -13.57 21.72 70.92
C PHE C 523 -12.16 21.46 71.41
N GLN C 524 -11.96 21.36 72.73
CA GLN C 524 -10.66 21.00 73.26
C GLN C 524 -10.26 19.59 72.85
N VAL C 525 -11.24 18.69 72.72
CA VAL C 525 -10.94 17.30 72.39
C VAL C 525 -10.36 17.19 70.98
N LEU C 526 -10.88 17.97 70.04
CA LEU C 526 -10.39 17.90 68.66
C LEU C 526 -8.92 18.27 68.58
N HIS C 527 -8.53 19.35 69.25
CA HIS C 527 -7.13 19.78 69.23
C HIS C 527 -6.25 18.91 70.12
N ASN C 528 -6.84 18.09 71.00
CA ASN C 528 -6.11 17.15 71.83
C ASN C 528 -6.55 15.73 71.53
N PHE C 529 -6.72 15.42 70.24
CA PHE C 529 -7.28 14.14 69.83
C PHE C 529 -6.25 13.01 69.90
N GLU C 530 -4.97 13.34 69.97
CA GLU C 530 -3.92 12.33 69.91
C GLU C 530 -3.75 11.55 71.22
N SER C 531 -4.37 11.99 72.31
CA SER C 531 -4.16 11.36 73.61
C SER C 531 -5.40 10.67 74.16
N VAL C 532 -6.38 10.37 73.31
CA VAL C 532 -7.61 9.73 73.79
C VAL C 532 -7.32 8.27 74.14
N ALA C 533 -8.09 7.76 75.11
CA ALA C 533 -7.92 6.38 75.55
C ALA C 533 -8.29 5.41 74.42
N PRO C 534 -7.71 4.20 74.43
CA PRO C 534 -7.96 3.27 73.32
C PRO C 534 -9.42 2.86 73.16
N THR C 535 -10.03 2.35 74.24
CA THR C 535 -11.39 1.83 74.12
C THR C 535 -12.44 2.93 74.03
N LYS C 536 -12.16 4.11 74.58
CA LYS C 536 -13.17 5.16 74.65
C LYS C 536 -13.44 5.79 73.29
N GLN C 537 -12.42 5.91 72.44
CA GLN C 537 -12.62 6.55 71.15
C GLN C 537 -13.58 5.76 70.26
N ARG C 538 -13.64 4.45 70.43
CA ARG C 538 -14.63 3.66 69.71
C ARG C 538 -16.03 4.08 70.11
N GLU C 539 -16.26 4.32 71.40
CA GLU C 539 -17.55 4.81 71.86
C GLU C 539 -17.85 6.19 71.27
N ILE C 540 -16.85 7.06 71.22
CA ILE C 540 -17.05 8.41 70.68
C ILE C 540 -17.41 8.36 69.20
N VAL C 541 -16.72 7.52 68.43
CA VAL C 541 -17.04 7.38 67.01
C VAL C 541 -18.46 6.81 66.84
N LYS C 542 -18.79 5.78 67.64
CA LYS C 542 -20.14 5.24 67.58
C LYS C 542 -21.17 6.22 68.09
N ALA C 543 -20.79 7.13 68.98
CA ALA C 543 -21.73 8.13 69.46
C ALA C 543 -22.17 9.07 68.34
N PHE C 544 -21.24 9.46 67.46
CA PHE C 544 -21.60 10.31 66.34
C PHE C 544 -22.58 9.61 65.41
N LEU C 545 -22.37 8.32 65.13
CA LEU C 545 -23.19 7.62 64.16
C LEU C 545 -24.65 7.57 64.60
N SER C 546 -24.90 7.15 65.85
CA SER C 546 -26.28 7.07 66.34
C SER C 546 -26.93 8.44 66.39
N ILE C 547 -26.19 9.46 66.82
CA ILE C 547 -26.73 10.81 66.86
C ILE C 547 -27.02 11.32 65.45
N PHE C 548 -26.09 11.07 64.52
CA PHE C 548 -26.24 11.61 63.17
C PHE C 548 -27.41 10.96 62.43
N GLU C 549 -27.59 9.65 62.59
CA GLU C 549 -28.70 8.99 61.92
C GLU C 549 -30.04 9.43 62.49
N ASP C 550 -30.11 9.70 63.80
CA ASP C 550 -31.34 10.18 64.40
C ASP C 550 -31.69 11.58 63.93
N ALA C 551 -30.68 12.43 63.70
CA ALA C 551 -30.94 13.77 63.22
C ALA C 551 -31.55 13.76 61.83
N ILE C 552 -31.19 12.77 61.00
CA ILE C 552 -31.78 12.67 59.68
C ILE C 552 -33.26 12.28 59.78
N LYS C 553 -33.58 11.36 60.68
CA LYS C 553 -34.96 10.91 60.83
C LYS C 553 -35.87 12.04 61.31
N GLU C 554 -35.40 12.82 62.28
CA GLU C 554 -36.22 13.88 62.88
C GLU C 554 -36.14 15.20 62.12
N LEU C 555 -35.24 15.30 61.13
CA LEU C 555 -35.03 16.53 60.38
C LEU C 555 -34.65 17.69 61.30
N ASN C 556 -33.65 17.44 62.15
CA ASN C 556 -33.13 18.45 63.06
C ASN C 556 -31.99 19.17 62.36
N TYR C 557 -32.31 20.33 61.79
CA TYR C 557 -31.34 21.04 60.95
C TYR C 557 -30.23 21.72 61.75
N ASN C 558 -30.47 22.03 63.02
CA ASN C 558 -29.46 22.74 63.80
C ASN C 558 -28.23 21.88 64.05
N ARG C 559 -28.45 20.64 64.52
CA ARG C 559 -27.33 19.78 64.89
C ARG C 559 -26.66 19.13 63.68
N ILE C 560 -27.33 19.07 62.53
CA ILE C 560 -26.72 18.47 61.36
C ILE C 560 -25.62 19.37 60.80
N ALA C 561 -25.90 20.67 60.69
CA ALA C 561 -24.91 21.59 60.15
C ALA C 561 -23.69 21.71 61.04
N LYS C 562 -23.90 21.76 62.36
CA LYS C 562 -22.78 21.90 63.29
C LYS C 562 -21.87 20.68 63.25
N ILE C 563 -22.45 19.49 63.16
CA ILE C 563 -21.64 18.26 63.15
C ILE C 563 -20.72 18.25 61.93
N CYS C 564 -21.25 18.63 60.77
CA CYS C 564 -20.46 18.59 59.55
C CYS C 564 -19.28 19.55 59.60
N ALA C 565 -19.42 20.67 60.31
CA ALA C 565 -18.32 21.63 60.40
C ALA C 565 -17.13 21.05 61.14
N LEU C 566 -17.38 20.28 62.21
CA LEU C 566 -16.28 19.68 62.96
C LEU C 566 -15.52 18.66 62.12
N LEU C 567 -16.26 17.83 61.37
CA LEU C 567 -15.63 16.73 60.64
C LEU C 567 -14.87 17.19 59.41
N PHE C 568 -15.30 18.29 58.79
CA PHE C 568 -14.69 18.71 57.54
C PHE C 568 -13.24 19.16 57.73
N PHE C 569 -13.00 19.97 58.77
CA PHE C 569 -11.70 20.62 58.90
C PHE C 569 -10.59 19.64 59.26
N ASN C 570 -10.94 18.56 59.96
CA ASN C 570 -10.00 17.49 60.30
C ASN C 570 -8.81 18.04 61.11
N PHE C 571 -9.12 18.58 62.28
CA PHE C 571 -8.09 19.04 63.21
C PHE C 571 -7.45 17.84 63.89
N SER C 572 -6.11 17.80 63.87
CA SER C 572 -5.35 16.72 64.50
C SER C 572 -5.78 15.36 63.97
N HIS C 573 -5.99 15.27 62.65
CA HIS C 573 -6.36 14.03 61.98
C HIS C 573 -7.62 13.42 62.59
N SER C 574 -8.64 14.27 62.78
CA SER C 574 -9.89 13.80 63.36
C SER C 574 -10.72 13.01 62.35
N LEU C 575 -10.77 13.48 61.11
CA LEU C 575 -11.60 12.83 60.11
C LEU C 575 -11.03 11.47 59.69
N THR C 576 -9.70 11.34 59.65
CA THR C 576 -9.09 10.09 59.21
C THR C 576 -9.45 8.95 60.15
N THR C 577 -9.46 9.21 61.46
CA THR C 577 -9.82 8.16 62.42
C THR C 577 -11.27 7.71 62.24
N ILE C 578 -12.14 8.61 61.80
CA ILE C 578 -13.55 8.26 61.63
C ILE C 578 -13.71 7.21 60.54
N LEU C 579 -13.03 7.38 59.41
CA LEU C 579 -13.09 6.38 58.36
C LEU C 579 -12.31 5.12 58.74
N SER C 580 -11.19 5.29 59.44
CA SER C 580 -10.33 4.19 59.83
C SER C 580 -11.06 3.12 60.64
N PHE C 581 -13.67 4.69 62.25
CA PHE C 581 -13.87 3.27 62.53
C PHE C 581 -15.02 2.73 61.69
N SER C 582 -15.97 3.60 61.37
CA SER C 582 -17.12 3.21 60.56
C SER C 582 -16.73 3.05 59.10
N SER C 583 -17.39 2.13 58.42
CA SER C 583 -17.15 1.94 56.99
C SER C 583 -17.65 3.16 56.23
N PRO C 584 -16.85 3.70 55.30
CA PRO C 584 -17.29 4.89 54.56
C PRO C 584 -18.53 4.66 53.71
N ALA C 585 -18.86 3.40 53.38
CA ALA C 585 -20.05 3.13 52.59
C ALA C 585 -21.31 3.48 53.38
N ALA C 586 -21.42 2.99 54.62
CA ALA C 586 -22.59 3.28 55.43
C ALA C 586 -22.69 4.78 55.72
N LEU C 587 -21.57 5.43 55.98
CA LEU C 587 -21.57 6.88 56.17
C LEU C 587 -22.05 7.58 54.89
N MET C 588 -21.61 7.10 53.73
CA MET C 588 -22.04 7.70 52.47
C MET C 588 -23.54 7.52 52.26
N LYS C 589 -24.07 6.34 52.58
CA LYS C 589 -25.46 6.02 52.24
C LYS C 589 -26.44 6.96 52.94
N THR C 590 -26.29 7.13 54.25
CA THR C 590 -27.17 8.04 54.98
C THR C 590 -26.95 9.48 54.53
N LEU C 591 -25.69 9.86 54.30
CA LEU C 591 -25.39 11.24 53.91
C LEU C 591 -25.98 11.57 52.53
N ILE C 592 -25.90 10.63 51.59
CA ILE C 592 -26.48 10.89 50.27
C ILE C 592 -27.99 10.73 50.27
N LYS C 593 -28.55 10.00 51.25
CA LYS C 593 -30.00 9.92 51.38
C LYS C 593 -30.59 11.29 51.71
N PHE C 594 -29.94 12.03 52.61
CA PHE C 594 -30.43 13.35 52.98
C PHE C 594 -30.40 14.31 51.79
N VAL C 595 -29.30 14.30 51.02
CA VAL C 595 -29.17 15.22 49.91
C VAL C 595 -30.09 14.84 48.75
N ASP C 596 -30.60 13.62 48.74
CA ASP C 596 -31.51 13.17 47.69
C ASP C 596 -32.98 13.25 48.09
N LEU C 597 -33.29 12.92 49.34
CA LEU C 597 -34.66 12.92 49.82
C LEU C 597 -35.11 14.28 50.36
N SER C 598 -34.25 15.30 50.26
CA SER C 598 -34.63 16.63 50.71
C SER C 598 -35.62 17.31 49.77
N ARG C 599 -35.87 16.74 48.59
CA ARG C 599 -36.81 17.34 47.66
C ARG C 599 -38.23 17.33 48.23
N ASN C 600 -38.62 16.24 48.89
CA ASN C 600 -39.96 16.11 49.43
C ASN C 600 -40.19 16.99 50.66
N GLY C 601 -39.13 17.50 51.29
CA GLY C 601 -39.28 18.29 52.49
C GLY C 601 -39.65 19.75 52.28
N ARG C 602 -39.54 20.25 51.05
CA ARG C 602 -39.84 21.65 50.76
C ARG C 602 -41.28 21.86 50.30
N ASN C 603 -42.08 20.80 50.18
CA ASN C 603 -43.46 20.91 49.78
C ASN C 603 -44.43 20.85 50.95
N GLY C 604 -43.93 20.85 52.17
CA GLY C 604 -44.78 20.81 53.35
C GLY C 604 -44.54 21.96 54.30
N SER C 605 -43.65 22.87 53.93
CA SER C 605 -43.32 24.03 54.74
C SER C 605 -43.79 25.30 54.04
N ASN C 606 -44.43 26.18 54.78
CA ASN C 606 -44.92 27.46 54.26
C ASN C 606 -44.21 28.59 54.99
N GLY C 607 -43.64 29.51 54.22
CA GLY C 607 -42.93 30.64 54.79
C GLY C 607 -43.84 31.78 55.21
N ASN C 608 -44.57 31.59 56.32
CA ASN C 608 -45.49 32.59 56.82
C ASN C 608 -45.31 32.80 58.32
N ASP C 609 -44.10 32.55 58.83
CA ASP C 609 -43.82 32.71 60.24
C ASP C 609 -42.49 33.44 60.42
N GLU C 610 -42.33 34.08 61.57
CA GLU C 610 -41.09 34.78 61.87
C GLU C 610 -39.94 33.83 62.17
N SER C 611 -40.22 32.54 62.36
CA SER C 611 -39.17 31.54 62.50
C SER C 611 -38.76 30.95 61.16
N SER C 612 -39.44 31.30 60.07
CA SER C 612 -39.10 30.76 58.76
C SER C 612 -37.71 31.22 58.33
N GLU C 613 -37.41 32.52 58.49
CA GLU C 613 -36.07 33.01 58.13
C GLU C 613 -34.99 32.36 58.98
N TYR C 614 -35.29 32.09 60.25
CA TYR C 614 -34.40 31.27 61.06
C TYR C 614 -34.32 29.85 60.53
N GLU C 615 -35.48 29.29 60.12
CA GLU C 615 -35.50 27.93 59.62
C GLU C 615 -34.84 27.82 58.26
N THR C 616 -35.11 28.77 57.36
CA THR C 616 -34.52 28.70 56.02
C THR C 616 -33.00 28.79 56.08
N ILE C 617 -32.47 29.68 56.93
CA ILE C 617 -31.02 29.72 57.14
C ILE C 617 -30.54 28.41 57.74
N ASN C 618 -31.29 27.87 58.71
CA ASN C 618 -30.95 26.57 59.28
C ASN C 618 -31.06 25.47 58.23
N ILE C 619 -32.05 25.56 57.35
CA ILE C 619 -32.18 24.58 56.27
C ILE C 619 -31.07 24.75 55.25
N SER C 620 -30.77 26.00 54.87
CA SER C 620 -29.75 26.24 53.86
C SER C 620 -28.38 25.76 54.31
N LEU C 621 -28.01 26.05 55.57
CA LEU C 621 -26.70 25.65 56.06
C LEU C 621 -26.61 24.14 56.24
N SER C 622 -27.70 23.50 56.66
CA SER C 622 -27.69 22.06 56.82
C SER C 622 -27.46 21.36 55.48
N PHE C 623 -28.10 21.86 54.42
CA PHE C 623 -27.91 21.28 53.08
C PHE C 623 -26.56 21.65 52.50
N SER C 624 -26.13 22.91 52.67
CA SER C 624 -24.89 23.37 52.06
C SER C 624 -23.67 22.68 52.66
N TRP C 625 -23.65 22.52 53.99
CA TRP C 625 -22.52 21.87 54.63
C TRP C 625 -22.41 20.41 54.22
N ALA C 626 -23.55 19.72 54.10
CA ALA C 626 -23.54 18.30 53.75
C ALA C 626 -22.91 18.05 52.38
N ILE C 627 -22.96 19.04 51.49
CA ILE C 627 -22.28 18.91 50.21
C ILE C 627 -20.77 18.97 50.40
N LEU C 628 -20.30 19.88 51.26
CA LEU C 628 -18.86 20.04 51.46
C LEU C 628 -18.23 18.78 52.07
N LEU C 629 -19.01 18.01 52.82
CA LEU C 629 -18.48 16.78 53.39
C LEU C 629 -18.20 15.75 52.29
N ILE C 630 -19.04 15.72 51.26
CA ILE C 630 -18.87 14.74 50.18
C ILE C 630 -17.63 15.08 49.35
N ILE C 631 -17.47 16.35 49.00
CA ILE C 631 -16.39 16.75 48.11
C ILE C 631 -15.04 16.48 48.75
N ASN C 632 -14.89 16.80 50.04
CA ASN C 632 -13.64 16.53 50.73
C ASN C 632 -13.34 15.03 50.76
N LEU C 633 -14.36 14.21 51.00
CA LEU C 633 -14.15 12.76 51.00
C LEU C 633 -13.75 12.26 49.62
N THR C 634 -14.41 12.75 48.58
CA THR C 634 -14.12 12.28 47.23
C THR C 634 -12.71 12.68 46.79
N GLN C 635 -12.30 13.92 47.06
CA GLN C 635 -11.05 14.43 46.51
C GLN C 635 -9.83 13.82 47.20
N THR C 636 -9.71 14.02 48.51
CA THR C 636 -8.51 13.62 49.23
C THR C 636 -8.56 12.19 49.75
N TYR C 637 -9.73 11.71 50.17
CA TYR C 637 -9.83 10.39 50.79
C TYR C 637 -10.08 9.27 49.78
N GLY C 638 -10.17 9.59 48.49
CA GLY C 638 -10.25 8.57 47.46
C GLY C 638 -11.49 7.69 47.51
N ILE C 639 -12.66 8.30 47.67
CA ILE C 639 -13.93 7.59 47.61
C ILE C 639 -14.71 8.10 46.41
N SER C 640 -15.47 7.20 45.78
CA SER C 640 -16.21 7.51 44.58
C SER C 640 -17.71 7.51 44.86
N VAL C 641 -18.39 8.57 44.45
CA VAL C 641 -19.83 8.67 44.66
C VAL C 641 -20.58 7.68 43.77
N VAL C 642 -20.03 7.37 42.59
CA VAL C 642 -20.71 6.50 41.65
C VAL C 642 -20.82 5.08 42.21
N ASP C 643 -19.78 4.63 42.92
CA ASP C 643 -19.74 3.25 43.38
C ASP C 643 -20.88 2.95 44.37
N VAL C 644 -21.15 3.88 45.28
CA VAL C 644 -22.14 3.61 46.34
C VAL C 644 -23.54 3.47 45.74
N ALA C 645 -23.84 4.21 44.68
CA ALA C 645 -25.16 4.09 44.05
C ALA C 645 -25.36 2.69 43.46
N LEU C 646 -24.33 2.14 42.83
CA LEU C 646 -24.44 0.81 42.24
C LEU C 646 -24.64 -0.26 43.30
N LYS C 647 -23.94 -0.14 44.43
CA LYS C 647 -24.05 -1.15 45.48
C LYS C 647 -25.41 -1.13 46.17
N TYR C 648 -26.00 0.05 46.32
CA TYR C 648 -27.28 0.16 47.01
C TYR C 648 -28.39 0.40 45.99
N PRO C 649 -29.27 -0.57 45.75
CA PRO C 649 -30.29 -0.39 44.71
C PRO C 649 -31.34 0.67 45.03
N GLU C 650 -31.47 1.07 46.29
CA GLU C 650 -32.49 2.05 46.67
C GLU C 650 -32.17 3.46 46.17
N LEU C 651 -30.97 3.68 45.65
CA LEU C 651 -30.58 4.99 45.13
C LEU C 651 -30.95 5.08 43.65
N SER C 652 -31.65 6.15 43.29
CA SER C 652 -32.06 6.37 41.91
C SER C 652 -30.90 7.06 41.19
N ILE C 653 -30.16 6.28 40.38
CA ILE C 653 -28.99 6.81 39.69
C ILE C 653 -29.39 7.88 38.69
N LYS C 654 -30.46 7.64 37.92
CA LYS C 654 -30.84 8.56 36.86
C LYS C 654 -31.42 9.86 37.41
N ASN C 655 -32.00 9.82 38.60
CA ASN C 655 -32.60 11.00 39.22
C ASN C 655 -31.77 11.54 40.38
N SER C 656 -30.49 11.18 40.45
CA SER C 656 -29.61 11.62 41.52
C SER C 656 -28.94 12.93 41.11
N PHE C 657 -29.24 14.01 41.83
CA PHE C 657 -28.61 15.29 41.56
C PHE C 657 -27.18 15.34 42.08
N ILE C 658 -26.89 14.61 43.17
CA ILE C 658 -25.56 14.66 43.75
C ILE C 658 -24.53 14.00 42.83
N ILE C 659 -24.94 12.93 42.14
CA ILE C 659 -23.98 12.12 41.38
C ILE C 659 -23.39 12.93 40.22
N ASN C 660 -24.24 13.57 39.43
CA ASN C 660 -23.76 14.34 38.30
C ASN C 660 -23.21 15.70 38.70
N PHE C 661 -23.47 16.16 39.93
CA PHE C 661 -22.94 17.43 40.38
C PHE C 661 -21.43 17.35 40.64
N ILE C 662 -20.99 16.27 41.31
CA ILE C 662 -19.58 16.14 41.67
C ILE C 662 -18.72 15.97 40.43
N SER C 663 -19.15 15.12 39.50
CA SER C 663 -18.36 14.85 38.31
C SER C 663 -18.22 16.07 37.41
N ASN C 664 -19.11 17.05 37.55
CA ASN C 664 -19.02 18.30 36.80
C ASN C 664 -18.74 19.47 37.74
N LEU C 665 -18.05 19.22 38.85
CA LEU C 665 -17.80 20.26 39.85
C LEU C 665 -16.97 21.41 39.30
N PRO C 666 -15.83 21.20 38.64
CA PRO C 666 -15.02 22.34 38.20
C PRO C 666 -15.51 23.04 36.94
N ASN C 667 -16.55 22.51 36.29
CA ASN C 667 -17.05 23.07 35.04
C ASN C 667 -18.49 23.52 35.22
N VAL C 668 -18.81 24.70 34.70
CA VAL C 668 -20.13 25.29 34.80
C VAL C 668 -20.67 25.56 33.41
N SER C 669 -21.95 25.29 33.22
CA SER C 669 -22.57 25.46 31.90
C SER C 669 -22.65 26.94 31.53
N ASP C 670 -22.46 27.22 30.24
CA ASP C 670 -22.59 28.59 29.76
C ASP C 670 -24.03 29.07 29.73
N LYS C 671 -24.99 28.15 29.65
CA LYS C 671 -26.41 28.47 29.69
C LYS C 671 -26.99 28.01 31.01
N TYR C 672 -28.00 28.75 31.48
CA TYR C 672 -28.64 28.46 32.76
C TYR C 672 -29.95 27.74 32.52
N TYR C 673 -30.09 26.55 33.12
CA TYR C 673 -31.29 25.74 32.99
C TYR C 673 -31.86 25.45 34.38
N LEU C 674 -33.14 25.74 34.57
CA LEU C 674 -33.78 25.45 35.85
C LEU C 674 -33.83 23.95 36.11
N GLU C 675 -34.12 23.16 35.08
CA GLU C 675 -34.16 21.71 35.20
C GLU C 675 -33.43 21.10 34.00
N GLU C 676 -32.74 19.99 34.26
CA GLU C 676 -31.90 19.38 33.23
C GLU C 676 -32.56 18.20 32.51
N SER C 677 -33.45 17.47 33.19
CA SER C 677 -34.11 16.33 32.57
C SER C 677 -35.20 16.75 31.58
N ASN C 678 -35.60 18.01 31.57
CA ASN C 678 -36.67 18.46 30.68
C ASN C 678 -36.20 19.59 29.78
N VAL C 679 -35.00 19.46 29.20
CA VAL C 679 -34.50 20.47 28.28
C VAL C 679 -35.31 20.52 27.00
N ASN C 680 -36.11 19.50 26.71
CA ASN C 680 -36.94 19.48 25.51
C ASN C 680 -38.14 20.41 25.61
N ASP C 681 -38.42 20.95 26.79
CA ASP C 681 -39.52 21.89 26.98
C ASP C 681 -38.97 23.31 27.03
N SER C 682 -39.76 24.25 26.52
CA SER C 682 -39.33 25.64 26.45
C SER C 682 -39.96 26.54 27.52
N ASP C 683 -40.94 26.04 28.27
CA ASP C 683 -41.63 26.89 29.24
C ASP C 683 -40.69 27.31 30.37
N MET C 684 -39.85 26.39 30.85
CA MET C 684 -38.94 26.76 31.93
C MET C 684 -37.82 27.66 31.44
N LEU C 685 -37.42 27.54 30.16
CA LEU C 685 -36.36 28.38 29.64
C LEU C 685 -36.80 29.84 29.52
N THR C 686 -38.11 30.08 29.41
CA THR C 686 -38.59 31.46 29.36
C THR C 686 -38.33 32.19 30.68
N LYS C 687 -38.60 31.52 31.80
CA LYS C 687 -38.36 32.12 33.10
C LYS C 687 -36.94 31.90 33.61
N SER C 688 -36.16 31.04 32.95
CA SER C 688 -34.75 30.88 33.33
C SER C 688 -33.98 32.17 33.10
N HIS C 689 -34.21 32.83 31.97
CA HIS C 689 -33.61 34.14 31.73
C HIS C 689 -34.22 35.19 32.64
N ASN C 690 -35.49 35.02 33.03
CA ASN C 690 -36.10 35.95 33.97
C ASN C 690 -35.40 35.90 35.33
N THR C 691 -35.03 34.70 35.78
CA THR C 691 -34.34 34.56 37.06
C THR C 691 -32.97 35.23 37.02
N VAL C 692 -32.27 35.12 35.89
CA VAL C 692 -30.92 35.70 35.79
C VAL C 692 -30.99 37.22 35.90
N GLN C 693 -31.94 37.85 35.18
CA GLN C 693 -32.05 39.30 35.23
C GLN C 693 -32.67 39.78 36.53
N SER C 694 -33.54 38.96 37.15
CA SER C 694 -34.12 39.35 38.42
C SER C 694 -33.06 39.39 39.53
N TRP C 695 -32.15 38.41 39.53
CA TRP C 695 -31.12 38.36 40.56
C TRP C 695 -30.03 39.40 40.32
N LEU C 696 -29.71 39.67 39.05
CA LEU C 696 -28.65 40.64 38.76
C LEU C 696 -29.07 42.04 39.17
N CYS C 697 -30.32 42.44 38.87
CA CYS C 697 -30.76 43.78 39.20
C CYS C 697 -30.91 43.98 40.71
N ASP C 698 -31.43 42.96 41.40
CA ASP C 698 -31.66 43.09 42.83
C ASP C 698 -30.36 43.13 43.62
N LEU C 699 -29.33 42.43 43.17
CA LEU C 699 -28.10 42.31 43.93
C LEU C 699 -27.04 43.33 43.53
N PHE C 700 -27.06 43.80 42.29
CA PHE C 700 -26.04 44.72 41.81
C PHE C 700 -26.53 46.16 41.67
N VAL C 701 -27.84 46.38 41.61
CA VAL C 701 -28.41 47.72 41.48
C VAL C 701 -29.27 48.08 42.69
N ASN C 702 -30.21 47.21 43.05
CA ASN C 702 -31.06 47.47 44.20
C ASN C 702 -30.26 47.44 45.51
N GLY C 703 -29.27 46.54 45.58
CA GLY C 703 -28.49 46.43 46.79
C GLY C 703 -29.18 45.73 47.93
N SER C 704 -30.22 44.93 47.64
CA SER C 704 -30.94 44.20 48.67
C SER C 704 -31.53 42.94 48.05
N ILE C 705 -31.66 41.89 48.86
CA ILE C 705 -32.19 40.62 48.42
C ILE C 705 -33.60 40.49 48.99
N THR C 706 -34.60 40.50 48.10
CA THR C 706 -35.97 40.36 48.52
C THR C 706 -36.25 38.95 49.00
N ASP C 707 -37.14 38.84 49.99
CA ASP C 707 -37.50 37.53 50.54
C ASP C 707 -38.30 36.69 49.56
N GLN C 708 -38.97 37.32 48.59
CA GLN C 708 -39.73 36.56 47.61
C GLN C 708 -38.82 35.71 46.73
N LEU C 709 -37.66 36.25 46.34
CA LEU C 709 -36.75 35.51 45.47
C LEU C 709 -36.24 34.26 46.15
N ILE C 710 -35.87 34.35 47.44
CA ILE C 710 -35.34 33.19 48.15
C ILE C 710 -36.40 32.10 48.27
N GLN C 711 -37.64 32.49 48.60
CA GLN C 711 -38.70 31.51 48.80
C GLN C 711 -39.03 30.78 47.50
N ASN C 712 -39.04 31.50 46.38
CA ASN C 712 -39.47 30.91 45.11
C ASN C 712 -38.40 30.03 44.47
N ILE C 713 -37.15 30.12 44.91
CA ILE C 713 -36.06 29.36 44.30
C ILE C 713 -35.61 28.29 45.28
N GLU C 714 -35.07 27.21 44.73
CA GLU C 714 -34.53 26.10 45.52
C GLU C 714 -33.02 26.25 45.66
N THR C 715 -32.44 25.40 46.52
CA THR C 715 -31.00 25.42 46.72
C THR C 715 -30.25 24.92 45.50
N ARG C 716 -30.83 23.94 44.78
CA ARG C 716 -30.14 23.35 43.64
C ARG C 716 -29.92 24.36 42.53
N GLN C 717 -30.91 25.22 42.27
CA GLN C 717 -30.73 26.27 41.27
C GLN C 717 -29.72 27.31 41.74
N LEU C 718 -29.69 27.58 43.05
CA LEU C 718 -28.72 28.55 43.58
C LEU C 718 -27.29 28.05 43.39
N ALA C 719 -27.06 26.75 43.56
CA ALA C 719 -25.72 26.19 43.41
C ALA C 719 -25.14 26.43 42.03
N ASN C 720 -25.99 26.59 41.01
CA ASN C 720 -25.53 26.90 39.67
C ASN C 720 -25.74 28.36 39.27
N LEU C 721 -26.66 29.07 39.93
CA LEU C 721 -26.89 30.47 39.59
C LEU C 721 -25.72 31.33 39.99
N ILE C 722 -25.19 31.13 41.20
CA ILE C 722 -24.08 31.96 41.69
C ILE C 722 -22.83 31.82 40.80
N PRO C 723 -22.39 30.61 40.43
CA PRO C 723 -21.25 30.54 39.49
C PRO C 723 -21.52 31.19 38.16
N PHE C 724 -22.76 31.15 37.68
CA PHE C 724 -23.10 31.79 36.41
C PHE C 724 -22.89 33.30 36.48
N ILE C 725 -23.45 33.94 37.51
CA ILE C 725 -23.40 35.39 37.62
C ILE C 725 -21.96 35.86 37.82
N VAL C 726 -21.22 35.22 38.72
CA VAL C 726 -19.85 35.64 38.99
C VAL C 726 -18.97 35.45 37.75
N LYS C 727 -19.22 34.39 36.98
CA LYS C 727 -18.46 34.19 35.75
C LYS C 727 -18.77 35.30 34.75
N GLN C 728 -20.04 35.67 34.61
CA GLN C 728 -20.40 36.74 33.68
C GLN C 728 -19.77 38.07 34.09
N VAL C 729 -19.84 38.39 35.39
CA VAL C 729 -19.28 39.66 35.86
C VAL C 729 -17.76 39.66 35.72
N LEU C 730 -17.11 38.58 36.15
CA LEU C 730 -15.65 38.51 36.09
C LEU C 730 -15.15 38.55 34.65
N LEU C 731 -15.82 37.82 33.76
CA LEU C 731 -15.44 37.85 32.35
C LEU C 731 -15.63 39.24 31.76
N SER C 732 -16.74 39.90 32.12
CA SER C 732 -17.00 41.25 31.61
C SER C 732 -15.94 42.23 32.10
N VAL C 733 -15.52 42.10 33.36
CA VAL C 733 -14.48 42.97 33.89
C VAL C 733 -13.17 42.74 33.15
N GLU C 734 -12.80 41.48 32.91
CA GLU C 734 -11.53 41.19 32.25
C GLU C 734 -11.48 41.76 30.84
N ILE C 735 -12.56 41.60 30.08
CA ILE C 735 -12.59 42.12 28.72
C ILE C 735 -12.62 43.65 28.73
N GLY C 736 -13.33 44.23 29.69
CA GLY C 736 -13.44 45.67 29.78
C GLY C 736 -14.86 46.16 29.70
N VAL C 737 -15.81 45.23 29.68
CA VAL C 737 -17.23 45.59 29.65
C VAL C 737 -17.62 46.33 30.93
N LEU C 738 -17.17 45.82 32.07
CA LEU C 738 -17.43 46.44 33.36
C LEU C 738 -16.17 47.15 33.82
N THR C 739 -16.30 48.45 34.11
CA THR C 739 -15.16 49.28 34.48
C THR C 739 -15.26 49.80 35.91
N ASP C 740 -16.42 49.71 36.55
CA ASP C 740 -16.60 50.19 37.92
C ASP C 740 -16.36 49.03 38.88
N ILE C 741 -15.40 49.21 39.79
CA ILE C 741 -15.02 48.16 40.72
C ILE C 741 -15.70 48.35 42.08
N SER C 742 -15.80 49.58 42.55
CA SER C 742 -16.28 49.82 43.92
C SER C 742 -17.69 49.30 44.12
N SER C 743 -18.57 49.52 43.14
CA SER C 743 -19.92 48.97 43.23
C SER C 743 -19.90 47.45 43.21
N LEU C 744 -18.95 46.87 42.49
CA LEU C 744 -18.84 45.41 42.44
C LEU C 744 -18.32 44.85 43.77
N ILE C 745 -17.38 45.56 44.40
CA ILE C 745 -16.83 45.08 45.67
C ILE C 745 -17.94 44.93 46.70
N GLY C 746 -18.81 45.93 46.80
CA GLY C 746 -20.01 45.78 47.61
C GLY C 746 -20.94 44.70 47.06
N GLY C 747 -21.00 44.57 45.73
CA GLY C 747 -21.88 43.59 45.14
C GLY C 747 -21.52 42.16 45.51
N PHE C 748 -20.23 41.84 45.46
CA PHE C 748 -19.80 40.50 45.83
C PHE C 748 -19.90 40.24 47.33
N GLU C 749 -20.14 41.27 48.14
CA GLU C 749 -20.35 41.05 49.57
C GLU C 749 -21.64 40.27 49.82
N TYR C 750 -22.65 40.45 48.96
CA TYR C 750 -23.92 39.75 49.16
C TYR C 750 -23.84 38.26 48.90
N PHE C 751 -22.74 37.76 48.33
CA PHE C 751 -22.58 36.33 48.14
C PHE C 751 -22.18 35.59 49.41
N LEU C 752 -21.90 36.31 50.49
CA LEU C 752 -21.39 35.71 51.72
C LEU C 752 -22.47 35.52 52.78
N GLN C 753 -23.71 35.87 52.50
CA GLN C 753 -24.79 35.67 53.46
C GLN C 753 -25.07 34.18 53.62
N PRO C 754 -25.59 33.78 54.78
CA PRO C 754 -25.86 32.35 55.02
C PRO C 754 -26.81 31.73 54.00
N LEU C 755 -27.77 32.52 53.49
CA LEU C 755 -28.68 31.98 52.47
C LEU C 755 -27.93 31.64 51.18
N LEU C 756 -26.97 32.47 50.79
CA LEU C 756 -26.25 32.31 49.54
C LEU C 756 -24.90 31.63 49.71
N LEU C 757 -24.72 30.86 50.79
CA LEU C 757 -23.42 30.27 51.07
C LEU C 757 -23.11 29.10 50.15
N VAL C 758 -24.13 28.36 49.71
CA VAL C 758 -23.89 27.18 48.89
C VAL C 758 -23.36 27.55 47.50
N GLY C 759 -23.55 28.81 47.08
CA GLY C 759 -23.10 29.21 45.77
C GLY C 759 -21.61 29.41 45.62
N LEU C 760 -20.87 29.37 46.72
CA LEU C 760 -19.42 29.53 46.68
C LEU C 760 -18.68 28.22 46.38
N ILE C 761 -19.36 27.08 46.48
CA ILE C 761 -18.69 25.80 46.30
C ILE C 761 -18.09 25.68 44.91
N LYS C 762 -18.88 26.00 43.89
CA LYS C 762 -18.40 25.93 42.51
C LYS C 762 -17.61 27.16 42.09
N THR C 763 -17.64 28.24 42.87
CA THR C 763 -16.96 29.47 42.48
C THR C 763 -15.45 29.29 42.48
N PHE C 764 -14.91 28.60 43.48
CA PHE C 764 -13.46 28.47 43.61
C PHE C 764 -12.87 27.48 42.62
N TYR C 765 -13.58 26.41 42.31
CA TYR C 765 -13.05 25.41 41.38
C TYR C 765 -12.81 26.01 40.00
N TRP C 766 -13.74 26.83 39.52
CA TRP C 766 -13.59 27.46 38.22
C TRP C 766 -12.42 28.45 38.17
N LEU C 767 -11.96 28.91 39.32
CA LEU C 767 -10.99 30.01 39.34
C LEU C 767 -9.69 29.63 38.65
N GLU C 768 -9.16 28.43 38.93
CA GLU C 768 -7.89 28.03 38.35
C GLU C 768 -7.99 27.89 36.83
N GLN C 769 -9.08 27.31 36.34
CA GLN C 769 -9.29 27.27 34.90
C GLN C 769 -9.38 28.68 34.34
N PHE C 770 -10.06 29.58 35.05
CA PHE C 770 -10.02 31.00 34.70
C PHE C 770 -8.62 31.57 34.85
N LEU C 771 -7.91 31.19 35.92
CA LEU C 771 -6.60 31.79 36.18
C LEU C 771 -5.53 31.22 35.27
N SER C 772 -5.62 29.93 34.93
CA SER C 772 -4.62 29.32 34.06
C SER C 772 -4.61 30.00 32.69
N CYS C 773 -5.78 30.29 32.14
CA CYS C 773 -5.85 31.08 30.91
C CYS C 773 -5.32 32.49 31.14
N VAL C 774 -5.62 33.07 32.31
CA VAL C 774 -5.13 34.40 32.63
C VAL C 774 -3.61 34.40 32.74
N LYS C 775 -3.05 33.35 33.33
CA LYS C 775 -1.59 33.30 33.51
C LYS C 775 -0.86 33.32 32.17
N ASN C 776 -1.35 32.55 31.20
CA ASN C 776 -0.71 32.53 29.89
C ASN C 776 -1.05 33.76 29.06
N ASP C 777 -2.28 34.26 29.18
CA ASP C 777 -2.69 35.43 28.42
C ASP C 777 -2.05 36.70 28.99
N THR C 778 -1.94 37.71 28.15
CA THR C 778 -1.34 38.99 28.54
C THR C 778 -2.45 39.91 29.05
N ILE C 779 -2.44 40.17 30.35
CA ILE C 779 -3.41 41.06 30.99
C ILE C 779 -2.65 42.21 31.64
N SER C 780 -3.10 43.43 31.38
CA SER C 780 -2.45 44.60 31.96
C SER C 780 -2.63 44.61 33.47
N GLU C 781 -1.66 45.22 34.17
CA GLU C 781 -1.69 45.24 35.63
C GLU C 781 -2.91 45.99 36.15
N ASP C 782 -3.38 47.00 35.41
CA ASP C 782 -4.59 47.72 35.83
C ASP C 782 -5.79 46.79 35.87
N ILE C 783 -5.95 45.96 34.84
CA ILE C 783 -6.99 44.92 34.88
C ILE C 783 -6.63 43.86 35.90
N LEU C 784 -5.36 43.47 35.96
CA LEU C 784 -4.94 42.41 36.88
C LEU C 784 -5.14 42.83 38.33
N GLN C 785 -4.80 44.07 38.67
CA GLN C 785 -5.05 44.54 40.04
C GLN C 785 -6.53 44.61 40.33
N GLY C 786 -7.36 44.88 39.31
CA GLY C 786 -8.79 44.81 39.51
C GLY C 786 -9.27 43.40 39.79
N ILE C 787 -8.72 42.43 39.06
CA ILE C 787 -9.11 41.03 39.28
C ILE C 787 -8.84 40.62 40.72
N PHE C 788 -7.68 41.00 41.24
CA PHE C 788 -7.37 40.73 42.64
C PHE C 788 -8.32 41.47 43.57
N ASN C 789 -8.68 42.71 43.21
CA ASN C 789 -9.60 43.48 44.04
C ASN C 789 -10.96 42.79 44.16
N LEU C 790 -11.51 42.34 43.03
CA LEU C 790 -12.75 41.57 43.07
C LEU C 790 -12.55 40.24 43.77
N LEU C 791 -11.42 39.57 43.52
CA LEU C 791 -11.16 38.30 44.16
C LEU C 791 -10.94 38.46 45.67
N ASN C 792 -10.27 39.53 46.08
CA ASN C 792 -9.98 39.71 47.50
C ASN C 792 -11.23 39.89 48.32
N THR C 793 -12.32 40.36 47.71
CA THR C 793 -13.58 40.51 48.43
C THR C 793 -14.09 39.16 48.92
N LEU C 794 -14.00 38.14 48.07
CA LEU C 794 -14.35 36.78 48.50
C LEU C 794 -13.26 36.17 49.38
N PHE C 795 -12.00 36.55 49.15
CA PHE C 795 -10.90 35.98 49.93
C PHE C 795 -10.79 36.63 51.30
N ASN C 796 -10.86 37.95 51.37
CA ASN C 796 -10.65 38.71 52.60
C ASN C 796 -11.86 39.60 52.85
N PRO C 797 -12.94 39.02 53.37
CA PRO C 797 -14.14 39.83 53.67
C PRO C 797 -13.87 40.81 54.80
N VAL C 798 -14.54 41.97 54.71
CA VAL C 798 -14.42 42.96 55.77
C VAL C 798 -15.15 42.50 57.03
N THR C 799 -16.32 41.88 56.88
CA THR C 799 -17.10 41.39 58.00
C THR C 799 -17.72 40.05 57.64
N LEU C 800 -17.92 39.22 58.65
CA LEU C 800 -18.52 37.90 58.48
C LEU C 800 -19.58 37.67 59.54
N ASN C 801 -20.68 37.03 59.13
CA ASN C 801 -21.73 36.68 60.07
C ASN C 801 -21.27 35.54 60.96
N GLU C 802 -22.03 35.30 62.04
CA GLU C 802 -21.68 34.26 62.99
C GLU C 802 -21.91 32.86 62.44
N ASP C 803 -22.54 32.71 61.28
CA ASP C 803 -22.73 31.41 60.65
C ASP C 803 -21.94 31.26 59.36
N SER C 804 -21.26 32.30 58.89
CA SER C 804 -20.57 32.26 57.61
C SER C 804 -19.05 32.32 57.71
N LYS C 805 -18.50 32.61 58.90
CA LYS C 805 -17.06 32.76 59.00
C LYS C 805 -16.35 31.41 58.87
N ALA C 806 -16.85 30.39 59.58
CA ALA C 806 -16.26 29.07 59.46
C ALA C 806 -16.52 28.45 58.10
N PHE C 807 -17.69 28.72 57.51
CA PHE C 807 -17.99 28.20 56.18
C PHE C 807 -17.05 28.77 55.15
N HIS C 808 -16.76 30.07 55.21
CA HIS C 808 -15.91 30.69 54.21
C HIS C 808 -14.51 30.11 54.23
N THR C 809 -13.96 29.88 55.42
CA THR C 809 -12.65 29.23 55.51
C THR C 809 -12.71 27.81 54.97
N ALA C 810 -13.81 27.10 55.24
CA ALA C 810 -13.92 25.70 54.84
C ALA C 810 -13.88 25.55 53.32
N VAL C 811 -14.60 26.41 52.60
CA VAL C 811 -14.63 26.31 51.14
C VAL C 811 -13.27 26.66 50.55
N LEU C 812 -12.59 27.65 51.14
CA LEU C 812 -11.25 28.00 50.66
C LEU C 812 -10.24 26.88 50.90
N ARG C 813 -10.57 25.92 51.76
CA ARG C 813 -9.64 24.83 52.07
C ARG C 813 -9.73 23.67 51.10
N LEU C 814 -10.85 23.53 50.38
CA LEU C 814 -11.03 22.36 49.51
C LEU C 814 -10.10 22.43 48.30
N ASN C 815 -10.05 23.56 47.62
CA ASN C 815 -9.36 23.70 46.36
C ASN C 815 -8.29 24.79 46.46
N ALA C 816 -7.58 24.81 47.60
CA ALA C 816 -6.53 25.80 47.81
C ALA C 816 -5.25 25.45 47.07
N ILE C 817 -4.88 24.17 47.08
CA ILE C 817 -3.54 23.78 46.62
C ILE C 817 -3.28 24.14 45.17
N PRO C 818 -4.13 23.78 44.20
CA PRO C 818 -3.88 24.24 42.82
C PRO C 818 -3.94 25.75 42.67
N LEU C 819 -4.77 26.42 43.49
CA LEU C 819 -4.83 27.88 43.43
C LEU C 819 -3.51 28.52 43.82
N LEU C 820 -2.85 27.98 44.85
CA LEU C 820 -1.59 28.53 45.31
C LEU C 820 -0.51 28.42 44.24
N LYS C 821 -0.47 27.30 43.51
CA LYS C 821 0.52 27.11 42.47
C LYS C 821 0.37 28.14 41.35
N VAL C 822 -0.87 28.42 40.95
CA VAL C 822 -1.10 29.37 39.87
C VAL C 822 -0.76 30.79 40.32
N LEU C 823 -1.13 31.15 41.55
CA LEU C 823 -0.92 32.51 42.02
C LEU C 823 0.56 32.85 42.13
N ARG C 824 1.37 31.91 42.61
CA ARG C 824 2.80 32.18 42.77
C ARG C 824 3.51 32.38 41.44
N LYS C 825 2.91 31.92 40.33
CA LYS C 825 3.56 32.08 39.03
C LYS C 825 3.64 33.54 38.57
N PHE C 826 2.88 34.42 39.21
CA PHE C 826 2.89 35.84 38.84
C PHE C 826 4.10 36.55 39.45
N ASN C 846 -0.85 43.72 46.11
CA ASN C 846 -2.07 43.02 46.50
C ASN C 846 -1.99 41.52 46.22
N LEU C 847 -0.92 41.11 45.54
CA LEU C 847 -0.72 39.68 45.26
C LEU C 847 -0.48 38.92 46.56
N GLU C 848 0.43 39.42 47.39
CA GLU C 848 0.81 38.70 48.62
C GLU C 848 -0.36 38.41 49.56
N PRO C 849 -1.30 39.33 49.82
CA PRO C 849 -2.40 38.97 50.72
C PRO C 849 -3.17 37.73 50.32
N LEU C 850 -3.36 37.49 49.03
CA LEU C 850 -4.07 36.30 48.59
C LEU C 850 -3.29 35.04 48.98
N ILE C 851 -1.99 35.01 48.72
CA ILE C 851 -1.17 33.90 49.20
C ILE C 851 -1.13 33.88 50.72
N ALA C 852 -1.03 35.06 51.34
CA ALA C 852 -1.03 35.13 52.80
C ALA C 852 -2.33 34.58 53.37
N LYS C 853 -3.47 34.91 52.76
CA LYS C 853 -4.73 34.32 53.18
C LYS C 853 -4.78 32.84 52.86
N LEU C 854 -4.28 32.44 51.69
CA LEU C 854 -4.30 31.03 51.30
C LEU C 854 -3.40 30.19 52.20
N VAL C 855 -2.22 30.71 52.54
CA VAL C 855 -1.34 29.97 53.45
C VAL C 855 -1.92 29.94 54.86
N ALA C 856 -2.66 30.99 55.25
CA ALA C 856 -3.26 31.02 56.57
C ALA C 856 -4.34 29.95 56.71
N VAL C 857 -5.19 29.79 55.70
CA VAL C 857 -6.22 28.77 55.75
C VAL C 857 -5.65 27.38 55.51
N LEU C 858 -4.45 27.30 54.93
CA LEU C 858 -3.78 26.01 54.76
C LEU C 858 -3.09 25.54 56.02
N ASN C 859 -2.79 26.44 56.95
CA ASN C 859 -2.07 26.09 58.18
C ASN C 859 -2.98 25.73 59.34
N VAL C 860 -4.30 25.88 59.18
CA VAL C 860 -5.20 25.64 60.30
C VAL C 860 -5.20 24.16 60.69
N SER C 861 -5.06 23.27 59.71
CA SER C 861 -4.98 21.84 59.94
C SER C 861 -4.03 21.25 58.90
N PRO C 862 -3.43 20.10 59.19
CA PRO C 862 -2.52 19.49 58.22
C PRO C 862 -3.24 19.06 56.95
N VAL C 863 -2.53 19.15 55.82
CA VAL C 863 -3.03 18.78 54.52
C VAL C 863 -2.28 17.54 54.05
N TYR C 864 -3.02 16.53 53.59
CA TYR C 864 -2.43 15.27 53.17
C TYR C 864 -1.74 15.40 51.83
N ASP C 865 -0.63 14.67 51.68
CA ASP C 865 0.06 14.50 50.40
C ASP C 865 0.47 15.83 49.79
N VAL C 866 1.07 16.68 50.61
CA VAL C 866 1.54 18.00 50.19
C VAL C 866 2.98 18.16 50.64
N ASP C 867 3.80 18.75 49.79
CA ASP C 867 5.16 19.10 50.18
C ASP C 867 5.11 20.22 51.21
N PRO C 868 5.61 20.02 52.43
CA PRO C 868 5.61 21.11 53.41
C PRO C 868 6.45 22.31 52.99
N ARG C 869 7.40 22.13 52.08
CA ARG C 869 8.22 23.25 51.63
C ARG C 869 7.40 24.23 50.80
N ILE C 870 6.35 23.76 50.12
CA ILE C 870 5.53 24.63 49.30
C ILE C 870 4.77 25.62 50.17
N ILE C 871 4.18 25.15 51.27
CA ILE C 871 3.38 26.01 52.13
C ILE C 871 4.23 27.11 52.76
N ASN C 872 5.49 26.81 53.08
CA ASN C 872 6.36 27.73 53.78
C ASN C 872 7.59 28.06 52.94
N SER C 873 7.37 28.37 51.66
CA SER C 873 8.45 28.74 50.74
C SER C 873 8.68 30.24 50.68
N GLU C 874 8.36 30.97 51.74
CA GLU C 874 8.54 32.41 51.75
C GLU C 874 10.01 32.78 51.61
N ASN C 875 10.89 32.08 52.33
CA ASN C 875 12.32 32.37 52.28
C ASN C 875 13.20 31.14 52.12
N ASP C 876 12.66 29.93 52.25
CA ASP C 876 13.47 28.73 52.08
C ASP C 876 13.79 28.51 50.61
N TYR C 877 15.07 28.27 50.32
CA TYR C 877 15.55 27.99 48.97
C TYR C 877 16.50 26.80 49.06
N SER C 878 15.96 25.60 48.89
CA SER C 878 16.72 24.36 49.00
C SER C 878 17.32 23.91 47.67
N ARG C 879 17.22 24.73 46.63
CA ARG C 879 17.74 24.42 45.30
C ARG C 879 17.12 23.15 44.73
N LYS C 880 15.85 22.90 45.07
CA LYS C 880 15.10 21.78 44.53
C LYS C 880 13.70 22.26 44.17
N GLN C 881 13.30 22.01 42.93
CA GLN C 881 12.00 22.47 42.46
C GLN C 881 10.87 21.74 43.17
N LEU C 882 9.82 22.47 43.49
CA LEU C 882 8.71 21.93 44.26
C LEU C 882 7.79 21.08 43.39
N GLY C 883 7.26 20.02 43.99
CA GLY C 883 6.30 19.17 43.32
C GLY C 883 4.93 19.19 43.99
N TYR C 884 3.95 19.75 43.30
CA TYR C 884 2.62 19.95 43.88
C TYR C 884 1.76 18.69 43.85
N GLY C 885 2.13 17.68 43.07
CA GLY C 885 1.32 16.49 42.91
C GLY C 885 1.77 15.34 43.79
N LYS C 886 0.88 14.36 43.91
CA LYS C 886 1.18 13.17 44.70
C LYS C 886 2.33 12.38 44.07
N PHE C 887 2.31 12.22 42.76
CA PHE C 887 3.26 11.39 42.04
C PHE C 887 4.04 12.27 41.08
N LEU C 888 5.37 12.23 41.17
CA LEU C 888 6.24 13.13 40.42
C LEU C 888 7.33 12.34 39.71
N ILE C 889 7.76 12.82 38.55
CA ILE C 889 8.72 12.13 37.70
C ILE C 889 9.72 13.15 37.15
N LEU C 890 10.98 12.75 37.09
CA LEU C 890 12.06 13.55 36.51
C LEU C 890 12.64 12.83 35.30
N ASN C 891 13.53 13.51 34.59
CA ASN C 891 14.27 12.86 33.50
C ASN C 891 15.38 11.97 34.03
N GLU C 892 16.00 12.34 35.15
CA GLU C 892 17.04 11.50 35.74
C GLU C 892 16.47 10.17 36.22
N ASN C 893 15.21 10.15 36.67
CA ASN C 893 14.51 8.94 37.07
C ASN C 893 13.21 8.88 36.28
N PRO C 894 13.28 8.55 35.00
CA PRO C 894 12.07 8.56 34.17
C PRO C 894 11.14 7.41 34.50
N ILE C 895 10.02 7.31 33.77
CA ILE C 895 9.12 6.18 33.96
C ILE C 895 9.81 4.88 33.58
N ASN C 896 10.82 4.95 32.70
CA ASN C 896 11.52 3.74 32.28
C ASN C 896 12.29 3.12 33.44
N LYS C 897 13.06 3.95 34.17
CA LYS C 897 13.91 3.42 35.23
C LYS C 897 13.08 2.77 36.33
N ILE C 898 11.97 3.40 36.73
CA ILE C 898 11.16 2.86 37.81
C ILE C 898 10.50 1.55 37.38
N MET C 899 9.94 1.50 36.16
CA MET C 899 9.30 0.26 35.73
C MET C 899 10.32 -0.80 35.34
N THR C 900 11.51 -0.39 34.86
CA THR C 900 12.60 -1.35 34.73
C THR C 900 13.00 -1.90 36.09
N ASN C 901 12.97 -1.05 37.13
CA ASN C 901 13.09 -1.54 38.49
C ASN C 901 11.85 -2.31 38.92
N GLN C 902 10.70 -2.02 38.32
CA GLN C 902 9.52 -2.84 38.58
C GLN C 902 9.63 -4.20 37.93
N ILE C 903 10.14 -4.25 36.68
CA ILE C 903 10.41 -5.53 36.04
C ILE C 903 11.41 -6.34 36.84
N ASN C 904 12.42 -5.69 37.42
CA ASN C 904 13.33 -6.38 38.32
C ASN C 904 12.63 -6.83 39.60
N SER C 905 11.50 -6.22 39.94
CA SER C 905 10.70 -6.64 41.09
C SER C 905 9.52 -7.52 40.70
N PHE C 906 8.94 -7.29 39.52
CA PHE C 906 7.87 -8.16 39.05
C PHE C 906 8.39 -9.55 38.73
N TRP C 907 9.68 -9.66 38.40
CA TRP C 907 10.32 -10.92 38.01
C TRP C 907 11.24 -11.46 39.10
N SER C 908 12.15 -10.66 39.61
CA SER C 908 13.12 -11.11 40.60
C SER C 908 12.87 -10.54 41.99
N LEU C 909 11.79 -9.77 42.17
CA LEU C 909 11.44 -9.18 43.47
C LEU C 909 12.59 -8.36 44.04
N HIS C 910 13.26 -7.61 43.16
CA HIS C 910 14.33 -6.71 43.56
C HIS C 910 13.75 -5.32 43.86
N SER C 911 14.64 -4.33 43.99
CA SER C 911 14.26 -2.95 44.30
C SER C 911 13.57 -2.88 45.66
N SER C 912 12.92 -1.75 45.96
CA SER C 912 12.21 -1.62 47.22
C SER C 912 10.88 -0.89 47.07
N THR C 913 10.34 -0.79 45.86
CA THR C 913 9.07 -0.11 45.66
C THR C 913 7.85 -0.98 45.94
N TYR C 914 8.06 -2.28 46.19
CA TYR C 914 6.95 -3.17 46.47
C TYR C 914 6.44 -2.96 47.90
N TYR C 915 5.30 -3.58 48.19
CA TYR C 915 4.55 -3.40 49.44
C TYR C 915 4.14 -1.96 49.67
N ASN C 916 4.29 -1.10 48.66
CA ASN C 916 3.87 0.30 48.72
C ASN C 916 2.79 0.50 47.68
N LEU C 917 1.55 0.24 48.07
CA LEU C 917 0.43 0.41 47.17
C LEU C 917 0.10 1.87 46.93
N ASP C 918 0.69 2.79 47.70
CA ASP C 918 0.57 4.21 47.39
C ASP C 918 1.31 4.54 46.10
N TYR C 919 2.57 4.09 45.99
CA TYR C 919 3.39 4.38 44.83
C TYR C 919 3.10 3.47 43.65
N LEU C 920 2.40 2.36 43.87
CA LEU C 920 2.13 1.39 42.82
C LEU C 920 0.75 1.53 42.20
N PHE C 921 -0.28 1.76 43.01
CA PHE C 921 -1.63 1.92 42.48
C PHE C 921 -1.72 3.14 41.57
N GLU C 922 -1.10 4.25 41.96
CA GLU C 922 -1.07 5.43 41.10
C GLU C 922 -0.20 5.19 39.87
N LEU C 923 0.88 4.43 40.01
CA LEU C 923 1.73 4.11 38.86
C LEU C 923 0.96 3.28 37.83
N ILE C 924 0.15 2.33 38.29
CA ILE C 924 -0.64 1.50 37.38
C ILE C 924 -1.58 2.38 36.57
N GLU C 925 -2.28 3.30 37.23
CA GLU C 925 -3.20 4.19 36.53
C GLU C 925 -2.48 5.06 35.52
N LEU C 926 -1.32 5.59 35.89
CA LEU C 926 -0.57 6.45 34.97
C LEU C 926 -0.11 5.71 33.73
N VAL C 927 -0.02 4.39 33.79
CA VAL C 927 0.37 3.57 32.64
C VAL C 927 -0.79 2.72 32.12
N THR C 928 -1.94 2.72 32.82
CA THR C 928 -3.15 1.96 32.51
C THR C 928 -2.92 0.46 32.72
N PRO C 929 -3.92 -0.28 33.19
CA PRO C 929 -3.73 -1.72 33.41
C PRO C 929 -3.36 -2.49 32.15
N LYS C 930 -3.82 -2.04 30.98
CA LYS C 930 -3.49 -2.72 29.74
C LYS C 930 -1.98 -2.69 29.50
N SER C 931 -1.41 -1.48 29.36
CA SER C 931 0.02 -1.37 29.10
C SER C 931 0.85 -1.89 30.27
N PHE C 932 0.32 -1.80 31.49
CA PHE C 932 1.04 -2.32 32.65
C PHE C 932 1.20 -3.83 32.54
N LEU C 933 0.10 -4.54 32.24
CA LEU C 933 0.16 -5.99 32.13
C LEU C 933 0.80 -6.44 30.82
N PHE C 934 0.59 -5.69 29.73
CA PHE C 934 1.14 -6.10 28.44
C PHE C 934 2.66 -6.02 28.43
N ASP C 935 3.23 -4.99 29.04
CA ASP C 935 4.67 -4.78 29.00
C ASP C 935 5.42 -5.70 29.96
N VAL C 936 4.72 -6.41 30.84
CA VAL C 936 5.37 -7.29 31.80
C VAL C 936 5.13 -8.77 31.51
N LEU C 937 3.94 -9.14 31.03
CA LEU C 937 3.64 -10.55 30.81
C LEU C 937 4.48 -11.14 29.68
N LYS C 938 4.58 -10.42 28.56
CA LYS C 938 5.37 -10.91 27.43
C LYS C 938 6.85 -10.61 27.58
N THR C 939 7.23 -9.66 28.43
CA THR C 939 8.64 -9.43 28.71
C THR C 939 9.20 -10.44 29.70
N LEU C 940 8.33 -11.11 30.47
CA LEU C 940 8.80 -12.13 31.41
C LEU C 940 9.49 -13.28 30.69
N GLU C 941 8.98 -13.67 29.52
CA GLU C 941 9.56 -14.80 28.79
C GLU C 941 11.01 -14.54 28.42
N TYR C 942 11.33 -13.32 28.00
CA TYR C 942 12.70 -13.00 27.63
C TYR C 942 13.65 -13.17 28.81
N LYS C 943 13.24 -12.71 29.99
CA LYS C 943 14.05 -12.90 31.18
C LYS C 943 14.07 -14.38 31.58
N LEU C 944 12.95 -15.08 31.43
CA LEU C 944 12.88 -16.48 31.84
C LEU C 944 13.67 -17.38 30.89
N ALA C 945 13.69 -17.07 29.60
CA ALA C 945 14.38 -17.91 28.64
C ALA C 945 15.90 -17.84 28.77
N THR C 946 16.43 -16.76 29.34
CA THR C 946 17.87 -16.56 29.43
C THR C 946 18.42 -16.79 30.84
N TYR C 947 17.87 -16.11 31.84
CA TYR C 947 18.42 -16.21 33.19
C TYR C 947 17.95 -17.46 33.92
N GLY C 948 16.64 -17.63 34.03
CA GLY C 948 16.06 -18.75 34.74
C GLY C 948 15.34 -18.30 36.01
N VAL C 949 14.78 -19.29 36.70
CA VAL C 949 14.01 -19.03 37.91
C VAL C 949 14.96 -18.76 39.07
N PRO C 950 14.85 -17.62 39.74
CA PRO C 950 15.71 -17.36 40.89
C PRO C 950 15.32 -18.22 42.08
N GLY C 951 16.29 -18.39 42.99
CA GLY C 951 16.10 -19.18 44.18
C GLY C 951 16.35 -20.66 44.02
N SER C 952 16.61 -21.13 42.80
CA SER C 952 16.91 -22.52 42.54
C SER C 952 18.18 -22.63 41.72
N GLU C 953 19.09 -23.51 42.14
CA GLU C 953 20.34 -23.72 41.43
C GLU C 953 20.23 -24.76 40.33
N ASN C 954 19.06 -25.36 40.14
CA ASN C 954 18.85 -26.38 39.11
C ASN C 954 17.70 -25.95 38.21
N LYS C 955 17.91 -26.03 36.91
CA LYS C 955 16.88 -25.67 35.93
C LYS C 955 16.09 -26.91 35.52
N ARG C 956 15.47 -27.54 36.52
CA ARG C 956 14.71 -28.77 36.33
C ARG C 956 13.31 -28.60 36.90
N GLY C 957 12.31 -28.94 36.12
CA GLY C 957 10.93 -28.90 36.57
C GLY C 957 10.28 -27.54 36.40
N SER C 958 8.96 -27.54 36.30
CA SER C 958 8.17 -26.34 36.20
C SER C 958 7.47 -25.97 37.51
N LEU C 959 7.54 -26.83 38.53
CA LEU C 959 6.93 -26.52 39.82
C LEU C 959 7.61 -25.32 40.47
N ASP C 960 8.93 -25.22 40.32
CA ASP C 960 9.64 -24.08 40.89
C ASP C 960 9.20 -22.77 40.24
N SER C 961 8.99 -22.79 38.92
CA SER C 961 8.46 -21.61 38.24
C SER C 961 6.99 -21.39 38.52
N GLU C 962 6.26 -22.42 38.95
CA GLU C 962 4.84 -22.28 39.23
C GLU C 962 4.60 -21.32 40.39
N HIS C 963 5.40 -21.43 41.46
CA HIS C 963 5.21 -20.55 42.61
C HIS C 963 5.60 -19.12 42.29
N VAL C 964 6.57 -18.92 41.38
CA VAL C 964 6.93 -17.57 40.95
C VAL C 964 5.76 -16.91 40.25
N PHE C 965 5.04 -17.66 39.41
CA PHE C 965 3.85 -17.13 38.76
C PHE C 965 2.76 -16.81 39.77
N ASP C 966 2.70 -17.57 40.87
CA ASP C 966 1.67 -17.31 41.89
C ASP C 966 1.85 -15.94 42.53
N TYR C 967 3.09 -15.46 42.63
CA TYR C 967 3.33 -14.13 43.20
C TYR C 967 2.69 -13.06 42.35
N PHE C 968 2.77 -13.19 41.02
CA PHE C 968 2.23 -12.16 40.13
C PHE C 968 0.71 -12.21 40.07
N PHE C 969 0.14 -13.42 40.04
CA PHE C 969 -1.31 -13.54 39.92
C PHE C 969 -2.03 -13.24 41.24
N TYR C 970 -1.41 -13.54 42.38
CA TYR C 970 -2.02 -13.22 43.66
C TYR C 970 -2.07 -11.71 43.90
N PHE C 971 -1.06 -10.98 43.44
CA PHE C 971 -1.07 -9.53 43.58
C PHE C 971 -2.20 -8.90 42.77
N LEU C 972 -2.45 -9.42 41.56
CA LEU C 972 -3.49 -8.85 40.72
C LEU C 972 -4.88 -9.11 41.27
N VAL C 973 -5.06 -10.20 42.03
CA VAL C 973 -6.37 -10.51 42.59
C VAL C 973 -6.80 -9.43 43.58
N LEU C 974 -5.90 -9.00 44.45
CA LEU C 974 -6.26 -8.04 45.48
C LEU C 974 -6.62 -6.68 44.88
N TYR C 975 -5.93 -6.28 43.81
CA TYR C 975 -6.25 -5.03 43.15
C TYR C 975 -7.63 -5.05 42.51
N ASP C 976 -8.25 -6.21 42.39
CA ASP C 976 -9.59 -6.34 41.81
C ASP C 976 -10.67 -6.58 42.86
N VAL C 977 -10.46 -7.53 43.78
CA VAL C 977 -11.42 -7.84 44.82
C VAL C 977 -11.13 -6.99 46.04
N LYS C 978 -12.16 -6.32 46.56
CA LYS C 978 -12.01 -5.39 47.68
C LYS C 978 -12.77 -5.77 48.93
N THR C 979 -13.76 -6.66 48.85
CA THR C 979 -14.56 -6.99 50.02
C THR C 979 -14.76 -8.49 50.15
N ALA C 980 -15.64 -8.91 51.06
CA ALA C 980 -15.83 -10.33 51.36
C ALA C 980 -16.81 -11.00 50.41
N GLU C 981 -18.05 -10.49 50.35
CA GLU C 981 -19.06 -11.11 49.51
C GLU C 981 -18.80 -10.89 48.02
N GLU C 982 -17.94 -9.94 47.66
CA GLU C 982 -17.66 -9.68 46.26
C GLU C 982 -17.06 -10.89 45.56
N ALA C 983 -16.22 -11.66 46.27
CA ALA C 983 -15.57 -12.82 45.66
C ALA C 983 -16.59 -13.86 45.21
N SER C 984 -17.63 -14.08 46.01
CA SER C 984 -18.64 -15.08 45.67
C SER C 984 -19.41 -14.71 44.40
N GLN C 985 -19.34 -13.47 43.95
CA GLN C 985 -20.04 -13.05 42.75
C GLN C 985 -19.14 -12.98 41.52
N LEU C 986 -17.83 -12.81 41.72
CA LEU C 986 -16.91 -12.84 40.58
C LEU C 986 -16.68 -14.25 40.04
N ILE C 987 -16.89 -15.27 40.88
CA ILE C 987 -16.78 -16.64 40.38
C ILE C 987 -17.88 -16.94 39.38
N GLU C 988 -19.07 -16.35 39.59
CA GLU C 988 -20.16 -16.53 38.64
C GLU C 988 -19.96 -15.71 37.37
N TYR C 989 -19.23 -14.61 37.45
CA TYR C 989 -18.92 -13.84 36.25
C TYR C 989 -18.04 -14.64 35.30
N MET C 990 -17.05 -15.36 35.85
CA MET C 990 -16.18 -16.18 35.01
C MET C 990 -16.90 -17.40 34.45
N GLU C 991 -17.81 -17.98 35.22
CA GLU C 991 -18.47 -19.22 34.82
C GLU C 991 -19.40 -19.03 33.61
N ASN C 992 -19.75 -17.79 33.27
CA ASN C 992 -20.61 -17.54 32.13
C ASN C 992 -19.78 -17.35 30.86
N ASN C 1078 -24.61 -8.79 34.93
CA ASN C 1078 -24.66 -7.39 34.51
C ASN C 1078 -24.14 -6.47 35.60
N LYS C 1079 -24.72 -6.59 36.80
CA LYS C 1079 -24.37 -5.69 37.90
C LYS C 1079 -22.94 -5.87 38.38
N ILE C 1080 -22.31 -6.99 38.06
CA ILE C 1080 -20.99 -7.29 38.64
C ILE C 1080 -19.92 -6.40 38.01
N SER C 1081 -19.81 -6.43 36.68
CA SER C 1081 -18.74 -5.72 36.00
C SER C 1081 -18.93 -4.21 35.98
N ILE C 1082 -20.09 -3.72 36.40
CA ILE C 1082 -20.32 -2.27 36.48
C ILE C 1082 -19.36 -1.64 37.48
N LEU C 1083 -19.17 -2.28 38.63
CA LEU C 1083 -18.33 -1.72 39.68
C LEU C 1083 -16.83 -1.87 39.39
N LYS C 1084 -16.46 -2.73 38.45
CA LYS C 1084 -15.07 -3.10 38.21
C LYS C 1084 -14.70 -2.90 36.75
N ARG C 1085 -15.02 -1.72 36.22
CA ARG C 1085 -14.75 -1.42 34.81
C ARG C 1085 -13.28 -1.57 34.48
N HIS C 1086 -12.40 -1.15 35.38
CA HIS C 1086 -10.96 -1.14 35.12
C HIS C 1086 -10.24 -2.35 35.71
N SER C 1087 -10.98 -3.35 36.17
CA SER C 1087 -10.36 -4.54 36.74
C SER C 1087 -9.70 -5.39 35.65
N PHE C 1088 -8.70 -6.18 36.08
CA PHE C 1088 -8.09 -7.14 35.16
C PHE C 1088 -9.05 -8.26 34.81
N ALA C 1089 -9.91 -8.66 35.74
CA ALA C 1089 -10.82 -9.77 35.51
C ALA C 1089 -11.72 -9.52 34.31
N VAL C 1090 -12.17 -8.26 34.13
CA VAL C 1090 -12.97 -7.92 32.97
C VAL C 1090 -12.15 -8.07 31.69
N LEU C 1091 -10.91 -7.59 31.72
CA LEU C 1091 -10.06 -7.66 30.52
C LEU C 1091 -9.76 -9.11 30.15
N LEU C 1092 -9.48 -9.95 31.13
CA LEU C 1092 -9.20 -11.36 30.85
C LEU C 1092 -10.45 -12.08 30.32
N HIS C 1093 -11.62 -11.78 30.89
CA HIS C 1093 -12.83 -12.49 30.49
C HIS C 1093 -13.33 -12.05 29.13
N GLU C 1094 -13.20 -10.75 28.82
CA GLU C 1094 -13.69 -10.27 27.53
C GLU C 1094 -12.87 -10.84 26.37
N ARG C 1095 -11.58 -11.09 26.58
CA ARG C 1095 -10.77 -11.72 25.54
C ARG C 1095 -11.02 -13.21 25.47
N LYS C 1096 -11.39 -13.84 26.59
CA LYS C 1096 -11.64 -15.28 26.59
C LYS C 1096 -12.83 -15.63 25.70
N LEU C 1097 -13.91 -14.86 25.80
CA LEU C 1097 -15.09 -15.13 24.98
C LEU C 1097 -14.84 -14.77 23.52
N LEU C 1098 -14.10 -13.68 23.27
CA LEU C 1098 -13.89 -13.23 21.91
C LEU C 1098 -13.05 -14.22 21.11
N ASN C 1099 -11.96 -14.72 21.69
CA ASN C 1099 -11.11 -15.65 20.95
C ASN C 1099 -11.77 -17.02 20.79
N ASP C 1100 -12.67 -17.38 21.72
CA ASP C 1100 -13.43 -18.62 21.56
C ASP C 1100 -14.34 -18.54 20.35
N LEU C 1101 -14.85 -17.35 20.04
CA LEU C 1101 -15.65 -17.17 18.84
C LEU C 1101 -14.83 -17.45 17.59
N ALA C 1102 -13.57 -16.99 17.56
CA ALA C 1102 -12.71 -17.27 16.42
C ALA C 1102 -12.38 -18.75 16.32
N LEU C 1103 -12.41 -19.46 17.46
CA LEU C 1103 -12.18 -20.90 17.43
C LEU C 1103 -13.24 -21.61 16.61
N GLU C 1104 -14.50 -21.20 16.74
CA GLU C 1104 -15.55 -21.76 15.89
C GLU C 1104 -15.30 -21.42 14.43
N ASN C 1105 -14.88 -20.19 14.14
CA ASN C 1105 -14.57 -19.77 12.78
C ASN C 1105 -13.18 -20.18 12.33
N GLY C 1106 -12.31 -20.59 13.25
CA GLY C 1106 -11.01 -21.14 12.89
C GLY C 1106 -10.01 -20.20 12.25
N GLU C 1107 -9.90 -18.97 12.76
CA GLU C 1107 -8.86 -18.05 12.34
C GLU C 1107 -7.65 -18.06 13.28
N ILE C 1108 -7.69 -18.84 14.35
CA ILE C 1108 -6.62 -18.88 15.34
C ILE C 1108 -6.20 -20.34 15.52
N THR C 1109 -4.89 -20.57 15.60
CA THR C 1109 -4.37 -21.90 15.83
C THR C 1109 -4.80 -22.41 17.21
N LYS C 1110 -4.99 -23.72 17.32
CA LYS C 1110 -5.44 -24.30 18.58
C LYS C 1110 -4.41 -24.12 19.68
N THR C 1111 -3.12 -24.11 19.34
CA THR C 1111 -2.09 -23.92 20.36
C THR C 1111 -2.18 -22.54 20.99
N GLU C 1112 -2.43 -21.50 20.19
CA GLU C 1112 -2.52 -20.15 20.73
C GLU C 1112 -3.71 -20.01 21.66
N ASN C 1113 -4.86 -20.60 21.31
CA ASN C 1113 -6.03 -20.54 22.18
C ASN C 1113 -5.78 -21.26 23.49
N GLU C 1114 -5.08 -22.39 23.45
CA GLU C 1114 -4.79 -23.13 24.67
C GLU C 1114 -3.89 -22.34 25.60
N LYS C 1115 -2.97 -21.55 25.05
CA LYS C 1115 -2.07 -20.76 25.87
C LYS C 1115 -2.82 -19.69 26.67
N PHE C 1116 -3.77 -19.01 26.01
CA PHE C 1116 -4.46 -17.90 26.68
C PHE C 1116 -5.34 -18.40 27.82
N ILE C 1117 -6.05 -19.51 27.62
CA ILE C 1117 -6.93 -20.01 28.67
C ILE C 1117 -6.13 -20.48 29.88
N SER C 1118 -4.85 -20.80 29.69
CA SER C 1118 -4.01 -21.20 30.81
C SER C 1118 -3.87 -20.06 31.81
N TYR C 1119 -3.72 -18.83 31.33
CA TYR C 1119 -3.71 -17.67 32.23
C TYR C 1119 -5.06 -17.50 32.91
N HIS C 1120 -6.14 -17.70 32.17
CA HIS C 1120 -7.48 -17.45 32.71
C HIS C 1120 -7.84 -18.44 33.82
N ASP C 1121 -7.61 -19.74 33.58
CA ASP C 1121 -7.99 -20.73 34.57
C ASP C 1121 -7.15 -20.62 35.83
N LYS C 1122 -5.88 -20.21 35.70
CA LYS C 1122 -5.05 -19.98 36.87
C LYS C 1122 -5.61 -18.86 37.74
N TYR C 1123 -6.10 -17.79 37.10
CA TYR C 1123 -6.74 -16.70 37.84
C TYR C 1123 -7.97 -17.19 38.59
N LEU C 1124 -8.81 -18.00 37.94
CA LEU C 1124 -9.99 -18.55 38.60
C LEU C 1124 -9.59 -19.53 39.70
N CYS C 1125 -8.59 -20.37 39.45
CA CYS C 1125 -8.24 -21.43 40.38
C CYS C 1125 -7.83 -20.87 41.74
N MET C 1126 -7.01 -19.81 41.73
CA MET C 1126 -6.64 -19.18 43.00
C MET C 1126 -7.80 -18.38 43.57
N LEU C 1127 -8.67 -17.84 42.71
CA LEU C 1127 -9.84 -17.11 43.19
C LEU C 1127 -10.78 -18.02 43.96
N LYS C 1128 -11.01 -19.23 43.46
CA LYS C 1128 -11.96 -20.13 44.09
C LYS C 1128 -11.39 -20.81 45.34
N THR C 1129 -10.09 -21.09 45.37
CA THR C 1129 -9.51 -21.79 46.51
C THR C 1129 -9.20 -20.87 47.68
N CYS C 1130 -9.14 -19.57 47.44
CA CYS C 1130 -8.83 -18.59 48.49
C CYS C 1130 -10.08 -17.79 48.81
N VAL C 1131 -10.31 -17.57 50.10
CA VAL C 1131 -11.45 -16.80 50.57
C VAL C 1131 -11.08 -15.33 50.62
N PHE C 1132 -11.93 -14.49 50.07
CA PHE C 1132 -11.69 -13.05 50.04
C PHE C 1132 -12.83 -12.30 50.73
N MET D 834 14.34 -55.60 -31.71
CA MET D 834 14.56 -54.19 -31.98
C MET D 834 13.81 -53.76 -33.24
N GLN D 835 13.82 -54.59 -34.28
CA GLN D 835 13.07 -54.27 -35.49
C GLN D 835 11.58 -54.11 -35.19
N LEU D 836 11.04 -55.05 -34.42
CA LEU D 836 9.61 -55.00 -34.08
C LEU D 836 9.30 -53.79 -33.21
N VAL D 837 10.18 -53.45 -32.28
CA VAL D 837 9.93 -52.31 -31.40
C VAL D 837 9.93 -51.00 -32.20
N VAL D 838 10.91 -50.84 -33.09
CA VAL D 838 10.94 -49.62 -33.90
C VAL D 838 9.76 -49.58 -34.85
N LEU D 839 9.36 -50.73 -35.40
CA LEU D 839 8.18 -50.78 -36.25
C LEU D 839 6.92 -50.38 -35.48
N THR D 840 6.79 -50.85 -34.24
CA THR D 840 5.65 -50.48 -33.41
C THR D 840 5.65 -48.98 -33.10
N ASP D 841 6.83 -48.43 -32.83
CA ASP D 841 6.92 -46.99 -32.59
C ASP D 841 6.52 -46.19 -33.83
N VAL D 842 6.97 -46.64 -35.01
CA VAL D 842 6.60 -45.98 -36.26
C VAL D 842 5.10 -46.07 -36.48
N VAL D 843 4.50 -47.24 -36.22
CA VAL D 843 3.07 -47.42 -36.40
C VAL D 843 2.29 -46.52 -35.45
N GLU D 844 2.74 -46.42 -34.19
CA GLU D 844 2.07 -45.54 -33.24
C GLU D 844 2.17 -44.08 -33.66
N ARG D 845 3.34 -43.66 -34.14
CA ARG D 845 3.49 -42.29 -34.60
C ARG D 845 2.61 -42.01 -35.81
N LEU D 846 2.51 -42.98 -36.73
CA LEU D 846 1.63 -42.83 -37.88
C LEU D 846 0.17 -42.72 -37.45
N HIS D 847 -0.26 -43.57 -36.52
CA HIS D 847 -1.62 -43.49 -36.02
C HIS D 847 -1.90 -42.15 -35.36
N LYS D 848 -0.90 -41.62 -34.65
CA LYS D 848 -1.03 -40.27 -34.10
C LYS D 848 -1.11 -39.21 -35.19
N ASN D 849 -0.46 -39.44 -36.33
CA ASN D 849 -0.37 -38.44 -37.39
C ASN D 849 -1.23 -38.74 -38.61
N PHE D 850 -1.77 -39.96 -38.74
CA PHE D 850 -2.54 -40.31 -39.92
C PHE D 850 -3.97 -40.73 -39.54
N GLU D 851 -4.63 -39.93 -38.72
CA GLU D 851 -5.99 -40.27 -38.29
C GLU D 851 -6.98 -40.02 -39.42
N SER D 852 -7.16 -41.03 -40.28
CA SER D 852 -8.06 -40.93 -41.42
C SER D 852 -8.74 -42.27 -41.63
N GLU D 853 -9.88 -42.23 -42.32
CA GLU D 853 -10.66 -43.45 -42.56
C GLU D 853 -10.07 -44.33 -43.66
N ASN D 854 -9.13 -43.82 -44.45
CA ASN D 854 -8.50 -44.60 -45.51
C ASN D 854 -7.18 -45.22 -45.07
N PHE D 855 -6.77 -45.02 -43.81
CA PHE D 855 -5.50 -45.55 -43.33
C PHE D 855 -5.64 -47.03 -43.04
N LYS D 856 -4.77 -47.84 -43.65
CA LYS D 856 -4.81 -49.28 -43.47
C LYS D 856 -3.46 -49.86 -43.87
N ILE D 857 -3.11 -50.99 -43.27
CA ILE D 857 -1.87 -51.70 -43.55
C ILE D 857 -2.21 -52.95 -44.34
N ILE D 858 -1.56 -53.11 -45.49
CA ILE D 858 -1.84 -54.23 -46.39
C ILE D 858 -0.91 -55.39 -46.09
N ALA D 859 0.40 -55.15 -46.24
CA ALA D 859 1.40 -56.19 -46.05
C ALA D 859 2.44 -55.73 -45.03
N LEU D 860 2.85 -56.64 -44.16
CA LEU D 860 3.86 -56.37 -43.14
C LEU D 860 5.09 -57.22 -43.46
N GLN D 861 6.23 -56.56 -43.61
CA GLN D 861 7.48 -57.23 -43.91
C GLN D 861 8.59 -56.68 -43.02
N PRO D 862 9.58 -57.52 -42.68
CA PRO D 862 10.69 -57.03 -41.84
C PRO D 862 11.50 -55.93 -42.49
N ASN D 863 11.57 -55.89 -43.83
CA ASN D 863 12.42 -54.93 -44.52
C ASN D 863 11.65 -53.85 -45.28
N GLU D 864 10.33 -53.95 -45.35
CA GLU D 864 9.55 -52.94 -46.06
C GLU D 864 8.15 -52.85 -45.44
N ILE D 865 7.51 -51.71 -45.66
CA ILE D 865 6.17 -51.44 -45.15
C ILE D 865 5.25 -51.19 -46.34
N SER D 866 4.13 -51.91 -46.37
CA SER D 866 3.12 -51.76 -47.42
C SER D 866 1.80 -51.41 -46.76
N PHE D 867 1.48 -50.12 -46.73
CA PHE D 867 0.25 -49.63 -46.12
C PHE D 867 -0.48 -48.70 -47.09
N LYS D 868 -1.80 -48.65 -46.93
CA LYS D 868 -2.66 -47.83 -47.78
C LYS D 868 -3.31 -46.74 -46.95
N TYR D 869 -3.18 -45.49 -47.39
CA TYR D 869 -3.82 -44.37 -46.74
C TYR D 869 -4.64 -43.50 -47.69
N LEU D 870 -4.67 -43.84 -48.98
CA LEU D 870 -5.45 -43.13 -49.97
C LEU D 870 -6.74 -43.90 -50.26
N SER D 871 -7.49 -43.43 -51.26
CA SER D 871 -8.76 -44.04 -51.64
C SER D 871 -8.62 -44.99 -52.82
N ASN D 872 -7.47 -45.65 -52.96
CA ASN D 872 -7.28 -46.61 -54.04
C ASN D 872 -8.12 -47.86 -53.78
N ASN D 873 -8.85 -48.29 -54.81
CA ASN D 873 -9.76 -49.41 -54.65
C ASN D 873 -9.05 -50.76 -54.59
N ASP D 874 -7.87 -50.87 -55.21
CA ASP D 874 -7.19 -52.16 -55.28
C ASP D 874 -6.70 -52.55 -53.89
N GLU D 875 -6.93 -53.80 -53.51
CA GLU D 875 -6.60 -54.24 -52.16
C GLU D 875 -5.11 -54.45 -51.98
N ASP D 876 -4.45 -55.09 -52.95
CA ASP D 876 -3.04 -55.43 -52.82
C ASP D 876 -2.10 -54.33 -53.32
N ASP D 877 -2.64 -53.24 -53.85
CA ASP D 877 -1.81 -52.14 -54.32
C ASP D 877 -1.42 -51.26 -53.15
N LYS D 878 -0.12 -51.15 -52.89
CA LYS D 878 0.39 -50.36 -51.78
C LYS D 878 0.55 -48.90 -52.23
N ASP D 879 -0.22 -48.01 -51.62
CA ASP D 879 -0.14 -46.59 -51.98
C ASP D 879 1.23 -46.02 -51.64
N CYS D 880 1.75 -46.35 -50.46
CA CYS D 880 3.06 -45.88 -50.02
C CYS D 880 3.89 -47.06 -49.55
N THR D 881 5.15 -47.11 -50.00
CA THR D 881 6.09 -48.15 -49.61
C THR D 881 7.21 -47.52 -48.80
N ILE D 882 7.43 -48.05 -47.60
CA ILE D 882 8.49 -47.57 -46.71
C ILE D 882 9.46 -48.71 -46.48
N LYS D 883 10.72 -48.52 -46.88
CA LYS D 883 11.75 -49.53 -46.69
C LYS D 883 12.35 -49.40 -45.30
N ILE D 884 12.55 -50.55 -44.65
CA ILE D 884 13.04 -50.59 -43.28
C ILE D 884 14.53 -50.91 -43.31
N SER D 885 15.34 -49.97 -42.84
CA SER D 885 16.79 -50.15 -42.69
C SER D 885 17.09 -49.96 -41.21
N THR D 886 17.19 -51.07 -40.48
CA THR D 886 17.31 -51.03 -39.03
C THR D 886 18.77 -51.12 -38.58
N ASN D 887 19.09 -50.42 -37.51
CA ASN D 887 20.40 -50.43 -36.88
C ASN D 887 20.26 -51.06 -35.49
N ASP D 888 21.36 -51.03 -34.73
CA ASP D 888 21.36 -51.63 -33.40
C ASP D 888 20.40 -50.95 -32.44
N ASP D 889 20.00 -49.71 -32.72
CA ASP D 889 19.10 -48.98 -31.82
C ASP D 889 17.84 -48.43 -32.48
N SER D 890 17.88 -48.09 -33.77
CA SER D 890 16.72 -47.53 -34.45
C SER D 890 16.90 -47.73 -35.94
N ILE D 891 15.91 -47.27 -36.70
CA ILE D 891 15.98 -47.35 -38.16
C ILE D 891 16.96 -46.30 -38.66
N LYS D 892 17.91 -46.74 -39.49
CA LYS D 892 18.91 -45.82 -40.03
C LYS D 892 18.27 -44.77 -40.93
N ASN D 893 17.39 -45.21 -41.83
CA ASN D 893 16.75 -44.30 -42.77
C ASN D 893 15.39 -44.87 -43.15
N LEU D 894 14.40 -43.99 -43.26
CA LEU D 894 13.04 -44.36 -43.68
C LEU D 894 12.81 -43.77 -45.07
N THR D 895 13.11 -44.57 -46.10
CA THR D 895 12.93 -44.13 -47.47
C THR D 895 11.49 -44.36 -47.90
N VAL D 896 10.85 -43.31 -48.41
CA VAL D 896 9.46 -43.37 -48.85
C VAL D 896 9.44 -43.70 -50.34
N GLN D 897 8.78 -44.81 -50.68
CA GLN D 897 8.60 -45.23 -52.05
C GLN D 897 7.11 -45.21 -52.38
N LEU D 898 6.77 -44.75 -53.58
CA LEU D 898 5.39 -44.54 -53.98
C LEU D 898 5.10 -45.30 -55.27
N SER D 899 3.94 -45.92 -55.33
CA SER D 899 3.58 -46.77 -56.47
C SER D 899 3.41 -45.93 -57.73
N PRO D 900 3.78 -46.48 -58.89
CA PRO D 900 3.54 -45.74 -60.15
C PRO D 900 2.07 -45.41 -60.39
N SER D 901 1.16 -46.32 -60.00
CA SER D 901 -0.26 -45.99 -60.10
C SER D 901 -0.63 -44.85 -59.17
N ASN D 902 0.01 -44.79 -58.01
CA ASN D 902 -0.19 -43.68 -57.10
C ASN D 902 0.32 -42.39 -57.74
N PRO D 903 -0.49 -41.33 -57.82
CA PRO D 903 -0.03 -40.09 -58.46
C PRO D 903 1.07 -39.38 -57.70
N GLN D 904 1.42 -39.83 -56.50
CA GLN D 904 2.42 -39.17 -55.67
C GLN D 904 3.84 -39.51 -56.06
N HIS D 905 4.04 -40.41 -57.02
CA HIS D 905 5.38 -40.90 -57.37
C HIS D 905 6.28 -39.82 -57.97
N ILE D 906 5.72 -38.68 -58.39
CA ILE D 906 6.55 -37.63 -59.00
C ILE D 906 7.39 -36.88 -57.98
N ILE D 907 7.09 -37.02 -56.69
CA ILE D 907 7.87 -36.38 -55.63
C ILE D 907 8.93 -37.32 -55.06
N GLN D 908 9.07 -38.52 -55.64
CA GLN D 908 10.01 -39.51 -55.12
C GLN D 908 11.46 -39.01 -55.07
N PRO D 909 12.03 -38.45 -56.14
CA PRO D 909 13.44 -38.04 -56.05
C PRO D 909 13.71 -36.98 -54.98
N PHE D 910 12.77 -36.04 -54.78
CA PHE D 910 12.99 -35.00 -53.79
C PHE D 910 12.96 -35.57 -52.37
N LEU D 911 12.07 -36.54 -52.13
CA LEU D 911 12.08 -37.23 -50.84
C LEU D 911 13.36 -38.03 -50.66
N ASP D 912 13.85 -38.65 -51.74
CA ASP D 912 15.03 -39.49 -51.63
C ASP D 912 16.28 -38.66 -51.33
N ASN D 913 16.46 -37.52 -52.01
CA ASN D 913 17.69 -36.75 -51.87
C ASN D 913 17.68 -35.84 -50.66
N SER D 914 16.55 -35.65 -49.99
CA SER D 914 16.45 -34.76 -48.85
C SER D 914 16.27 -35.57 -47.57
N LYS D 915 17.11 -35.28 -46.58
CA LYS D 915 17.03 -35.96 -45.28
C LYS D 915 16.19 -35.10 -44.34
N MET D 916 14.89 -35.15 -44.55
CA MET D 916 13.93 -34.44 -43.71
C MET D 916 13.38 -35.37 -42.64
N ASP D 917 12.76 -34.77 -41.62
CA ASP D 917 12.17 -35.56 -40.55
C ASP D 917 11.04 -36.42 -41.09
N TYR D 918 11.01 -37.68 -40.64
CA TYR D 918 9.97 -38.61 -41.10
C TYR D 918 8.59 -38.14 -40.68
N HIS D 919 8.47 -37.59 -39.47
CA HIS D 919 7.20 -37.03 -39.03
C HIS D 919 6.77 -35.88 -39.93
N PHE D 920 7.71 -35.03 -40.34
CA PHE D 920 7.40 -33.93 -41.26
C PHE D 920 6.96 -34.48 -42.61
N ILE D 921 7.59 -35.55 -43.09
CA ILE D 921 7.18 -36.16 -44.35
C ILE D 921 5.76 -36.70 -44.25
N PHE D 922 5.44 -37.36 -43.13
CA PHE D 922 4.09 -37.86 -42.93
C PHE D 922 3.08 -36.73 -42.87
N SER D 923 3.45 -35.62 -42.20
CA SER D 923 2.56 -34.47 -42.14
C SER D 923 2.31 -33.88 -43.53
N TYR D 924 3.37 -33.77 -44.33
CA TYR D 924 3.21 -33.27 -45.70
C TYR D 924 2.32 -34.19 -46.52
N LEU D 925 2.51 -35.50 -46.38
CA LEU D 925 1.70 -36.46 -47.14
C LEU D 925 0.23 -36.35 -46.75
N GLN D 926 -0.05 -36.28 -45.45
CA GLN D 926 -1.44 -36.16 -45.01
C GLN D 926 -2.04 -34.81 -45.40
N PHE D 927 -1.21 -33.77 -45.45
CA PHE D 927 -1.69 -32.44 -45.81
C PHE D 927 -1.98 -32.33 -47.30
N THR D 928 -1.25 -33.08 -48.13
CA THR D 928 -1.36 -32.97 -49.58
C THR D 928 -2.04 -34.16 -50.24
N SER D 929 -2.57 -35.10 -49.45
CA SER D 929 -3.24 -36.27 -50.04
C SER D 929 -4.44 -35.87 -50.88
N SER D 930 -5.23 -34.90 -50.40
CA SER D 930 -6.38 -34.45 -51.17
C SER D 930 -5.96 -33.79 -52.48
N LEU D 931 -4.87 -33.00 -52.44
CA LEU D 931 -4.34 -32.43 -53.67
C LEU D 931 -3.87 -33.51 -54.63
N PHE D 932 -3.23 -34.56 -54.09
CA PHE D 932 -2.80 -35.67 -54.94
C PHE D 932 -3.99 -36.37 -55.59
N LYS D 933 -5.07 -36.57 -54.83
CA LYS D 933 -6.26 -37.19 -55.42
C LYS D 933 -6.86 -36.31 -56.50
N ALA D 934 -6.93 -34.99 -56.27
CA ALA D 934 -7.49 -34.09 -57.26
C ALA D 934 -6.65 -34.09 -58.55
N LEU D 935 -5.33 -34.02 -58.41
CA LEU D 935 -4.48 -34.05 -59.60
C LEU D 935 -4.51 -35.42 -60.26
N LYS D 936 -4.75 -36.48 -59.48
CA LYS D 936 -4.94 -37.80 -60.08
C LYS D 936 -6.18 -37.83 -60.95
N VAL D 937 -7.27 -37.23 -60.48
CA VAL D 937 -8.48 -37.14 -61.30
C VAL D 937 -8.19 -36.31 -62.56
N ILE D 938 -7.47 -35.19 -62.40
CA ILE D 938 -7.17 -34.33 -63.54
C ILE D 938 -6.35 -35.10 -64.58
N LEU D 939 -5.33 -35.83 -64.15
CA LEU D 939 -4.47 -36.54 -65.10
C LEU D 939 -5.17 -37.76 -65.69
N ASN D 940 -6.07 -38.40 -64.94
CA ASN D 940 -6.82 -39.52 -65.48
C ASN D 940 -7.89 -39.07 -66.46
N GLU D 941 -8.33 -37.82 -66.37
CA GLU D 941 -9.26 -37.30 -67.38
C GLU D 941 -8.62 -37.31 -68.76
N ARG D 942 -7.36 -36.85 -68.86
CA ARG D 942 -6.65 -36.90 -70.13
C ARG D 942 -6.13 -38.30 -70.45
N GLY D 943 -5.76 -39.07 -69.42
CA GLY D 943 -5.20 -40.39 -69.62
C GLY D 943 -6.21 -41.46 -69.99
N GLY D 944 -7.48 -41.12 -70.12
CA GLY D 944 -8.46 -42.11 -70.53
C GLY D 944 -8.17 -42.66 -71.90
N LYS D 945 -8.55 -43.91 -72.12
CA LYS D 945 -8.27 -44.59 -73.37
C LYS D 945 -9.23 -44.09 -74.45
N PHE D 946 -9.19 -44.73 -75.62
CA PHE D 946 -10.01 -44.31 -76.75
C PHE D 946 -11.49 -44.43 -76.45
N HIS D 947 -12.20 -43.29 -76.43
CA HIS D 947 -13.62 -43.25 -76.16
C HIS D 947 -14.45 -43.10 -77.44
N GLU D 948 -13.87 -43.46 -78.59
CA GLU D 948 -14.56 -43.39 -79.88
C GLU D 948 -15.00 -41.97 -80.23
N SER D 949 -14.24 -40.98 -79.77
CA SER D 949 -14.52 -39.58 -80.06
C SER D 949 -13.30 -38.95 -80.72
N GLY D 950 -13.54 -38.18 -81.78
CA GLY D 950 -12.46 -37.51 -82.48
C GLY D 950 -12.09 -36.17 -81.87
N SER D 951 -12.19 -36.07 -80.55
CA SER D 951 -11.85 -34.84 -79.84
C SER D 951 -10.39 -34.88 -79.39
N GLN D 952 -9.51 -34.73 -80.38
CA GLN D 952 -8.07 -34.69 -80.12
C GLN D 952 -7.72 -33.32 -79.57
N TYR D 953 -7.87 -33.18 -78.25
CA TYR D 953 -7.61 -31.90 -77.61
C TYR D 953 -6.14 -31.52 -77.72
N SER D 954 -5.90 -30.25 -78.06
CA SER D 954 -4.53 -29.76 -78.22
C SER D 954 -3.85 -29.45 -76.90
N THR D 955 -4.56 -29.52 -75.78
CA THR D 955 -4.00 -29.20 -74.47
C THR D 955 -3.65 -30.51 -73.75
N MET D 956 -2.40 -30.62 -73.33
CA MET D 956 -1.93 -31.74 -72.52
C MET D 956 -1.53 -31.25 -71.14
N VAL D 957 -1.89 -32.03 -70.13
CA VAL D 957 -1.67 -31.68 -68.74
C VAL D 957 -0.46 -32.45 -68.22
N ASN D 958 0.54 -31.72 -67.74
CA ASN D 958 1.72 -32.32 -67.13
C ASN D 958 2.12 -31.53 -65.91
N ILE D 959 2.86 -32.19 -65.01
CA ILE D 959 3.19 -31.63 -63.71
C ILE D 959 4.60 -31.05 -63.77
N GLY D 960 4.73 -29.77 -63.41
CA GLY D 960 6.02 -29.14 -63.25
C GLY D 960 6.40 -29.10 -61.78
N LEU D 961 7.68 -29.31 -61.50
CA LEU D 961 8.17 -29.44 -60.13
C LEU D 961 9.38 -28.57 -59.94
N HIS D 962 9.38 -27.77 -58.86
CA HIS D 962 10.52 -26.97 -58.46
C HIS D 962 11.21 -27.53 -57.23
N ASN D 963 10.47 -27.73 -56.15
CA ASN D 963 11.00 -28.33 -54.93
C ASN D 963 9.82 -28.90 -54.14
N LEU D 964 10.07 -29.28 -52.89
CA LEU D 964 9.00 -29.79 -52.04
C LEU D 964 8.04 -28.71 -51.57
N ASN D 965 8.41 -27.44 -51.70
CA ASN D 965 7.54 -26.36 -51.22
C ASN D 965 6.44 -25.99 -52.21
N GLU D 966 6.56 -26.39 -53.47
CA GLU D 966 5.55 -26.03 -54.46
C GLU D 966 5.40 -27.13 -55.50
N TYR D 967 4.21 -27.20 -56.08
CA TYR D 967 3.88 -28.11 -57.17
C TYR D 967 3.18 -27.31 -58.26
N GLN D 968 3.63 -27.45 -59.49
CA GLN D 968 3.20 -26.60 -60.59
C GLN D 968 2.58 -27.43 -61.71
N ILE D 969 1.51 -26.91 -62.29
CA ILE D 969 0.81 -27.56 -63.39
C ILE D 969 0.78 -26.57 -64.56
N VAL D 970 1.27 -27.02 -65.72
CA VAL D 970 1.29 -26.21 -66.93
C VAL D 970 0.62 -27.00 -68.05
N TYR D 971 -0.20 -26.32 -68.84
CA TYR D 971 -0.98 -26.93 -69.91
C TYR D 971 -0.29 -26.66 -71.24
N TYR D 972 0.20 -27.72 -71.87
CA TYR D 972 0.95 -27.59 -73.11
C TYR D 972 0.00 -27.63 -74.30
N ASN D 973 0.04 -26.57 -75.12
CA ASN D 973 -0.75 -26.50 -76.36
C ASN D 973 0.19 -26.20 -77.51
N PRO D 974 0.73 -27.21 -78.20
CA PRO D 974 1.64 -26.94 -79.31
C PRO D 974 0.91 -26.43 -80.55
N GLN D 975 -0.35 -26.81 -80.69
CA GLN D 975 -1.13 -26.38 -81.85
C GLN D 975 -1.40 -24.87 -81.79
N ALA D 976 -1.84 -24.38 -80.63
CA ALA D 976 -2.10 -22.96 -80.46
C ALA D 976 -0.88 -22.18 -79.98
N GLY D 977 0.17 -22.86 -79.54
CA GLY D 977 1.35 -22.16 -79.05
C GLY D 977 1.10 -21.32 -77.82
N THR D 978 0.32 -21.84 -76.88
CA THR D 978 -0.04 -21.10 -75.67
C THR D 978 0.24 -21.95 -74.44
N LYS D 979 0.38 -21.29 -73.31
CA LYS D 979 0.70 -21.92 -72.04
C LYS D 979 -0.30 -21.50 -70.97
N ILE D 980 -0.65 -22.42 -70.10
CA ILE D 980 -1.58 -22.18 -68.98
C ILE D 980 -0.89 -22.70 -67.73
N THR D 981 -0.25 -21.80 -66.98
CA THR D 981 0.51 -22.16 -65.79
C THR D 981 -0.31 -21.93 -64.53
N ILE D 982 -0.37 -22.94 -63.67
CA ILE D 982 -1.02 -22.85 -62.37
C ILE D 982 -0.03 -23.33 -61.34
N CYS D 983 0.45 -22.43 -60.50
CA CYS D 983 1.43 -22.75 -59.47
C CYS D 983 0.76 -22.87 -58.11
N ILE D 984 1.17 -23.88 -57.35
CA ILE D 984 0.62 -24.15 -56.03
C ILE D 984 1.79 -24.16 -55.05
N GLU D 985 1.94 -23.08 -54.30
CA GLU D 985 3.03 -22.94 -53.34
C GLU D 985 2.51 -23.12 -51.91
N LEU D 986 3.44 -23.33 -51.00
CA LEU D 986 3.14 -23.42 -49.57
C LEU D 986 3.62 -22.13 -48.91
N LYS D 987 2.70 -21.18 -48.74
CA LYS D 987 3.01 -19.88 -48.18
C LYS D 987 2.36 -19.73 -46.82
N THR D 988 3.09 -19.15 -45.87
CA THR D 988 2.59 -18.94 -44.52
C THR D 988 1.87 -17.61 -44.43
N VAL D 989 0.72 -17.61 -43.74
CA VAL D 989 -0.09 -16.41 -43.57
C VAL D 989 -0.45 -16.28 -42.09
N LEU D 990 -0.40 -15.07 -41.57
CA LEU D 990 -0.77 -14.82 -40.18
C LEU D 990 -2.27 -14.87 -40.01
N HIS D 991 -2.73 -15.67 -39.04
CA HIS D 991 -4.16 -15.83 -38.79
C HIS D 991 -4.40 -15.78 -37.29
N ASN D 992 -5.02 -14.70 -36.82
CA ASN D 992 -5.40 -14.54 -35.41
C ASN D 992 -4.19 -14.69 -34.49
N GLY D 993 -3.10 -14.02 -34.86
CA GLY D 993 -1.88 -14.10 -34.09
C GLY D 993 -1.09 -15.39 -34.25
N ARG D 994 -1.47 -16.24 -35.20
CA ARG D 994 -0.80 -17.51 -35.44
C ARG D 994 -0.57 -17.68 -36.94
N ASP D 995 0.57 -18.25 -37.29
CA ASP D 995 0.95 -18.43 -38.68
C ASP D 995 0.51 -19.81 -39.16
N LYS D 996 -0.20 -19.85 -40.28
CA LYS D 996 -0.70 -21.08 -40.86
C LYS D 996 -0.22 -21.21 -42.29
N ILE D 997 -0.11 -22.45 -42.77
CA ILE D 997 0.35 -22.75 -44.11
C ILE D 997 -0.84 -23.20 -44.93
N GLN D 998 -1.07 -22.53 -46.06
CA GLN D 998 -2.19 -22.83 -46.94
C GLN D 998 -1.72 -22.89 -48.37
N PHE D 999 -2.44 -23.65 -49.20
CA PHE D 999 -2.07 -23.82 -50.60
C PHE D 999 -2.37 -22.55 -51.37
N HIS D 1000 -1.34 -21.98 -52.00
CA HIS D 1000 -1.47 -20.72 -52.73
C HIS D 1000 -1.64 -21.03 -54.22
N ILE D 1001 -2.86 -21.42 -54.57
CA ILE D 1001 -3.20 -21.67 -55.97
C ILE D 1001 -3.48 -20.32 -56.65
N HIS D 1002 -2.66 -19.97 -57.62
CA HIS D 1002 -2.80 -18.68 -58.28
C HIS D 1002 -2.06 -18.71 -59.62
N PHE D 1003 -2.33 -17.71 -60.44
CA PHE D 1003 -1.58 -17.49 -61.66
C PHE D 1003 -0.30 -16.71 -61.36
N ALA D 1004 0.76 -17.06 -62.07
CA ALA D 1004 2.06 -16.47 -61.82
C ALA D 1004 2.06 -14.99 -62.23
N ASP D 1005 3.04 -14.25 -61.68
CA ASP D 1005 3.17 -12.84 -62.01
C ASP D 1005 3.49 -12.61 -63.49
N VAL D 1006 4.07 -13.61 -64.16
CA VAL D 1006 4.29 -13.50 -65.60
C VAL D 1006 2.96 -13.46 -66.34
N ALA D 1007 1.91 -14.03 -65.76
CA ALA D 1007 0.61 -14.10 -66.42
C ALA D 1007 -0.11 -12.74 -66.35
N HIS D 1008 0.60 -11.72 -66.83
CA HIS D 1008 -0.01 -10.40 -67.08
C HIS D 1008 -0.54 -10.35 -68.50
N ILE D 1009 -1.39 -11.33 -68.82
CA ILE D 1009 -1.85 -11.53 -70.18
C ILE D 1009 -2.85 -10.44 -70.55
N THR D 1010 -2.58 -9.75 -71.67
CA THR D 1010 -3.48 -8.73 -72.15
C THR D 1010 -4.70 -9.35 -72.81
N THR D 1011 -5.65 -8.49 -73.19
CA THR D 1011 -6.87 -8.95 -73.84
C THR D 1011 -6.63 -9.42 -75.28
N LYS D 1012 -5.44 -9.20 -75.82
CA LYS D 1012 -5.14 -9.49 -77.21
C LYS D 1012 -4.75 -10.95 -77.46
N SER D 1013 -4.49 -11.72 -76.41
CA SER D 1013 -4.06 -13.10 -76.60
C SER D 1013 -5.23 -13.95 -77.11
N PRO D 1014 -4.99 -14.82 -78.10
CA PRO D 1014 -6.07 -15.71 -78.56
C PRO D 1014 -6.61 -16.63 -77.49
N ALA D 1015 -5.74 -17.12 -76.59
CA ALA D 1015 -6.16 -18.01 -75.52
C ALA D 1015 -6.63 -17.27 -74.27
N TYR D 1016 -6.50 -15.93 -74.25
CA TYR D 1016 -6.88 -15.09 -73.12
C TYR D 1016 -8.31 -15.27 -72.64
N PRO D 1017 -9.29 -15.58 -73.52
CA PRO D 1017 -10.66 -15.77 -73.02
C PRO D 1017 -10.79 -16.71 -71.82
N MET D 1018 -10.10 -17.84 -71.81
CA MET D 1018 -10.33 -18.78 -70.71
C MET D 1018 -9.63 -18.33 -69.42
N MET D 1019 -8.44 -17.75 -69.51
CA MET D 1019 -7.83 -17.15 -68.33
C MET D 1019 -8.71 -16.03 -67.77
N HIS D 1020 -9.27 -15.21 -68.66
CA HIS D 1020 -10.12 -14.11 -68.22
C HIS D 1020 -11.39 -14.63 -67.56
N GLN D 1021 -11.97 -15.69 -68.11
CA GLN D 1021 -13.15 -16.30 -67.50
C GLN D 1021 -12.82 -16.86 -66.12
N VAL D 1022 -11.68 -17.52 -65.98
CA VAL D 1022 -11.27 -18.03 -64.67
C VAL D 1022 -11.09 -16.88 -63.69
N ARG D 1023 -10.43 -15.80 -64.13
CA ARG D 1023 -10.22 -14.65 -63.27
C ARG D 1023 -11.54 -14.03 -62.83
N ASN D 1024 -12.47 -13.87 -63.77
CA ASN D 1024 -13.76 -13.24 -63.45
C ASN D 1024 -14.58 -14.11 -62.50
N GLN D 1025 -14.57 -15.43 -62.72
CA GLN D 1025 -15.42 -16.31 -61.92
C GLN D 1025 -14.78 -16.77 -60.62
N VAL D 1026 -13.49 -16.49 -60.40
CA VAL D 1026 -12.86 -16.88 -59.14
C VAL D 1026 -12.29 -15.65 -58.44
N PHE D 1027 -11.34 -14.98 -59.09
CA PHE D 1027 -10.61 -13.88 -58.47
C PHE D 1027 -11.53 -12.68 -58.19
N ILE D 1049 -10.75 -17.64 -50.27
CA ILE D 1049 -10.21 -16.33 -50.01
C ILE D 1049 -9.52 -15.80 -51.25
N ARG D 1050 -10.12 -14.80 -51.89
CA ARG D 1050 -9.63 -14.23 -53.13
C ARG D 1050 -9.25 -12.77 -52.93
N LEU D 1051 -8.00 -12.43 -53.26
CA LEU D 1051 -7.51 -11.06 -53.18
C LEU D 1051 -7.21 -10.47 -54.55
N GLY D 1052 -7.69 -11.11 -55.61
CA GLY D 1052 -7.48 -10.60 -56.96
C GLY D 1052 -6.57 -11.47 -57.80
N ASN D 1053 -5.49 -11.97 -57.20
CA ASN D 1053 -4.59 -12.90 -57.88
C ASN D 1053 -4.52 -14.26 -57.19
N GLY D 1054 -4.27 -14.29 -55.89
CA GLY D 1054 -4.08 -15.56 -55.20
C GLY D 1054 -5.36 -16.13 -54.61
N VAL D 1055 -5.34 -17.45 -54.42
CA VAL D 1055 -6.43 -18.17 -53.78
C VAL D 1055 -5.87 -19.13 -52.74
N ALA D 1056 -5.88 -18.71 -51.48
CA ALA D 1056 -5.47 -19.58 -50.39
C ALA D 1056 -6.67 -20.42 -49.95
N CYS D 1057 -6.44 -21.72 -49.75
CA CYS D 1057 -7.53 -22.63 -49.49
C CYS D 1057 -7.13 -23.66 -48.44
N ASP D 1058 -8.12 -24.14 -47.70
CA ASP D 1058 -7.96 -25.20 -46.72
C ASP D 1058 -7.85 -26.54 -47.44
N PRO D 1059 -6.85 -27.37 -47.11
CA PRO D 1059 -6.71 -28.66 -47.81
C PRO D 1059 -7.95 -29.55 -47.72
N SER D 1060 -8.76 -29.40 -46.66
CA SER D 1060 -10.01 -30.14 -46.60
C SER D 1060 -11.02 -29.65 -47.63
N GLU D 1061 -10.78 -28.48 -48.24
CA GLU D 1061 -11.71 -27.92 -49.21
C GLU D 1061 -11.04 -27.62 -50.54
N ILE D 1062 -9.76 -27.99 -50.72
CA ILE D 1062 -9.10 -27.75 -51.99
C ILE D 1062 -9.68 -28.64 -53.09
N GLU D 1063 -10.04 -29.89 -52.76
CA GLU D 1063 -10.43 -30.82 -53.80
C GLU D 1063 -11.78 -30.48 -54.45
N PRO D 1064 -12.77 -29.91 -53.74
CA PRO D 1064 -13.95 -29.42 -54.49
C PRO D 1064 -13.68 -28.15 -55.27
N ILE D 1065 -12.95 -27.19 -54.68
CA ILE D 1065 -12.74 -25.92 -55.36
C ILE D 1065 -11.84 -26.08 -56.57
N LEU D 1066 -10.84 -26.97 -56.50
CA LEU D 1066 -9.99 -27.21 -57.65
C LEU D 1066 -10.80 -27.80 -58.81
N MET D 1067 -11.72 -28.72 -58.50
CA MET D 1067 -12.63 -29.21 -59.53
C MET D 1067 -13.53 -28.09 -60.05
N GLU D 1068 -13.90 -27.13 -59.18
CA GLU D 1068 -14.62 -25.96 -59.65
C GLU D 1068 -13.79 -25.17 -60.64
N ILE D 1069 -12.48 -25.02 -60.37
CA ILE D 1069 -11.58 -24.49 -61.39
C ILE D 1069 -11.52 -25.44 -62.58
N HIS D 1070 -11.42 -26.75 -62.31
CA HIS D 1070 -11.31 -27.73 -63.37
C HIS D 1070 -12.63 -27.93 -64.11
N ASN D 1071 -13.76 -27.53 -63.51
CA ASN D 1071 -15.03 -27.58 -64.22
C ASN D 1071 -15.02 -26.68 -65.44
N ILE D 1072 -14.47 -25.47 -65.29
CA ILE D 1072 -14.26 -24.61 -66.44
C ILE D 1072 -13.27 -25.25 -67.41
N LEU D 1073 -12.22 -25.87 -66.87
CA LEU D 1073 -11.24 -26.57 -67.72
C LEU D 1073 -11.85 -27.78 -68.39
N LYS D 1074 -12.89 -28.37 -67.81
CA LYS D 1074 -13.52 -29.56 -68.37
C LYS D 1074 -15.03 -29.45 -68.37
N PHE E 848 39.88 14.63 -28.01
CA PHE E 848 39.17 13.44 -28.47
C PHE E 848 39.69 13.00 -29.84
N ARG E 849 40.98 12.67 -29.90
CA ARG E 849 41.60 12.28 -31.16
C ARG E 849 41.21 10.86 -31.57
N LYS E 850 40.77 10.02 -30.64
CA LYS E 850 40.46 8.63 -30.95
C LYS E 850 39.31 8.54 -31.95
N GLU E 851 38.19 9.19 -31.65
CA GLU E 851 37.05 9.15 -32.58
C GLU E 851 37.38 9.81 -33.90
N GLU E 852 38.18 10.88 -33.87
CA GLU E 852 38.59 11.54 -35.10
C GLU E 852 39.40 10.59 -35.98
N LEU E 853 40.33 9.84 -35.39
CA LEU E 853 41.13 8.94 -36.22
C LEU E 853 40.32 7.73 -36.67
N LEU E 854 39.37 7.25 -35.85
CA LEU E 854 38.46 6.21 -36.33
C LEU E 854 37.65 6.67 -37.53
N LEU E 855 37.08 7.87 -37.48
CA LEU E 855 36.26 8.33 -38.60
C LEU E 855 37.13 8.61 -39.83
N LYS E 856 38.34 9.14 -39.63
CA LYS E 856 39.26 9.33 -40.75
C LYS E 856 39.61 8.00 -41.40
N ASP E 857 39.87 6.97 -40.57
CA ASP E 857 40.17 5.65 -41.11
C ASP E 857 38.97 5.08 -41.86
N LEU E 858 37.76 5.33 -41.36
CA LEU E 858 36.57 4.85 -42.05
C LEU E 858 36.41 5.52 -43.41
N GLU E 859 36.63 6.83 -43.48
CA GLU E 859 36.54 7.53 -44.76
C GLU E 859 37.61 7.04 -45.73
N ILE E 860 38.83 6.84 -45.24
CA ILE E 860 39.89 6.30 -46.08
C ILE E 860 39.52 4.91 -46.58
N ARG E 861 38.93 4.10 -45.69
CA ARG E 861 38.51 2.76 -46.08
C ARG E 861 37.45 2.79 -47.17
N LYS E 862 36.47 3.68 -47.05
CA LYS E 862 35.40 3.70 -48.04
C LYS E 862 35.91 4.20 -49.39
N LEU E 863 36.80 5.21 -49.39
CA LEU E 863 37.35 5.65 -50.67
C LEU E 863 38.27 4.59 -51.28
N GLU E 864 39.02 3.87 -50.44
CA GLU E 864 39.84 2.77 -50.93
C GLU E 864 38.98 1.68 -51.54
N ILE E 865 37.86 1.36 -50.90
CA ILE E 865 36.94 0.35 -51.45
C ILE E 865 36.34 0.83 -52.77
N SER E 866 36.03 2.12 -52.86
CA SER E 866 35.51 2.67 -54.10
C SER E 866 36.51 2.48 -55.24
N SER E 867 37.76 2.92 -55.02
CA SER E 867 38.80 2.72 -56.03
C SER E 867 39.00 1.24 -56.31
N ARG E 868 38.89 0.40 -55.27
CA ARG E 868 39.10 -1.03 -55.41
C ARG E 868 38.10 -1.63 -56.39
N PHE E 869 36.81 -1.36 -56.20
CA PHE E 869 35.85 -2.02 -57.06
C PHE E 869 35.82 -1.38 -58.45
N LYS E 870 36.08 -0.06 -58.55
CA LYS E 870 36.11 0.54 -59.89
C LYS E 870 37.28 0.00 -60.70
N HIS E 871 38.40 -0.33 -60.05
CA HIS E 871 39.52 -0.94 -60.76
C HIS E 871 39.25 -2.42 -61.03
N ARG E 872 38.59 -3.11 -60.09
CA ARG E 872 38.35 -4.53 -60.22
C ARG E 872 37.36 -4.85 -61.33
N GLN E 873 36.31 -4.02 -61.47
CA GLN E 873 35.30 -4.29 -62.47
C GLN E 873 35.86 -4.21 -63.88
N GLU E 874 36.97 -3.50 -64.07
CA GLU E 874 37.56 -3.39 -65.39
C GLU E 874 38.74 -4.33 -65.60
N ILE E 875 39.51 -4.65 -64.55
CA ILE E 875 40.66 -5.53 -64.75
C ILE E 875 40.22 -6.96 -65.05
N PHE E 876 39.16 -7.43 -64.40
CA PHE E 876 38.68 -8.79 -64.58
C PHE E 876 37.26 -8.81 -65.12
N LYS E 877 36.97 -7.93 -66.08
CA LYS E 877 35.63 -7.87 -66.65
C LYS E 877 35.26 -9.15 -67.40
N ASP E 878 36.26 -9.84 -67.96
CA ASP E 878 35.99 -11.01 -68.80
C ASP E 878 35.64 -12.25 -68.01
N SER E 879 35.94 -12.29 -66.70
CA SER E 879 35.75 -13.48 -65.88
C SER E 879 34.84 -13.18 -64.70
N PRO E 880 33.54 -13.45 -64.83
CA PRO E 880 32.65 -13.25 -63.67
C PRO E 880 33.04 -14.12 -62.47
N MET E 881 33.52 -15.34 -62.73
CA MET E 881 34.03 -16.18 -61.64
C MET E 881 35.15 -15.50 -60.89
N ASP E 882 36.13 -14.95 -61.61
CA ASP E 882 37.28 -14.35 -60.96
C ASP E 882 36.86 -13.13 -60.15
N LEU E 883 35.99 -12.29 -60.71
CA LEU E 883 35.50 -11.12 -59.97
C LEU E 883 34.75 -11.53 -58.71
N PHE E 884 33.85 -12.51 -58.83
CA PHE E 884 33.10 -12.99 -57.68
C PHE E 884 34.03 -13.51 -56.59
N MET E 885 34.94 -14.41 -56.95
CA MET E 885 35.81 -15.01 -55.93
C MET E 885 36.76 -13.99 -55.34
N SER E 886 37.25 -13.04 -56.15
CA SER E 886 38.16 -12.03 -55.64
C SER E 886 37.45 -11.10 -54.65
N THR E 887 36.28 -10.58 -55.02
CA THR E 887 35.56 -9.69 -54.11
C THR E 887 35.09 -10.42 -52.87
N LEU E 888 34.74 -11.70 -53.00
CA LEU E 888 34.28 -12.46 -51.85
C LEU E 888 35.44 -12.78 -50.90
N GLY E 889 36.61 -13.11 -51.46
CA GLY E 889 37.78 -13.33 -50.62
C GLY E 889 38.24 -12.06 -49.92
N ASP E 890 38.17 -10.93 -50.62
CA ASP E 890 38.50 -9.66 -49.97
C ASP E 890 37.45 -9.25 -48.95
N CYS E 891 36.20 -9.68 -49.12
CA CYS E 891 35.22 -9.55 -48.05
C CYS E 891 35.59 -10.42 -46.86
N LEU E 892 36.12 -11.62 -47.11
CA LEU E 892 36.65 -12.43 -46.03
C LEU E 892 37.88 -11.78 -45.40
N GLY E 893 38.76 -11.21 -46.23
CA GLY E 893 39.98 -10.61 -45.75
C GLY E 893 41.22 -11.38 -46.16
N ILE E 894 41.17 -12.00 -47.33
CA ILE E 894 42.28 -12.82 -47.82
C ILE E 894 43.25 -11.94 -48.58
N LYS E 895 44.54 -12.07 -48.27
CA LYS E 895 45.57 -11.37 -49.03
C LYS E 895 45.61 -11.89 -50.46
N ASP E 896 45.90 -11.00 -51.41
CA ASP E 896 45.89 -11.37 -52.81
C ASP E 896 46.99 -12.37 -53.17
N GLU E 897 48.01 -12.51 -52.33
CA GLU E 897 49.11 -13.42 -52.62
C GLU E 897 48.77 -14.88 -52.33
N GLU E 898 47.64 -15.16 -51.68
CA GLU E 898 47.26 -16.52 -51.31
C GLU E 898 46.22 -17.12 -52.25
N MET E 899 45.22 -16.34 -52.66
CA MET E 899 44.16 -16.86 -53.50
C MET E 899 44.69 -17.21 -54.89
N LEU E 900 43.98 -18.13 -55.55
CA LEU E 900 44.38 -18.65 -56.84
C LEU E 900 43.47 -18.12 -57.94
N THR E 901 44.04 -17.98 -59.14
CA THR E 901 43.33 -17.48 -60.31
C THR E 901 43.21 -18.56 -61.37
N SER E 902 42.01 -18.69 -61.93
CA SER E 902 41.80 -19.67 -62.99
C SER E 902 42.35 -19.21 -64.34
N CYS E 903 42.28 -17.91 -64.62
CA CYS E 903 42.71 -17.36 -65.89
C CYS E 903 44.02 -16.58 -65.73
N THR E 904 44.71 -16.40 -66.85
CA THR E 904 45.97 -15.68 -66.91
C THR E 904 45.77 -14.33 -67.58
N ILE E 905 46.23 -13.27 -66.95
CA ILE E 905 46.08 -11.92 -67.46
C ILE E 905 47.16 -11.63 -68.48
N PRO E 906 46.94 -10.73 -69.44
CA PRO E 906 48.01 -10.37 -70.38
C PRO E 906 49.15 -9.64 -69.68
N LYS E 907 50.34 -9.77 -70.26
CA LYS E 907 51.54 -9.16 -69.71
C LYS E 907 51.71 -7.70 -70.13
N ALA E 908 50.96 -7.23 -71.12
CA ALA E 908 51.11 -5.85 -71.56
C ALA E 908 50.71 -4.86 -70.47
N VAL E 909 49.60 -5.14 -69.77
CA VAL E 909 49.17 -4.27 -68.68
C VAL E 909 50.17 -4.30 -67.54
N VAL E 910 50.78 -5.47 -67.30
CA VAL E 910 51.80 -5.59 -66.26
C VAL E 910 53.02 -4.75 -66.62
N ASP E 911 53.45 -4.80 -67.88
CA ASP E 911 54.60 -4.01 -68.29
C ASP E 911 54.30 -2.52 -68.22
N HIS E 912 53.10 -2.12 -68.63
CA HIS E 912 52.77 -0.70 -68.69
C HIS E 912 52.50 -0.10 -67.30
N ILE E 913 51.94 -0.89 -66.38
CA ILE E 913 51.59 -0.34 -65.07
C ILE E 913 52.84 0.05 -64.29
N ASN E 914 53.94 -0.67 -64.49
CA ASN E 914 55.20 -0.34 -63.84
C ASN E 914 56.16 0.46 -64.73
N GLY E 915 56.26 0.09 -66.00
CA GLY E 915 57.11 0.82 -66.93
C GLY E 915 58.58 0.50 -66.84
N SER E 916 58.98 -0.43 -65.97
CA SER E 916 60.40 -0.77 -65.83
C SER E 916 60.96 -1.45 -67.06
N GLY E 917 60.12 -1.88 -68.00
CA GLY E 917 60.59 -2.52 -69.21
C GLY E 917 61.22 -1.56 -70.19
N LYS E 918 61.18 -1.91 -71.48
CA LYS E 918 61.80 -1.05 -72.49
C LYS E 918 61.10 0.29 -72.60
N ARG E 919 59.77 0.32 -72.52
CA ARG E 919 59.02 1.56 -72.62
C ARG E 919 59.00 2.27 -71.27
N LYS E 920 59.45 3.51 -71.25
CA LYS E 920 59.45 4.28 -70.01
C LYS E 920 58.02 4.67 -69.63
N PRO E 921 57.72 4.67 -68.34
CA PRO E 921 56.39 5.13 -67.90
C PRO E 921 56.19 6.61 -68.23
N THR E 922 54.97 6.95 -68.61
CA THR E 922 54.66 8.33 -68.96
C THR E 922 54.60 9.20 -67.71
N LYS E 923 55.10 10.44 -67.84
CA LYS E 923 55.00 11.39 -66.75
C LYS E 923 53.55 11.70 -66.43
N ALA E 924 52.70 11.77 -67.45
CA ALA E 924 51.27 11.90 -67.22
C ALA E 924 50.73 10.68 -66.49
N ALA E 925 51.20 9.49 -66.86
CA ALA E 925 50.82 8.28 -66.14
C ALA E 925 51.34 8.33 -64.70
N GLN E 926 52.53 8.91 -64.49
CA GLN E 926 53.04 9.08 -63.13
C GLN E 926 52.12 9.98 -62.31
N ARG E 927 51.69 11.09 -62.89
CA ARG E 927 50.75 11.98 -62.19
C ARG E 927 49.43 11.26 -61.91
N ALA E 928 48.96 10.46 -62.87
CA ALA E 928 47.71 9.73 -62.69
C ALA E 928 47.81 8.74 -61.55
N ARG E 929 48.90 7.96 -61.50
CA ARG E 929 49.06 7.02 -60.40
C ARG E 929 49.35 7.71 -59.08
N ASP E 930 49.86 8.95 -59.12
CA ASP E 930 50.02 9.72 -57.89
C ASP E 930 48.67 10.20 -57.35
N GLN E 931 47.78 10.64 -58.23
CA GLN E 931 46.50 11.17 -57.76
C GLN E 931 45.57 10.07 -57.29
N ASP E 932 45.71 8.85 -57.81
CA ASP E 932 44.93 7.73 -57.31
C ASP E 932 45.36 7.38 -55.89
N SER E 933 44.40 6.89 -55.10
CA SER E 933 44.62 6.64 -53.69
C SER E 933 45.25 5.28 -53.39
N ILE E 934 45.35 4.39 -54.39
CA ILE E 934 45.86 3.04 -54.19
C ILE E 934 47.05 2.82 -55.11
N ASP E 935 48.14 2.32 -54.55
CA ASP E 935 49.29 1.89 -55.35
C ASP E 935 48.99 0.52 -55.92
N ILE E 936 48.96 0.43 -57.25
CA ILE E 936 48.54 -0.78 -57.96
C ILE E 936 49.69 -1.25 -58.84
N SER E 937 49.99 -2.55 -58.76
CA SER E 937 51.01 -3.19 -59.57
C SER E 937 50.79 -4.69 -59.51
N ILE E 938 51.20 -5.39 -60.58
CA ILE E 938 51.00 -6.83 -60.72
C ILE E 938 52.37 -7.49 -60.77
N LYS E 939 52.58 -8.50 -59.93
CA LYS E 939 53.82 -9.26 -59.90
C LYS E 939 53.50 -10.73 -60.12
N ASP E 940 53.96 -11.28 -61.25
CA ASP E 940 53.80 -12.68 -61.59
C ASP E 940 52.32 -13.09 -61.61
N ASN E 941 51.58 -12.43 -62.50
CA ASN E 941 50.16 -12.69 -62.76
C ASN E 941 49.27 -12.45 -61.54
N LYS E 942 49.80 -11.80 -60.50
CA LYS E 942 49.01 -11.47 -59.33
C LYS E 942 49.33 -10.04 -58.88
N LEU E 943 48.28 -9.27 -58.61
CA LEU E 943 48.44 -7.91 -58.14
C LEU E 943 48.72 -7.91 -56.64
N VAL E 944 49.11 -6.73 -56.14
CA VAL E 944 49.45 -6.55 -54.72
C VAL E 944 48.60 -5.42 -54.17
N MET E 945 48.08 -5.62 -52.96
CA MET E 945 47.23 -4.65 -52.29
C MET E 945 47.72 -4.49 -50.87
N LYS E 946 48.08 -3.26 -50.48
CA LYS E 946 48.58 -2.97 -49.15
C LYS E 946 48.05 -1.62 -48.69
N SER E 947 47.59 -1.57 -47.44
CA SER E 947 47.11 -0.32 -46.87
C SER E 947 48.26 0.63 -46.63
N LYS E 948 48.03 1.91 -46.90
CA LYS E 948 49.08 2.93 -46.80
C LYS E 948 49.11 3.60 -45.43
N PHE E 949 48.02 3.56 -44.68
CA PHE E 949 47.97 4.17 -43.36
C PHE E 949 48.17 3.17 -42.22
N ASN E 950 47.52 2.01 -42.29
CA ASN E 950 47.59 1.01 -41.24
C ASN E 950 48.33 -0.21 -41.77
N LYS E 951 49.50 -0.51 -41.19
CA LYS E 951 50.30 -1.64 -41.61
C LYS E 951 49.91 -2.94 -40.91
N SER E 952 48.98 -2.90 -39.97
CA SER E 952 48.56 -4.10 -39.28
C SER E 952 47.63 -4.94 -40.17
N ASN E 953 47.26 -6.11 -39.67
CA ASN E 953 46.39 -7.03 -40.40
C ASN E 953 44.96 -6.52 -40.33
N ARG E 954 44.63 -5.60 -41.24
CA ARG E 954 43.28 -5.03 -41.31
C ARG E 954 42.30 -6.10 -41.76
N SER E 955 41.49 -6.59 -40.82
CA SER E 955 40.50 -7.62 -41.13
C SER E 955 39.30 -6.99 -41.83
N TYR E 956 38.95 -7.52 -43.00
CA TYR E 956 37.83 -7.03 -43.78
C TYR E 956 36.58 -7.87 -43.59
N SER E 957 36.61 -8.86 -42.69
CA SER E 957 35.49 -9.76 -42.50
C SER E 957 34.30 -9.01 -41.92
N ILE E 958 33.10 -9.51 -42.26
CA ILE E 958 31.86 -8.92 -41.79
C ILE E 958 31.26 -9.77 -40.67
N MET F 1 -7.39 -5.04 23.50
CA MET F 1 -6.29 -4.12 23.25
C MET F 1 -6.52 -3.33 21.97
N MET F 2 -6.02 -2.10 21.94
CA MET F 2 -6.16 -1.27 20.75
C MET F 2 -5.31 -1.81 19.61
N LEU F 3 -5.86 -1.76 18.40
CA LEU F 3 -5.17 -2.27 17.23
C LEU F 3 -4.13 -1.28 16.74
N GLY F 4 -3.38 -1.70 15.72
CA GLY F 4 -2.30 -0.92 15.16
C GLY F 4 -2.75 0.13 14.17
N GLU F 5 -3.30 1.24 14.67
CA GLU F 5 -3.86 2.26 13.80
C GLU F 5 -2.84 2.80 12.80
N HIS F 6 -1.56 2.83 13.16
CA HIS F 6 -0.53 3.38 12.28
C HIS F 6 0.61 2.40 12.04
N LEU F 7 0.32 1.09 12.06
CA LEU F 7 1.34 0.11 11.70
C LEU F 7 1.58 0.02 10.20
N MET F 8 0.57 0.31 9.37
CA MET F 8 0.68 0.20 7.93
C MET F 8 0.23 1.50 7.28
N SER F 9 0.86 1.84 6.15
CA SER F 9 0.54 3.04 5.41
C SER F 9 0.58 2.75 3.92
N TRP F 10 -0.55 2.96 3.24
CA TRP F 10 -0.64 2.89 1.79
C TRP F 10 -0.17 4.23 1.21
N SER F 11 1.02 4.22 0.63
CA SER F 11 1.51 5.42 -0.03
C SER F 11 0.64 5.75 -1.24
N LYS F 12 0.57 7.04 -1.58
CA LYS F 12 -0.31 7.47 -2.66
C LYS F 12 0.10 6.88 -4.01
N THR F 13 1.33 6.39 -4.13
CA THR F 13 1.81 5.78 -5.36
C THR F 13 1.65 4.27 -5.37
N GLY F 14 1.02 3.68 -4.36
CA GLY F 14 0.73 2.26 -4.33
C GLY F 14 1.64 1.43 -3.47
N ILE F 15 2.77 1.98 -3.00
CA ILE F 15 3.68 1.22 -2.16
C ILE F 15 3.04 0.99 -0.80
N ILE F 16 2.99 -0.27 -0.37
CA ILE F 16 2.42 -0.65 0.92
C ILE F 16 3.59 -0.94 1.85
N ALA F 17 3.95 0.05 2.66
CA ALA F 17 4.99 -0.10 3.67
C ALA F 17 4.32 -0.36 5.02
N TYR F 18 4.62 -1.51 5.62
CA TYR F 18 4.00 -1.90 6.87
C TYR F 18 5.05 -2.43 7.83
N SER F 19 4.74 -2.33 9.12
CA SER F 19 5.66 -2.78 10.15
C SER F 19 5.77 -4.31 10.13
N ASP F 20 6.97 -4.81 10.37
CA ASP F 20 7.25 -6.24 10.41
C ASP F 20 7.70 -6.60 11.82
N SER F 21 7.04 -7.60 12.42
CA SER F 21 7.32 -8.00 13.79
C SER F 21 7.63 -9.48 13.93
N GLN F 22 7.86 -10.20 12.83
CA GLN F 22 8.12 -11.63 12.88
C GLN F 22 9.51 -12.01 12.38
N SER F 23 10.02 -11.33 11.35
CA SER F 23 11.34 -11.64 10.83
C SER F 23 12.41 -11.20 11.81
N SER F 24 13.40 -12.06 12.05
CA SER F 24 14.47 -11.76 12.97
C SER F 24 15.57 -10.90 12.35
N ASN F 25 15.54 -10.67 11.03
CA ASN F 25 16.55 -9.89 10.35
C ASN F 25 16.01 -8.60 9.75
N ALA F 26 14.71 -8.36 9.85
CA ALA F 26 14.11 -7.16 9.26
C ALA F 26 12.96 -6.69 10.14
N ASN F 27 12.68 -5.39 10.07
CA ASN F 27 11.59 -4.79 10.82
C ASN F 27 10.57 -4.05 9.95
N ILE F 28 10.88 -3.81 8.68
CA ILE F 28 9.96 -3.13 7.77
C ILE F 28 9.88 -3.94 6.48
N CYS F 29 8.75 -3.82 5.79
CA CYS F 29 8.52 -4.52 4.54
C CYS F 29 7.90 -3.57 3.52
N LEU F 30 8.19 -3.81 2.25
CA LEU F 30 7.64 -3.05 1.15
C LEU F 30 7.09 -3.98 0.09
N THR F 31 5.92 -3.64 -0.44
CA THR F 31 5.27 -4.46 -1.46
C THR F 31 4.26 -3.58 -2.20
N PHE F 32 3.67 -4.16 -3.24
CA PHE F 32 2.67 -3.46 -4.03
C PHE F 32 1.89 -4.48 -4.85
N LEU F 33 0.80 -4.01 -5.45
CA LEU F 33 -0.09 -4.86 -6.24
C LEU F 33 0.40 -4.98 -7.68
N GLU F 34 0.37 -6.20 -8.20
CA GLU F 34 0.72 -6.45 -9.59
C GLU F 34 -0.26 -7.45 -10.18
N SER F 35 -0.41 -7.41 -11.50
CA SER F 35 -1.36 -8.25 -12.21
C SER F 35 -0.69 -9.56 -12.63
N ILE F 36 -1.37 -10.68 -12.36
CA ILE F 36 -0.79 -11.99 -12.67
C ILE F 36 -0.89 -12.28 -14.16
N ASN F 37 -2.11 -12.33 -14.69
CA ASN F 37 -2.34 -12.69 -16.07
C ASN F 37 -3.39 -11.77 -16.69
N GLY F 38 -3.37 -10.49 -16.31
CA GLY F 38 -4.34 -9.53 -16.79
C GLY F 38 -5.70 -9.61 -16.14
N ILE F 39 -6.05 -10.76 -15.54
CA ILE F 39 -7.34 -10.94 -14.89
C ILE F 39 -7.15 -10.87 -13.38
N ASN F 40 -6.32 -11.76 -12.85
CA ASN F 40 -6.09 -11.86 -11.43
C ASN F 40 -4.99 -10.91 -10.99
N TRP F 41 -4.84 -10.77 -9.67
CA TRP F 41 -3.86 -9.89 -9.08
C TRP F 41 -3.14 -10.60 -7.94
N ARG F 42 -1.92 -10.15 -7.67
CA ARG F 42 -1.14 -10.66 -6.56
C ARG F 42 -0.25 -9.55 -6.03
N PHE F 43 0.10 -9.65 -4.74
CA PHE F 43 1.03 -8.72 -4.15
C PHE F 43 2.45 -9.03 -4.59
N HIS F 44 3.28 -8.00 -4.66
CA HIS F 44 4.67 -8.19 -5.08
C HIS F 44 5.46 -8.87 -3.97
N THR F 45 6.65 -9.35 -4.33
CA THR F 45 7.52 -10.00 -3.37
C THR F 45 7.93 -9.01 -2.28
N PRO F 46 7.85 -9.37 -1.00
CA PRO F 46 8.21 -8.43 0.06
C PRO F 46 9.69 -8.08 0.03
N GLN F 47 9.97 -6.77 -0.01
CA GLN F 47 11.34 -6.26 0.05
C GLN F 47 11.63 -5.88 1.49
N LYS F 48 12.32 -6.77 2.20
CA LYS F 48 12.57 -6.56 3.62
C LYS F 48 13.80 -5.71 3.84
N TYR F 49 13.72 -4.80 4.81
CA TYR F 49 14.83 -3.94 5.20
C TYR F 49 14.96 -3.95 6.72
N VAL F 50 16.15 -3.60 7.20
CA VAL F 50 16.43 -3.53 8.62
C VAL F 50 16.79 -2.10 8.98
N LEU F 51 16.19 -1.60 10.06
CA LEU F 51 16.39 -0.23 10.50
C LEU F 51 16.93 -0.25 11.93
N HIS F 52 18.13 0.29 12.12
CA HIS F 52 18.72 0.45 13.44
C HIS F 52 19.27 1.86 13.58
N PRO F 53 19.42 2.35 14.82
CA PRO F 53 19.89 3.74 15.00
C PRO F 53 21.29 3.99 14.47
N GLN F 54 22.09 2.95 14.26
CA GLN F 54 23.49 3.11 13.88
C GLN F 54 23.74 2.80 12.41
N LEU F 55 22.80 3.15 11.52
CA LEU F 55 23.05 3.04 10.09
C LEU F 55 24.13 4.02 9.62
N HIS F 56 24.42 5.07 10.39
CA HIS F 56 25.35 6.10 9.95
C HIS F 56 26.78 5.60 9.81
N GLU F 57 27.12 4.46 10.42
CA GLU F 57 28.46 3.92 10.27
C GLU F 57 28.41 2.48 9.75
N GLN F 100 25.69 -4.08 17.26
CA GLN F 100 24.64 -3.33 16.57
C GLN F 100 23.30 -4.03 16.71
N PHE F 101 22.37 -3.41 17.44
CA PHE F 101 21.05 -3.97 17.68
C PHE F 101 20.00 -3.00 17.15
N PHE F 102 18.94 -3.55 16.55
CA PHE F 102 17.86 -2.75 16.00
C PHE F 102 16.60 -2.90 16.87
N TYR F 103 15.76 -1.88 16.83
CA TYR F 103 14.58 -1.78 17.68
C TYR F 103 13.32 -1.84 16.85
N ASN F 104 12.20 -2.13 17.51
CA ASN F 104 10.93 -2.33 16.84
C ASN F 104 10.42 -1.01 16.26
N ILE F 105 9.50 -1.13 15.30
CA ILE F 105 8.91 0.02 14.63
C ILE F 105 7.60 0.38 15.31
N SER F 106 7.43 1.65 15.63
CA SER F 106 6.24 2.13 16.33
C SER F 106 5.14 2.56 15.36
N SER F 107 5.49 3.36 14.36
CA SER F 107 4.49 3.87 13.42
C SER F 107 5.16 4.20 12.10
N ILE F 108 4.37 4.11 11.03
CA ILE F 108 4.82 4.41 9.67
C ILE F 108 3.88 5.45 9.08
N HIS F 109 4.45 6.56 8.60
CA HIS F 109 3.66 7.68 8.09
C HIS F 109 4.22 8.13 6.75
N TRP F 110 3.58 7.70 5.67
CA TRP F 110 3.90 8.22 4.35
C TRP F 110 3.46 9.68 4.26
N ASN F 111 4.25 10.48 3.54
CA ASN F 111 3.94 11.90 3.39
C ASN F 111 2.90 12.12 2.29
N ASN F 112 1.78 11.42 2.38
CA ASN F 112 0.72 11.53 1.39
C ASN F 112 -0.32 12.59 1.77
N TRP F 113 -0.09 13.30 2.86
CA TRP F 113 -1.02 14.33 3.32
C TRP F 113 -1.17 15.47 2.29
N PHE F 114 -2.39 15.96 2.14
CA PHE F 114 -2.73 17.08 1.26
C PHE F 114 -2.31 16.87 -0.19
N SER F 115 -1.36 17.69 -0.63
CA SER F 115 -0.86 17.64 -2.01
C SER F 115 0.61 17.26 -2.07
N LEU F 116 1.15 16.66 -1.02
CA LEU F 116 2.56 16.31 -1.00
C LEU F 116 2.84 15.18 -2.00
N PRO F 117 4.07 15.12 -2.53
CA PRO F 117 4.39 14.07 -3.51
C PRO F 117 4.23 12.65 -2.98
N GLY F 118 4.42 12.44 -1.67
CA GLY F 118 4.18 11.13 -1.10
C GLY F 118 5.29 10.13 -1.30
N ASP F 119 6.54 10.59 -1.44
CA ASP F 119 7.67 9.69 -1.61
C ASP F 119 8.60 9.63 -0.41
N MET F 120 8.59 10.64 0.46
CA MET F 120 9.51 10.72 1.60
C MET F 120 8.86 10.06 2.79
N LEU F 121 9.32 8.85 3.13
CA LEU F 121 8.77 8.09 4.24
C LEU F 121 9.62 8.31 5.49
N ALA F 122 8.98 8.73 6.58
CA ALA F 122 9.65 8.92 7.86
C ALA F 122 9.03 7.97 8.87
N VAL F 123 9.84 7.06 9.39
CA VAL F 123 9.39 6.03 10.34
C VAL F 123 10.00 6.33 11.70
N CYS F 124 9.17 6.21 12.74
CA CYS F 124 9.59 6.44 14.11
C CYS F 124 9.59 5.11 14.85
N ASP F 125 10.72 4.76 15.46
CA ASP F 125 10.87 3.48 16.14
C ASP F 125 10.32 3.58 17.57
N GLU F 126 10.44 2.48 18.31
CA GLU F 126 9.96 2.45 19.69
C GLU F 126 10.86 3.25 20.62
N LEU F 127 12.13 3.44 20.27
CA LEU F 127 13.03 4.23 21.11
C LEU F 127 12.78 5.73 20.96
N GLY F 128 12.06 6.14 19.92
CA GLY F 128 11.81 7.54 19.68
C GLY F 128 12.63 8.17 18.57
N ASN F 129 13.60 7.43 18.01
CA ASN F 129 14.39 7.95 16.91
C ASN F 129 13.54 8.01 15.64
N MET F 130 13.60 9.15 14.95
CA MET F 130 12.83 9.36 13.73
C MET F 130 13.76 9.14 12.55
N THR F 131 13.55 8.05 11.82
CA THR F 131 14.36 7.69 10.66
C THR F 131 13.59 8.08 9.40
N MET F 132 14.23 8.88 8.55
CA MET F 132 13.61 9.41 7.34
C MET F 132 14.24 8.71 6.13
N LEU F 133 13.40 8.05 5.33
CA LEU F 133 13.84 7.34 4.14
C LEU F 133 13.16 7.94 2.92
N ILE F 134 13.95 8.26 1.90
CA ILE F 134 13.45 8.80 0.64
C ILE F 134 13.56 7.71 -0.41
N THR F 135 12.48 7.49 -1.15
CA THR F 135 12.44 6.50 -2.21
C THR F 135 12.27 7.19 -3.56
N GLY F 136 12.75 6.52 -4.61
CA GLY F 136 12.68 7.09 -5.94
C GLY F 136 13.81 8.05 -6.27
N GLN F 137 14.85 8.10 -5.45
CA GLN F 137 15.98 8.99 -5.71
C GLN F 137 17.25 8.35 -5.17
N ARG F 138 18.36 8.61 -5.86
CA ARG F 138 19.68 8.14 -5.49
C ARG F 138 20.63 9.33 -5.46
N PRO F 139 21.73 9.23 -4.71
CA PRO F 139 22.66 10.37 -4.64
C PRO F 139 23.22 10.78 -5.99
N ASP F 140 23.40 9.83 -6.92
CA ASP F 140 24.02 10.12 -8.21
C ASP F 140 23.03 10.18 -9.36
N ARG F 141 21.89 9.49 -9.28
CA ARG F 141 20.96 9.42 -10.39
C ARG F 141 19.55 9.21 -9.86
N ALA F 142 18.60 9.05 -10.77
CA ALA F 142 17.22 8.76 -10.43
C ALA F 142 16.95 7.26 -10.54
N THR F 143 16.13 6.74 -9.62
CA THR F 143 15.85 5.32 -9.55
C THR F 143 14.34 5.10 -9.42
N THR F 144 13.94 3.84 -9.44
CA THR F 144 12.54 3.47 -9.36
C THR F 144 12.01 3.65 -7.94
N TYR F 145 10.75 3.30 -7.74
CA TYR F 145 10.05 3.57 -6.49
C TYR F 145 10.21 2.46 -5.45
N GLU F 146 10.91 1.37 -5.77
CA GLU F 146 11.09 0.27 -4.83
C GLU F 146 12.47 0.27 -4.20
N LYS F 147 13.28 1.30 -4.43
CA LYS F 147 14.62 1.40 -3.88
C LYS F 147 14.67 2.59 -2.92
N LEU F 148 15.21 2.35 -1.72
CA LEU F 148 15.20 3.33 -0.65
C LEU F 148 16.51 4.10 -0.59
N THR F 149 16.49 5.21 0.13
CA THR F 149 17.66 6.04 0.36
C THR F 149 17.44 6.84 1.64
N MET F 150 18.51 7.07 2.39
CA MET F 150 18.42 7.82 3.63
C MET F 150 18.69 9.31 3.41
N VAL F 151 18.11 10.12 4.29
CA VAL F 151 18.37 11.56 4.31
C VAL F 151 19.18 11.94 5.55
N PHE F 152 18.65 11.67 6.73
CA PHE F 152 19.36 11.95 7.98
C PHE F 152 18.79 11.06 9.08
N GLN F 153 19.59 10.86 10.12
CA GLN F 153 19.22 10.05 11.27
C GLN F 153 19.20 10.92 12.51
N ASP F 154 18.20 10.69 13.37
CA ASP F 154 18.03 11.43 14.61
C ASP F 154 18.28 10.53 15.81
N ASN F 155 19.01 11.05 16.79
CA ASN F 155 19.30 10.29 18.01
C ASN F 155 19.21 11.17 19.26
N LYS F 158 20.31 15.30 18.85
CA LYS F 158 21.33 15.58 17.83
C LYS F 158 20.94 14.97 16.49
N ILE F 159 21.16 15.73 15.42
CA ILE F 159 20.85 15.29 14.07
C ILE F 159 22.03 15.62 13.15
N TYR F 160 22.29 14.72 12.21
CA TYR F 160 23.45 14.84 11.32
C TYR F 160 23.06 14.37 9.93
N ASN F 161 23.76 14.89 8.94
CA ASN F 161 23.51 14.55 7.53
C ASN F 161 24.43 13.41 7.11
N HIS F 162 23.84 12.35 6.56
CA HIS F 162 24.61 11.21 6.05
C HIS F 162 23.78 10.54 4.96
N VAL F 163 24.12 10.81 3.71
CA VAL F 163 23.42 10.22 2.57
C VAL F 163 23.99 8.85 2.29
N MET F 164 23.12 7.83 2.27
CA MET F 164 23.54 6.47 2.03
C MET F 164 22.38 5.65 1.47
N PRO F 165 22.58 4.97 0.34
CA PRO F 165 21.49 4.17 -0.25
C PRO F 165 21.38 2.82 0.46
N LEU F 166 20.19 2.52 0.97
CA LEU F 166 19.96 1.28 1.68
C LEU F 166 19.88 0.11 0.71
N LYS F 167 20.11 -1.09 1.24
CA LYS F 167 20.09 -2.32 0.48
C LYS F 167 19.20 -3.34 1.16
N PRO F 168 18.57 -4.25 0.39
CA PRO F 168 17.68 -5.24 1.00
C PRO F 168 18.44 -6.20 1.90
N VAL F 169 17.72 -6.76 2.88
CA VAL F 169 18.33 -7.66 3.84
C VAL F 169 18.73 -8.97 3.17
N ASP F 170 17.87 -9.51 2.31
CA ASP F 170 18.15 -10.79 1.67
C ASP F 170 19.41 -10.74 0.82
N LYS F 171 19.57 -9.66 0.05
CA LYS F 171 20.78 -9.52 -0.77
C LYS F 171 22.00 -9.24 0.08
N LEU F 172 21.84 -8.56 1.21
CA LEU F 172 22.96 -8.23 2.07
C LEU F 172 23.51 -9.47 2.76
N LYS F 173 24.79 -9.39 3.13
CA LYS F 173 25.44 -10.49 3.81
C LYS F 173 24.90 -10.65 5.22
N PRO F 174 24.98 -11.85 5.79
CA PRO F 174 24.53 -12.04 7.18
C PRO F 174 25.30 -11.14 8.14
N MET F 175 24.58 -10.26 8.81
CA MET F 175 25.16 -9.27 9.70
C MET F 175 24.89 -9.64 11.15
N ASN F 176 25.66 -9.02 12.05
CA ASN F 176 25.55 -9.30 13.49
C ASN F 176 24.57 -8.32 14.15
N ILE F 177 23.31 -8.40 13.72
CA ILE F 177 22.24 -7.57 14.25
C ILE F 177 21.14 -8.49 14.78
N GLU F 178 20.75 -8.28 16.03
CA GLU F 178 19.72 -9.07 16.69
C GLU F 178 18.57 -8.17 17.09
N ARG F 179 17.36 -8.74 17.10
CA ARG F 179 16.14 -7.99 17.37
C ARG F 179 16.04 -7.72 18.87
N LYS F 180 16.62 -6.61 19.30
CA LYS F 180 16.46 -6.15 20.67
C LYS F 180 15.10 -5.45 20.81
N GLN F 181 14.35 -5.83 21.83
CA GLN F 181 13.01 -5.31 22.05
C GLN F 181 13.06 -4.19 23.09
N THR F 182 12.70 -2.99 22.66
CA THR F 182 12.61 -1.84 23.56
C THR F 182 11.21 -1.82 24.16
N ARG F 183 11.04 -2.61 25.22
CA ARG F 183 9.74 -2.77 25.87
C ARG F 183 9.43 -1.65 26.84
N LYS F 184 10.13 -0.52 26.76
CA LYS F 184 9.96 0.60 27.66
C LYS F 184 9.42 1.80 26.90
N GLU F 185 8.40 2.45 27.45
CA GLU F 185 7.80 3.64 26.85
C GLU F 185 8.54 4.86 27.38
N TYR F 186 9.52 5.33 26.60
CA TYR F 186 10.40 6.40 27.02
C TYR F 186 9.70 7.76 26.97
N ASN F 187 10.34 8.75 27.61
CA ASN F 187 9.87 10.12 27.51
C ASN F 187 9.79 10.58 26.07
N THR F 188 10.68 10.08 25.21
CA THR F 188 10.76 10.48 23.82
C THR F 188 9.89 9.63 22.90
N SER F 189 9.11 8.70 23.46
CA SER F 189 8.22 7.86 22.65
C SER F 189 7.18 8.72 21.96
N ILE F 190 7.25 8.81 20.63
CA ILE F 190 6.35 9.67 19.88
C ILE F 190 4.95 9.07 19.89
N LEU F 191 3.97 9.86 20.32
CA LEU F 191 2.59 9.38 20.35
C LEU F 191 1.93 9.51 18.99
N GLU F 192 1.86 10.73 18.45
CA GLU F 192 1.23 10.99 17.17
C GLU F 192 2.18 11.80 16.30
N PHE F 193 2.35 11.35 15.06
CA PHE F 193 3.16 12.05 14.07
C PHE F 193 2.26 12.73 13.06
N ARG F 194 2.62 13.95 12.68
CA ARG F 194 1.85 14.70 11.69
C ARG F 194 2.80 15.41 10.74
N TRP F 195 2.44 15.43 9.47
CA TRP F 195 3.22 16.08 8.43
C TRP F 195 2.69 17.49 8.16
N LEU F 196 3.55 18.30 7.53
CA LEU F 196 3.22 19.68 7.18
C LEU F 196 3.17 19.81 5.67
N THR F 197 2.08 20.38 5.17
CA THR F 197 1.89 20.57 3.73
C THR F 197 2.47 21.91 3.29
N SER F 198 2.53 22.09 1.98
CA SER F 198 3.04 23.31 1.37
C SER F 198 1.88 24.27 1.09
N SER F 199 2.18 25.35 0.37
CA SER F 199 1.19 26.37 0.06
C SER F 199 0.32 26.02 -1.14
N LYS F 200 0.54 24.86 -1.76
CA LYS F 200 -0.25 24.45 -2.91
C LYS F 200 -1.70 24.18 -2.50
N SER F 201 -2.61 24.39 -3.44
CA SER F 201 -4.02 24.16 -3.23
C SER F 201 -4.44 22.82 -3.82
N VAL F 202 -5.48 22.23 -3.25
CA VAL F 202 -6.00 20.93 -3.69
C VAL F 202 -7.44 21.12 -4.13
N ILE F 203 -7.79 20.55 -5.29
CA ILE F 203 -9.12 20.61 -5.85
C ILE F 203 -9.71 19.21 -5.84
N VAL F 204 -10.82 19.03 -5.13
CA VAL F 204 -11.53 17.76 -5.04
C VAL F 204 -13.01 18.00 -5.27
N SER F 205 -13.78 16.91 -5.18
CA SER F 205 -15.23 16.96 -5.31
C SER F 205 -15.88 16.51 -4.02
N GLN F 206 -17.06 17.07 -3.74
CA GLN F 206 -17.77 16.78 -2.50
C GLN F 206 -18.80 15.66 -2.64
N PHE F 207 -19.72 15.78 -3.60
CA PHE F 207 -20.72 14.75 -3.83
C PHE F 207 -21.37 14.99 -5.18
N CYS F 208 -22.23 14.04 -5.58
CA CYS F 208 -22.97 14.13 -6.83
C CYS F 208 -24.43 13.81 -6.57
N ALA F 209 -25.30 14.32 -7.44
CA ALA F 209 -26.73 14.13 -7.34
C ALA F 209 -27.30 13.75 -8.70
N PHE F 210 -28.44 13.05 -8.68
CA PHE F 210 -29.10 12.60 -9.89
C PHE F 210 -30.03 13.70 -10.38
N ASP F 211 -29.72 14.26 -11.55
CA ASP F 211 -30.55 15.30 -12.16
C ASP F 211 -31.69 14.62 -12.90
N SER F 212 -32.86 14.56 -12.26
CA SER F 212 -34.02 13.91 -12.85
C SER F 212 -34.51 14.63 -14.10
N SER F 213 -34.20 15.93 -14.24
CA SER F 213 -34.61 16.66 -15.44
C SER F 213 -33.94 16.09 -16.69
N SER F 214 -32.64 15.80 -16.61
CA SER F 214 -31.91 15.21 -17.72
C SER F 214 -31.71 13.71 -17.56
N ASN F 215 -32.20 13.12 -16.47
CA ASN F 215 -32.06 11.68 -16.19
C ASN F 215 -30.59 11.26 -16.17
N THR F 216 -29.71 12.15 -15.72
CA THR F 216 -28.28 11.87 -15.64
C THR F 216 -27.75 12.38 -14.31
N TYR F 217 -26.66 11.77 -13.86
CA TYR F 217 -26.02 12.18 -12.62
C TYR F 217 -25.08 13.35 -12.86
N ARG F 218 -25.10 14.32 -11.93
CA ARG F 218 -24.30 15.52 -12.03
C ARG F 218 -23.47 15.69 -10.77
N SER F 219 -22.21 16.09 -10.94
CA SER F 219 -21.29 16.30 -9.83
C SER F 219 -20.68 17.69 -9.92
N ARG F 220 -20.38 18.26 -8.76
CA ARG F 220 -19.75 19.57 -8.68
C ARG F 220 -18.48 19.47 -7.86
N ALA F 221 -17.40 20.04 -8.37
CA ALA F 221 -16.10 20.02 -7.71
C ALA F 221 -15.82 21.38 -7.10
N GLN F 222 -15.43 21.40 -5.83
CA GLN F 222 -15.13 22.63 -5.10
C GLN F 222 -13.67 22.63 -4.68
N GLN F 223 -12.96 23.71 -5.00
CA GLN F 223 -11.57 23.84 -4.60
C GLN F 223 -11.46 23.96 -3.09
N VAL F 224 -10.47 23.30 -2.52
CA VAL F 224 -10.26 23.32 -1.06
C VAL F 224 -9.02 24.13 -0.74
N PRO F 225 -9.17 25.35 -0.22
CA PRO F 225 -8.01 26.13 0.17
C PRO F 225 -7.29 25.48 1.33
N PRO F 226 -5.98 25.65 1.45
CA PRO F 226 -5.25 25.05 2.57
C PRO F 226 -5.73 25.60 3.91
N TYR F 227 -5.77 24.72 4.90
CA TYR F 227 -6.20 25.09 6.24
C TYR F 227 -5.23 24.51 7.26
N GLY F 228 -5.07 25.21 8.37
CA GLY F 228 -4.17 24.77 9.43
C GLY F 228 -2.81 25.42 9.29
N VAL F 229 -1.77 24.59 9.29
CA VAL F 229 -0.39 25.05 9.23
C VAL F 229 0.24 24.51 7.95
N TYR F 230 0.85 25.39 7.17
CA TYR F 230 1.52 25.03 5.93
C TYR F 230 2.91 25.64 5.89
N HIS F 231 3.91 24.86 5.38
CA HIS F 231 5.27 25.38 5.36
C HIS F 231 5.55 26.11 4.06
N PRO F 232 6.37 27.16 4.11
CA PRO F 232 6.64 27.98 2.93
C PRO F 232 7.53 27.25 1.93
N PRO F 233 7.56 27.70 0.68
CA PRO F 233 8.39 27.00 -0.33
C PRO F 233 9.87 26.97 0.00
N PHE F 234 10.42 28.02 0.62
CA PHE F 234 11.85 28.04 0.86
C PHE F 234 12.29 27.01 1.90
N ILE F 235 11.36 26.41 2.63
CA ILE F 235 11.65 25.29 3.49
C ILE F 235 11.33 24.01 2.72
N LYS F 236 12.31 23.10 2.66
CA LYS F 236 12.12 21.88 1.88
C LYS F 236 10.95 21.04 2.42
N TYR F 237 10.87 20.90 3.74
CA TYR F 237 9.78 20.17 4.38
C TYR F 237 9.83 20.45 5.87
N ALA F 238 8.72 20.13 6.55
CA ALA F 238 8.64 20.25 7.99
C ALA F 238 7.70 19.18 8.51
N CYS F 239 7.93 18.77 9.75
CA CYS F 239 7.09 17.76 10.39
C CYS F 239 7.07 18.01 11.89
N LEU F 240 6.03 17.50 12.54
CA LEU F 240 5.83 17.68 13.97
C LEU F 240 5.54 16.34 14.62
N ALA F 241 6.09 16.13 15.81
CA ALA F 241 5.87 14.92 16.57
C ALA F 241 5.68 15.27 18.04
N ILE F 242 4.72 14.61 18.68
CA ILE F 242 4.44 14.81 20.10
C ILE F 242 4.90 13.55 20.83
N ARG F 243 5.78 13.74 21.81
CA ARG F 243 6.31 12.63 22.58
C ARG F 243 5.43 12.38 23.80
N LYS F 244 5.56 11.17 24.36
CA LYS F 244 4.66 10.76 25.42
C LYS F 244 4.85 11.57 26.69
N ASN F 245 6.01 12.20 26.88
CA ASN F 245 6.26 13.02 28.06
C ASN F 245 5.79 14.46 27.90
N GLY F 246 5.32 14.84 26.71
CA GLY F 246 4.92 16.20 26.43
C GLY F 246 5.91 17.00 25.62
N GLN F 247 7.17 16.54 25.55
CA GLN F 247 8.16 17.25 24.75
C GLN F 247 7.77 17.20 23.28
N ILE F 248 7.87 18.35 22.61
CA ILE F 248 7.51 18.46 21.20
C ILE F 248 8.77 18.61 20.38
N ASP F 249 8.67 18.25 19.10
CA ASP F 249 9.78 18.32 18.17
C ASP F 249 9.32 18.98 16.88
N PHE F 250 10.26 19.60 16.17
CA PHE F 250 9.95 20.26 14.90
C PHE F 250 11.18 20.12 14.00
N TRP F 251 11.17 19.08 13.17
CA TRP F 251 12.22 18.87 12.18
C TRP F 251 11.91 19.65 10.91
N TYR F 252 12.93 20.31 10.36
CA TYR F 252 12.78 21.03 9.11
C TYR F 252 14.11 21.09 8.40
N GLN F 253 14.05 21.30 7.09
CA GLN F 253 15.23 21.37 6.24
C GLN F 253 15.11 22.58 5.32
N PHE F 254 16.18 23.35 5.22
CA PHE F 254 16.21 24.50 4.33
C PHE F 254 16.48 24.05 2.90
N SER F 255 15.71 24.60 1.96
CA SER F 255 15.82 24.18 0.56
C SER F 255 17.16 24.51 -0.06
N ASN F 256 17.90 25.45 0.52
CA ASN F 256 19.20 25.87 -0.02
C ASN F 256 20.37 25.25 0.73
N SER F 257 20.13 24.33 1.65
CA SER F 257 21.18 23.73 2.44
C SER F 257 20.89 22.25 2.68
N LYS F 258 21.92 21.53 3.10
CA LYS F 258 21.80 20.12 3.44
C LYS F 258 21.67 19.87 4.93
N ASP F 259 22.21 20.76 5.77
CA ASP F 259 22.14 20.58 7.21
C ASP F 259 20.71 20.69 7.71
N HIS F 260 20.36 19.81 8.64
CA HIS F 260 19.04 19.78 9.24
C HIS F 260 19.06 20.46 10.61
N LYS F 261 17.91 21.02 11.00
CA LYS F 261 17.78 21.73 12.26
C LYS F 261 16.56 21.19 13.02
N LYS F 262 16.67 21.18 14.35
CA LYS F 262 15.61 20.71 15.22
C LYS F 262 15.36 21.72 16.33
N ILE F 263 14.08 21.97 16.62
CA ILE F 263 13.67 22.86 17.69
C ILE F 263 12.69 22.10 18.58
N THR F 264 12.95 22.07 19.88
CA THR F 264 12.17 21.28 20.82
C THR F 264 11.68 22.16 21.98
N LEU F 265 10.47 21.87 22.45
CA LEU F 265 9.90 22.54 23.62
C LEU F 265 9.19 21.50 24.47
N GLN F 266 8.45 21.97 25.47
CA GLN F 266 7.63 21.11 26.31
C GLN F 266 6.28 21.77 26.52
N LEU F 267 5.24 20.94 26.65
CA LEU F 267 3.88 21.48 26.75
C LEU F 267 3.67 22.23 28.05
N LEU F 268 4.04 21.63 29.17
CA LEU F 268 3.81 22.23 30.49
C LEU F 268 4.99 23.14 30.80
N ASP F 269 4.86 24.41 30.42
CA ASP F 269 5.95 25.38 30.57
C ASP F 269 5.93 26.00 31.97
N THR F 270 6.01 25.12 32.96
CA THR F 270 6.07 25.54 34.36
C THR F 270 7.51 25.82 34.78
N SER F 271 7.65 26.51 35.90
CA SER F 271 8.96 26.87 36.41
C SER F 271 9.68 25.68 37.05
N ASN F 272 9.01 24.55 37.23
CA ASN F 272 9.58 23.39 37.91
C ASN F 272 9.70 22.23 36.94
N GLN F 273 10.89 21.62 36.90
CA GLN F 273 11.07 20.41 36.10
C GLN F 273 10.39 19.19 36.74
N ARG F 274 9.90 19.32 37.97
CA ARG F 274 9.19 18.22 38.62
C ARG F 274 7.91 17.88 37.86
N PHE F 275 7.19 18.89 37.37
CA PHE F 275 5.99 18.68 36.59
C PHE F 275 6.26 18.68 35.08
N LYS F 276 7.43 19.12 34.65
CA LYS F 276 7.76 19.08 33.22
C LYS F 276 7.78 17.64 32.71
N ASP F 277 8.35 16.72 33.49
CA ASP F 277 8.53 15.34 33.10
C ASP F 277 7.42 14.44 33.63
N LEU F 278 6.23 14.99 33.83
CA LEU F 278 5.10 14.23 34.38
C LEU F 278 3.96 14.00 33.39
N GLN F 279 3.89 14.78 32.31
CA GLN F 279 2.73 14.75 31.42
C GLN F 279 2.78 13.48 30.57
N TRP F 280 2.30 12.39 31.16
CA TRP F 280 2.18 11.12 30.44
C TRP F 280 0.83 11.09 29.74
N LEU F 281 0.85 11.52 28.48
CA LEU F 281 -0.38 11.72 27.72
C LEU F 281 -0.86 10.38 27.19
N GLU F 282 -2.08 9.99 27.57
CA GLU F 282 -2.65 8.75 27.03
C GLU F 282 -2.98 8.90 25.55
N PHE F 283 -3.68 9.97 25.18
CA PHE F 283 -4.02 10.26 23.81
C PHE F 283 -3.61 11.69 23.49
N ALA F 284 -2.90 11.88 22.38
CA ALA F 284 -2.45 13.20 21.94
C ALA F 284 -2.76 13.32 20.45
N ARG F 285 -3.95 13.80 20.12
CA ARG F 285 -4.40 13.93 18.74
C ARG F 285 -4.27 15.38 18.30
N ILE F 286 -3.57 15.60 17.20
CA ILE F 286 -3.33 16.94 16.68
C ILE F 286 -4.26 17.18 15.50
N THR F 287 -5.19 18.11 15.66
CA THR F 287 -6.11 18.47 14.59
C THR F 287 -5.91 19.93 14.21
N PRO F 288 -5.39 20.22 13.01
CA PRO F 288 -5.26 21.61 12.59
C PRO F 288 -6.61 22.31 12.51
N MET F 289 -6.62 23.58 12.88
CA MET F 289 -7.83 24.39 12.89
C MET F 289 -7.69 25.53 11.90
N ASN F 290 -8.82 26.16 11.55
CA ASN F 290 -8.80 27.25 10.59
C ASN F 290 -8.01 28.45 11.09
N ASP F 291 -7.75 28.53 12.39
CA ASP F 291 -6.88 29.58 12.92
C ASP F 291 -5.50 29.47 12.28
N ASP F 292 -4.93 30.62 11.95
CA ASP F 292 -3.67 30.65 11.20
C ASP F 292 -2.54 30.09 12.04
N GLN F 293 -1.79 29.14 11.46
CA GLN F 293 -0.62 28.55 12.10
C GLN F 293 -0.95 27.97 13.48
N CYS F 294 -2.10 27.31 13.57
CA CYS F 294 -2.58 26.79 14.84
C CYS F 294 -2.93 25.31 14.72
N MET F 295 -2.54 24.53 15.72
CA MET F 295 -2.92 23.13 15.83
C MET F 295 -3.48 22.88 17.21
N LEU F 296 -4.67 22.29 17.27
CA LEU F 296 -5.32 21.97 18.54
C LEU F 296 -4.78 20.65 19.06
N ILE F 297 -3.90 20.72 20.06
CA ILE F 297 -3.27 19.52 20.61
C ILE F 297 -4.20 19.03 21.71
N THR F 298 -5.18 18.21 21.32
CA THR F 298 -6.15 17.67 22.26
C THR F 298 -5.52 16.49 22.99
N THR F 299 -5.18 16.69 24.26
CA THR F 299 -4.51 15.68 25.05
C THR F 299 -5.39 15.25 26.22
N TYR F 300 -5.21 14.01 26.65
CA TYR F 300 -5.93 13.46 27.80
C TYR F 300 -4.90 12.91 28.79
N SER F 301 -4.56 13.71 29.79
CA SER F 301 -3.62 13.30 30.82
C SER F 301 -4.37 12.63 31.97
N LYS F 302 -4.05 11.36 32.23
CA LYS F 302 -4.69 10.65 33.34
C LYS F 302 -4.20 11.12 34.70
N LEU F 303 -3.14 11.93 34.76
CA LEU F 303 -2.70 12.48 36.04
C LEU F 303 -3.76 13.40 36.64
N SER F 304 -4.38 14.24 35.81
CA SER F 304 -5.42 15.14 36.25
C SER F 304 -6.82 14.69 35.84
N LYS F 305 -6.92 13.60 35.08
CA LYS F 305 -8.21 13.01 34.69
C LYS F 305 -9.10 14.01 33.98
N ASN F 306 -8.52 14.83 33.12
CA ASN F 306 -9.27 15.80 32.33
C ASN F 306 -8.73 15.84 30.91
N ILE F 307 -9.61 16.14 29.96
CA ILE F 307 -9.24 16.22 28.55
C ILE F 307 -8.78 17.65 28.31
N SER F 308 -7.48 17.89 28.51
CA SER F 308 -6.93 19.22 28.37
C SER F 308 -6.75 19.58 26.90
N PHE F 309 -6.95 20.87 26.60
CA PHE F 309 -6.79 21.40 25.26
C PHE F 309 -5.63 22.39 25.24
N TYR F 310 -4.94 22.47 24.10
CA TYR F 310 -3.81 23.37 23.93
C TYR F 310 -3.88 24.01 22.56
N LYS F 311 -3.09 25.07 22.38
CA LYS F 311 -2.96 25.73 21.09
C LYS F 311 -1.48 25.98 20.81
N LEU F 312 -1.05 25.64 19.60
CA LEU F 312 0.34 25.78 19.19
C LEU F 312 0.42 26.77 18.04
N HIS F 313 1.34 27.73 18.13
CA HIS F 313 1.51 28.77 17.14
C HIS F 313 2.94 28.78 16.63
N VAL F 314 3.09 28.96 15.31
CA VAL F 314 4.40 28.97 14.66
C VAL F 314 4.47 30.17 13.73
N ASN F 315 5.57 30.91 13.79
CA ASN F 315 5.83 32.03 12.88
C ASN F 315 6.88 31.57 11.88
N TRP F 316 6.46 31.42 10.61
CA TRP F 316 7.37 30.91 9.60
C TRP F 316 8.49 31.91 9.31
N ASN F 317 8.15 33.18 9.12
CA ASN F 317 9.12 34.22 8.82
C ASN F 317 9.14 35.21 9.98
N LEU F 318 10.16 35.12 10.82
CA LEU F 318 10.28 36.04 11.95
C LEU F 318 10.60 37.45 11.48
N ASN F 319 11.43 37.59 10.44
CA ASN F 319 11.83 38.89 9.92
C ASN F 319 11.40 38.98 8.46
N ALA F 320 10.19 39.50 8.23
CA ALA F 320 9.70 39.69 6.87
C ALA F 320 10.46 40.78 6.13
N THR F 321 11.05 41.73 6.86
CA THR F 321 11.81 42.81 6.22
C THR F 321 13.15 42.35 5.66
N LYS F 322 13.59 41.14 6.01
CA LYS F 322 14.86 40.58 5.53
C LYS F 322 14.58 39.23 4.90
N PRO F 323 14.07 39.21 3.67
CA PRO F 323 13.80 37.93 3.00
C PRO F 323 15.04 37.09 2.79
N ASN F 324 16.21 37.71 2.59
CA ASN F 324 17.43 36.95 2.36
C ASN F 324 17.86 36.19 3.61
N VAL F 325 17.65 36.76 4.80
CA VAL F 325 18.05 36.13 6.06
C VAL F 325 16.94 35.15 6.43
N LEU F 326 17.21 33.86 6.22
CA LEU F 326 16.24 32.81 6.51
C LEU F 326 16.36 32.43 7.98
N ASN F 327 15.43 32.92 8.79
CA ASN F 327 15.44 32.67 10.23
C ASN F 327 14.67 31.40 10.56
N ASP F 328 15.06 30.76 11.66
CA ASP F 328 14.36 29.57 12.11
C ASP F 328 12.95 29.94 12.60
N PRO F 329 11.95 29.14 12.30
CA PRO F 329 10.59 29.44 12.76
C PRO F 329 10.51 29.42 14.29
N SER F 330 9.71 30.33 14.83
CA SER F 330 9.51 30.41 16.27
C SER F 330 8.25 29.65 16.67
N LEU F 331 8.36 28.91 17.77
CA LEU F 331 7.27 28.07 18.25
C LEU F 331 6.72 28.64 19.55
N LYS F 332 5.39 28.72 19.65
CA LYS F 332 4.72 29.25 20.83
C LYS F 332 3.59 28.31 21.22
N ILE F 333 3.24 28.33 22.51
CA ILE F 333 2.21 27.46 23.06
C ILE F 333 1.36 28.25 24.04
N GLN F 334 0.06 27.95 24.08
CA GLN F 334 -0.88 28.69 24.92
C GLN F 334 -1.98 27.74 25.38
N PHE F 335 -2.08 27.55 26.70
CA PHE F 335 -3.12 26.70 27.26
C PHE F 335 -4.50 27.36 27.08
N ILE F 336 -5.52 26.54 26.84
CA ILE F 336 -6.83 27.07 26.51
C ILE F 336 -7.92 26.57 27.46
N LEU F 337 -8.14 25.26 27.52
CA LEU F 337 -9.31 24.74 28.20
C LEU F 337 -9.05 23.33 28.71
N SER F 338 -9.87 22.91 29.67
CA SER F 338 -9.81 21.57 30.24
C SER F 338 -11.19 21.20 30.78
N THR F 339 -11.65 20.00 30.46
CA THR F 339 -12.96 19.54 30.89
C THR F 339 -12.89 18.10 31.41
N THR F 340 -13.90 17.72 32.17
CA THR F 340 -14.01 16.39 32.76
C THR F 340 -15.04 15.57 31.98
N LEU F 341 -14.84 14.25 32.00
CA LEU F 341 -15.69 13.33 31.25
C LEU F 341 -16.91 12.91 32.05
N ASP F 342 -18.00 12.63 31.34
CA ASP F 342 -19.27 12.28 31.99
C ASP F 342 -19.19 10.86 32.55
N PRO F 343 -19.65 10.64 33.78
CA PRO F 343 -19.55 9.30 34.37
C PRO F 343 -20.67 8.35 34.00
N THR F 344 -21.86 8.88 33.71
CA THR F 344 -23.04 8.04 33.53
C THR F 344 -23.88 8.54 32.36
N ASP F 345 -24.76 7.66 31.89
CA ASP F 345 -25.69 7.98 30.82
C ASP F 345 -27.00 8.51 31.41
N ASP F 346 -28.03 8.62 30.56
CA ASP F 346 -29.31 9.14 31.03
C ASP F 346 -30.07 8.11 31.86
N GLU F 347 -29.99 6.84 31.48
CA GLU F 347 -30.78 5.80 32.14
C GLU F 347 -30.11 5.21 33.37
N GLY F 348 -28.85 5.56 33.64
CA GLY F 348 -28.16 5.10 34.82
C GLY F 348 -27.08 4.05 34.62
N HIS F 349 -26.52 3.93 33.42
CA HIS F 349 -25.43 3.00 33.15
C HIS F 349 -24.12 3.78 33.04
N VAL F 350 -23.10 3.33 33.75
CA VAL F 350 -21.84 4.07 33.79
C VAL F 350 -21.07 3.85 32.49
N LEU F 351 -20.11 4.74 32.24
CA LEU F 351 -19.39 4.79 30.98
C LEU F 351 -17.88 4.75 31.23
N LYS F 352 -17.15 4.20 30.26
CA LYS F 352 -15.70 4.17 30.27
C LYS F 352 -15.19 4.71 28.95
N LEU F 353 -14.23 5.64 29.00
CA LEU F 353 -13.65 6.21 27.79
C LEU F 353 -12.75 5.18 27.12
N GLU F 354 -13.16 4.68 25.96
CA GLU F 354 -12.36 3.70 25.24
C GLU F 354 -11.34 4.38 24.32
N ASN F 355 -11.76 5.42 23.61
CA ASN F 355 -10.88 6.10 22.67
C ASN F 355 -11.31 7.55 22.58
N LEU F 356 -10.36 8.40 22.14
CA LEU F 356 -10.61 9.83 21.98
C LEU F 356 -10.07 10.21 20.60
N HIS F 357 -10.94 10.12 19.59
CA HIS F 357 -10.59 10.47 18.22
C HIS F 357 -11.27 11.78 17.85
N VAL F 358 -10.48 12.79 17.49
CA VAL F 358 -10.98 14.07 17.03
C VAL F 358 -10.77 14.15 15.52
N VAL F 359 -11.80 14.57 14.80
CA VAL F 359 -11.77 14.57 13.35
C VAL F 359 -11.06 15.81 12.84
N SER F 360 -10.26 15.65 11.80
CA SER F 360 -9.59 16.77 11.14
C SER F 360 -10.61 17.46 10.22
N LYS F 361 -11.22 18.52 10.72
CA LYS F 361 -12.32 19.19 10.03
C LYS F 361 -11.83 20.49 9.42
N SER F 362 -12.15 20.69 8.14
CA SER F 362 -11.78 21.90 7.43
C SER F 362 -12.87 22.97 7.63
N SER F 363 -12.73 24.07 6.89
CA SER F 363 -13.70 25.16 6.96
C SER F 363 -14.89 24.96 6.02
N ILE F 364 -14.90 23.88 5.24
CA ILE F 364 -15.99 23.64 4.29
C ILE F 364 -17.29 23.38 5.02
N GLU F 365 -17.24 22.57 6.08
CA GLU F 365 -18.45 22.14 6.76
C GLU F 365 -19.13 23.32 7.47
N LYS F 366 -20.40 23.13 7.81
CA LYS F 366 -21.20 24.20 8.40
C LYS F 366 -20.57 24.71 9.69
N ASP F 367 -20.24 23.80 10.60
CA ASP F 367 -19.59 24.16 11.86
C ASP F 367 -18.17 23.63 11.85
N PRO F 368 -17.16 24.48 11.64
CA PRO F 368 -15.79 23.98 11.49
C PRO F 368 -15.16 23.47 12.77
N SER F 369 -15.83 23.60 13.91
CA SER F 369 -15.27 23.14 15.16
C SER F 369 -15.03 21.63 15.11
N PRO F 370 -13.84 21.15 15.44
CA PRO F 370 -13.57 19.72 15.34
C PRO F 370 -14.44 18.91 16.28
N GLU F 371 -14.82 17.71 15.83
CA GLU F 371 -15.69 16.83 16.60
C GLU F 371 -14.83 15.96 17.51
N ILE F 372 -14.90 16.23 18.81
CA ILE F 372 -14.20 15.41 19.81
C ILE F 372 -15.11 14.22 20.10
N LEU F 373 -14.84 13.09 19.49
CA LEU F 373 -15.67 11.89 19.63
C LEU F 373 -15.11 11.04 20.76
N VAL F 374 -15.58 11.29 21.97
CA VAL F 374 -15.19 10.51 23.14
C VAL F 374 -16.08 9.26 23.19
N LEU F 375 -15.49 8.10 22.91
CA LEU F 375 -16.24 6.86 22.87
C LEU F 375 -16.45 6.31 24.27
N TYR F 376 -17.66 5.83 24.54
CA TYR F 376 -18.00 5.18 25.79
C TYR F 376 -18.71 3.86 25.51
N ASN F 377 -18.44 2.87 26.34
CA ASN F 377 -19.10 1.56 26.24
C ASN F 377 -19.85 1.27 27.53
N VAL F 378 -21.15 0.99 27.40
CA VAL F 378 -21.94 0.56 28.54
C VAL F 378 -21.54 -0.88 28.88
N CYS F 379 -21.07 -1.10 30.09
CA CYS F 379 -20.53 -2.40 30.46
C CYS F 379 -21.63 -3.46 30.49
N ASP F 380 -21.26 -4.68 30.11
CA ASP F 380 -22.16 -5.84 30.03
C ASP F 380 -23.33 -5.59 29.09
N THR F 381 -23.19 -4.64 28.17
CA THR F 381 -24.24 -4.33 27.21
C THR F 381 -23.62 -4.17 25.83
N SER F 382 -24.28 -4.70 24.81
CA SER F 382 -23.76 -4.62 23.45
C SER F 382 -23.72 -3.19 22.94
N LYS F 383 -24.42 -2.26 23.58
CA LYS F 383 -24.46 -0.89 23.11
C LYS F 383 -23.12 -0.20 23.32
N SER F 384 -22.86 0.83 22.50
CA SER F 384 -21.67 1.64 22.62
C SER F 384 -22.04 3.07 22.26
N LEU F 385 -21.77 4.01 23.16
CA LEU F 385 -22.18 5.39 23.02
C LEU F 385 -20.99 6.24 22.56
N VAL F 386 -21.26 7.14 21.61
CA VAL F 386 -20.24 8.03 21.07
C VAL F 386 -20.75 9.46 21.29
N LYS F 387 -20.33 10.07 22.39
CA LYS F 387 -20.70 11.46 22.68
C LYS F 387 -19.86 12.40 21.84
N ARG F 388 -20.50 13.44 21.30
CA ARG F 388 -19.86 14.39 20.40
C ARG F 388 -19.82 15.76 21.06
N TYR F 389 -18.64 16.37 21.08
CA TYR F 389 -18.45 17.72 21.60
C TYR F 389 -17.80 18.59 20.54
N ARG F 390 -18.01 19.90 20.65
CA ARG F 390 -17.41 20.86 19.75
C ARG F 390 -16.86 22.03 20.56
N LEU F 391 -15.70 22.52 20.14
CA LEU F 391 -15.03 23.63 20.83
C LEU F 391 -15.43 24.94 20.17
N ALA F 392 -16.00 25.85 20.96
CA ALA F 392 -16.43 27.14 20.46
C ALA F 392 -16.03 28.24 21.42
N PRO F 393 -15.78 29.45 20.91
CA PRO F 393 -15.46 30.57 21.81
C PRO F 393 -16.66 30.96 22.66
N THR F 394 -16.37 31.51 23.83
CA THR F 394 -17.41 32.00 24.72
C THR F 394 -17.84 33.40 24.26
N GLN F 395 -19.14 33.58 24.07
CA GLN F 395 -19.69 34.80 23.50
C GLN F 395 -20.41 35.61 24.56
N LEU F 396 -20.28 36.92 24.47
CA LEU F 396 -20.90 37.85 25.40
C LEU F 396 -22.27 38.29 24.91
N SER F 397 -23.10 38.75 25.84
CA SER F 397 -24.44 39.22 25.50
C SER F 397 -24.59 40.71 25.79
N TYR F 425 -13.00 29.65 26.33
CA TYR F 425 -13.89 28.99 25.38
C TYR F 425 -14.81 28.02 26.12
N ASN F 426 -15.59 27.25 25.36
CA ASN F 426 -16.52 26.30 25.95
C ASN F 426 -16.74 25.13 25.00
N LEU F 427 -17.22 24.02 25.56
CA LEU F 427 -17.57 22.84 24.81
C LEU F 427 -19.08 22.68 24.79
N ARG F 428 -19.67 22.65 23.61
CA ARG F 428 -21.11 22.51 23.44
C ARG F 428 -21.44 21.08 23.01
N ARG F 429 -22.35 20.45 23.72
CA ARG F 429 -22.77 19.09 23.43
C ARG F 429 -23.92 19.12 22.44
N HIS F 430 -23.75 18.43 21.31
CA HIS F 430 -24.75 18.44 20.24
C HIS F 430 -25.79 17.32 20.43
N SER F 431 -25.33 16.07 20.47
CA SER F 431 -26.23 14.93 20.60
C SER F 431 -25.42 13.71 20.97
N ASP F 432 -26.13 12.61 21.21
CA ASP F 432 -25.52 11.33 21.55
C ASP F 432 -25.98 10.28 20.54
N ILE F 433 -25.05 9.42 20.13
CA ILE F 433 -25.29 8.40 19.11
C ILE F 433 -24.97 7.04 19.71
N VAL F 434 -25.92 6.12 19.61
CA VAL F 434 -25.80 4.78 20.20
C VAL F 434 -25.54 3.78 19.08
N LEU F 435 -24.54 2.94 19.28
CA LEU F 435 -24.19 1.87 18.35
C LEU F 435 -24.40 0.52 19.03
N ASP F 436 -24.86 -0.46 18.26
CA ASP F 436 -25.28 -1.74 18.80
C ASP F 436 -24.15 -2.73 19.01
N LYS F 437 -22.93 -2.41 18.58
CA LYS F 437 -21.80 -3.30 18.73
C LYS F 437 -20.59 -2.54 19.27
N LYS F 438 -19.75 -3.24 20.02
CA LYS F 438 -18.54 -2.63 20.57
C LYS F 438 -17.54 -2.34 19.46
N VAL F 439 -16.80 -1.25 19.62
CA VAL F 439 -15.85 -0.78 18.62
C VAL F 439 -14.44 -1.09 19.09
N THR F 440 -13.62 -1.66 18.21
CA THR F 440 -12.24 -2.01 18.53
C THR F 440 -11.21 -1.18 17.78
N LEU F 441 -11.62 -0.35 16.83
CA LEU F 441 -10.67 0.43 16.06
C LEU F 441 -11.42 1.57 15.38
N ILE F 442 -10.77 2.73 15.28
CA ILE F 442 -11.29 3.89 14.56
C ILE F 442 -10.19 4.42 13.66
N THR F 443 -10.50 4.59 12.37
CA THR F 443 -9.57 5.16 11.41
C THR F 443 -10.30 6.23 10.61
N SER F 444 -9.69 7.41 10.52
CA SER F 444 -10.25 8.49 9.73
C SER F 444 -9.72 8.43 8.30
N GLU F 445 -10.62 8.51 7.33
CA GLU F 445 -10.21 8.49 5.93
C GLU F 445 -9.66 9.86 5.52
N MET F 446 -8.75 9.83 4.55
CA MET F 446 -8.09 11.04 4.08
C MET F 446 -8.83 11.59 2.86
N PHE F 447 -9.14 12.88 2.88
CA PHE F 447 -9.85 13.57 1.81
C PHE F 447 -11.22 12.95 1.52
N ASP F 448 -11.77 12.21 2.48
CA ASP F 448 -13.07 11.58 2.32
C ASP F 448 -14.06 11.95 3.41
N ALA F 449 -13.60 12.36 4.59
CA ALA F 449 -14.47 12.71 5.72
C ALA F 449 -15.37 11.53 6.09
N PHE F 450 -14.74 10.43 6.48
CA PHE F 450 -15.44 9.20 6.82
C PHE F 450 -14.79 8.58 8.05
N VAL F 451 -15.56 8.44 9.12
CA VAL F 451 -15.10 7.73 10.31
C VAL F 451 -15.54 6.27 10.21
N SER F 452 -14.60 5.35 10.40
CA SER F 452 -14.84 3.93 10.21
C SER F 452 -14.89 3.25 11.57
N PHE F 453 -15.98 2.53 11.84
CA PHE F 453 -16.19 1.84 13.11
C PHE F 453 -15.98 0.34 12.88
N TYR F 454 -14.79 -0.15 13.23
CA TYR F 454 -14.45 -1.56 13.07
C TYR F 454 -15.00 -2.33 14.27
N PHE F 455 -16.23 -2.79 14.15
CA PHE F 455 -16.88 -3.48 15.26
C PHE F 455 -16.23 -4.83 15.52
N GLU F 456 -16.73 -5.51 16.56
CA GLU F 456 -16.13 -6.78 16.95
C GLU F 456 -16.44 -7.88 15.95
N ASP F 457 -17.65 -7.91 15.42
CA ASP F 457 -18.06 -8.99 14.51
C ASP F 457 -17.45 -8.85 13.12
N GLY F 458 -16.60 -7.86 12.88
CA GLY F 458 -15.98 -7.65 11.59
C GLY F 458 -16.70 -6.68 10.68
N THR F 459 -17.97 -6.40 10.95
CA THR F 459 -18.71 -5.46 10.11
C THR F 459 -18.20 -4.04 10.33
N ILE F 460 -18.25 -3.25 9.27
CA ILE F 460 -17.76 -1.87 9.28
C ILE F 460 -18.90 -0.95 8.88
N GLU F 461 -19.17 0.06 9.71
CA GLU F 461 -20.23 1.03 9.46
C GLU F 461 -19.60 2.41 9.41
N SER F 462 -19.34 2.90 8.20
CA SER F 462 -18.69 4.19 8.00
C SER F 462 -19.74 5.29 8.04
N TYR F 463 -19.64 6.17 9.04
CA TYR F 463 -20.57 7.29 9.18
C TYR F 463 -19.97 8.54 8.57
N ASN F 464 -20.74 9.20 7.71
CA ASN F 464 -20.28 10.43 7.08
C ASN F 464 -20.15 11.54 8.11
N GLN F 465 -19.23 12.47 7.85
CA GLN F 465 -19.00 13.57 8.77
C GLN F 465 -20.12 14.60 8.72
N ASN F 466 -20.81 14.71 7.57
CA ASN F 466 -21.79 15.77 7.38
C ASN F 466 -23.01 15.58 8.29
N ASP F 467 -23.58 14.37 8.29
CA ASP F 467 -24.82 14.12 9.00
C ASP F 467 -24.79 12.88 9.89
N TRP F 468 -23.68 12.13 9.88
CA TRP F 468 -23.59 10.86 10.62
C TRP F 468 -24.71 9.91 10.24
N LYS F 469 -25.03 9.87 8.95
CA LYS F 469 -25.97 8.92 8.40
C LYS F 469 -25.20 7.79 7.73
N LEU F 470 -25.61 6.55 8.00
CA LEU F 470 -24.89 5.39 7.49
C LEU F 470 -24.84 5.42 5.97
N GLU F 471 -23.63 5.23 5.42
CA GLU F 471 -23.45 5.38 3.99
C GLU F 471 -24.04 4.20 3.23
N THR F 472 -23.92 2.99 3.76
CA THR F 472 -24.44 1.82 3.07
C THR F 472 -25.96 1.76 3.08
N GLU F 473 -26.63 2.50 3.97
CA GLU F 473 -28.08 2.51 4.05
C GLU F 473 -28.67 3.88 3.77
N ARG F 474 -27.88 4.80 3.19
CA ARG F 474 -28.39 6.14 2.95
C ARG F 474 -29.46 6.15 1.86
N LEU F 475 -29.33 5.28 0.85
CA LEU F 475 -30.28 5.26 -0.25
C LEU F 475 -31.67 4.87 0.22
N ILE F 476 -31.76 3.89 1.12
CA ILE F 476 -33.06 3.43 1.60
C ILE F 476 -33.77 4.54 2.37
N SER F 477 -33.04 5.26 3.21
CA SER F 477 -33.61 6.29 4.06
C SER F 477 -33.54 7.69 3.46
N GLN F 478 -33.04 7.82 2.23
CA GLN F 478 -32.94 9.14 1.61
C GLN F 478 -34.31 9.66 1.22
N SER F 479 -34.56 10.94 1.50
CA SER F 479 -35.76 11.62 1.03
C SER F 479 -35.61 11.86 -0.47
N GLN F 480 -36.24 10.99 -1.27
CA GLN F 480 -36.07 11.06 -2.72
C GLN F 480 -36.61 12.36 -3.29
N LEU F 481 -37.76 12.82 -2.79
CA LEU F 481 -38.36 14.04 -3.30
C LEU F 481 -37.48 15.24 -3.02
N GLY F 482 -37.33 16.10 -4.02
CA GLY F 482 -36.53 17.29 -3.88
C GLY F 482 -35.90 17.67 -5.22
N LYS F 483 -35.16 18.77 -5.19
CA LYS F 483 -34.46 19.23 -6.39
C LYS F 483 -33.34 18.26 -6.77
N PHE F 484 -32.51 17.89 -5.81
CA PHE F 484 -31.41 16.95 -6.02
C PHE F 484 -31.79 15.61 -5.42
N LYS F 485 -31.77 14.56 -6.24
CA LYS F 485 -32.16 13.22 -5.82
C LYS F 485 -30.98 12.27 -5.94
N ASN F 486 -31.06 11.18 -5.17
CA ASN F 486 -30.07 10.11 -5.20
C ASN F 486 -28.64 10.64 -5.02
N ILE F 487 -28.43 11.24 -3.86
CA ILE F 487 -27.10 11.79 -3.54
C ILE F 487 -26.16 10.64 -3.24
N ILE F 488 -25.11 10.50 -4.06
CA ILE F 488 -24.14 9.42 -3.93
C ILE F 488 -22.75 10.03 -3.81
N ALA F 489 -21.97 9.55 -2.84
CA ALA F 489 -20.61 10.01 -2.62
C ALA F 489 -19.55 8.95 -2.87
N SER F 490 -19.90 7.67 -2.76
CA SER F 490 -18.94 6.59 -2.91
C SER F 490 -19.68 5.35 -3.36
N PRO F 491 -18.98 4.37 -3.93
CA PRO F 491 -19.65 3.11 -4.29
C PRO F 491 -20.26 2.38 -3.11
N LEU F 492 -19.84 2.67 -1.88
CA LEU F 492 -20.45 2.08 -0.71
C LEU F 492 -21.91 2.47 -0.55
N SER F 493 -22.31 3.63 -1.09
CA SER F 493 -23.70 4.05 -1.00
C SER F 493 -24.64 3.14 -1.77
N ALA F 494 -24.13 2.46 -2.81
CA ALA F 494 -24.97 1.60 -3.62
C ALA F 494 -25.43 0.37 -2.84
N GLY F 495 -24.57 -0.16 -1.96
CA GLY F 495 -24.93 -1.33 -1.19
C GLY F 495 -23.84 -2.38 -1.17
N PHE F 496 -22.68 -2.06 -1.73
CA PHE F 496 -21.57 -3.00 -1.78
C PHE F 496 -20.93 -3.15 -0.40
N ASN F 497 -21.37 -4.17 0.34
CA ASN F 497 -20.91 -4.39 1.71
C ASN F 497 -19.85 -5.48 1.74
N TYR F 498 -18.88 -5.31 2.63
CA TYR F 498 -17.81 -6.30 2.79
C TYR F 498 -18.37 -7.58 3.37
N GLY F 499 -17.67 -8.68 3.09
CA GLY F 499 -18.07 -9.99 3.58
C GLY F 499 -17.66 -10.19 5.03
N LYS F 500 -17.71 -11.46 5.44
CA LYS F 500 -17.37 -11.84 6.82
C LYS F 500 -15.86 -11.72 6.99
N LEU F 501 -15.42 -10.61 7.58
CA LEU F 501 -14.00 -10.37 7.79
C LEU F 501 -13.49 -11.24 8.94
N PRO F 502 -12.20 -11.55 8.95
CA PRO F 502 -11.63 -12.32 10.07
C PRO F 502 -11.74 -11.55 11.38
N LEU F 503 -11.88 -12.29 12.47
CA LEU F 503 -12.11 -11.69 13.76
C LEU F 503 -10.87 -10.91 14.21
N PRO F 504 -11.05 -9.76 14.87
CA PRO F 504 -9.90 -8.91 15.23
C PRO F 504 -8.88 -9.62 16.10
N PRO F 505 -9.28 -10.53 17.02
CA PRO F 505 -8.24 -11.24 17.80
C PRO F 505 -7.18 -11.92 16.96
N SER F 506 -7.56 -12.52 15.83
CA SER F 506 -6.57 -13.16 14.96
C SER F 506 -5.85 -12.17 14.08
N VAL F 507 -6.36 -10.95 13.94
CA VAL F 507 -5.85 -9.97 12.99
C VAL F 507 -4.80 -9.11 13.66
N GLU F 508 -3.64 -8.97 13.01
CA GLU F 508 -2.62 -8.06 13.52
C GLU F 508 -3.04 -6.61 13.35
N TRP F 509 -3.54 -6.25 12.17
CA TRP F 509 -4.03 -4.90 11.91
C TRP F 509 -4.91 -4.91 10.67
N MET F 510 -5.89 -4.02 10.67
CA MET F 510 -6.76 -3.80 9.53
C MET F 510 -6.60 -2.37 9.02
N LYS F 511 -7.03 -2.15 7.78
CA LYS F 511 -7.16 -0.80 7.25
C LYS F 511 -8.07 -0.82 6.04
N VAL F 512 -9.14 -0.05 6.07
CA VAL F 512 -10.01 0.08 4.91
C VAL F 512 -9.23 0.73 3.78
N SER F 513 -9.43 0.23 2.56
CA SER F 513 -8.76 0.79 1.40
C SER F 513 -9.22 2.23 1.17
N PRO F 514 -8.38 3.04 0.51
CA PRO F 514 -8.72 4.47 0.38
C PRO F 514 -10.07 4.74 -0.26
N SER F 515 -10.49 3.92 -1.22
CA SER F 515 -11.78 4.10 -1.87
C SER F 515 -12.90 3.35 -1.17
N MET F 516 -12.62 2.72 -0.03
CA MET F 516 -13.59 1.96 0.77
C MET F 516 -14.15 0.76 0.01
N CYS F 517 -13.53 0.37 -1.10
CA CYS F 517 -14.02 -0.77 -1.86
C CYS F 517 -13.66 -2.09 -1.18
N GLY F 518 -12.59 -2.11 -0.39
CA GLY F 518 -12.16 -3.31 0.29
C GLY F 518 -11.34 -3.00 1.51
N VAL F 519 -10.96 -4.05 2.23
CA VAL F 519 -10.22 -3.96 3.48
C VAL F 519 -8.95 -4.81 3.39
N ILE F 520 -7.86 -4.29 3.95
CA ILE F 520 -6.60 -5.02 4.04
C ILE F 520 -6.55 -5.67 5.41
N VAL F 521 -6.29 -6.98 5.45
CA VAL F 521 -6.14 -7.71 6.69
C VAL F 521 -4.79 -8.41 6.67
N LYS F 522 -4.03 -8.26 7.75
CA LYS F 522 -2.79 -8.99 7.95
C LYS F 522 -3.03 -10.03 9.03
N GLN F 523 -2.64 -11.26 8.75
CA GLN F 523 -2.99 -12.41 9.59
C GLN F 523 -1.73 -12.93 10.27
N TYR F 524 -1.93 -13.57 11.43
CA TYR F 524 -0.80 -14.10 12.18
C TYR F 524 -0.13 -15.25 11.44
N ASN F 525 -0.92 -16.21 10.95
CA ASN F 525 -0.38 -17.39 10.29
C ASN F 525 -0.21 -17.23 8.79
N LYS F 526 -0.59 -16.06 8.24
CA LYS F 526 -0.43 -15.79 6.82
C LYS F 526 0.82 -14.92 6.62
N LYS F 527 1.81 -15.46 5.89
CA LYS F 527 3.02 -14.71 5.61
C LYS F 527 2.80 -13.61 4.57
N TRP F 528 1.65 -13.58 3.91
CA TRP F 528 1.33 -12.57 2.92
C TRP F 528 0.08 -11.81 3.31
N PRO F 529 -0.03 -10.55 2.93
CA PRO F 529 -1.27 -9.80 3.20
C PRO F 529 -2.45 -10.40 2.45
N GLN F 530 -3.61 -10.37 3.09
CA GLN F 530 -4.84 -10.84 2.45
C GLN F 530 -5.55 -9.66 1.79
N PHE F 531 -6.77 -9.88 1.32
CA PHE F 531 -7.58 -8.83 0.72
C PHE F 531 -9.02 -9.33 0.63
N TYR F 532 -9.95 -8.45 0.98
CA TYR F 532 -11.37 -8.75 0.91
C TYR F 532 -12.07 -7.64 0.14
N ALA F 533 -12.93 -8.02 -0.80
CA ALA F 533 -13.64 -7.08 -1.64
C ALA F 533 -15.11 -7.03 -1.24
N ALA F 534 -15.82 -6.05 -1.81
CA ALA F 534 -17.23 -5.85 -1.52
C ALA F 534 -18.09 -6.73 -2.42
N VAL F 535 -19.20 -7.22 -1.87
CA VAL F 535 -20.12 -8.08 -2.60
C VAL F 535 -21.52 -7.49 -2.53
N GLN F 536 -22.36 -7.89 -3.48
CA GLN F 536 -23.74 -7.45 -3.55
C GLN F 536 -24.65 -8.65 -3.66
N LYS F 537 -25.67 -8.71 -2.81
CA LYS F 537 -26.53 -9.89 -2.75
C LYS F 537 -27.51 -9.95 -3.92
N ASN F 538 -28.03 -8.81 -4.36
CA ASN F 538 -29.05 -8.78 -5.41
C ASN F 538 -28.41 -8.53 -6.77
N TYR F 539 -27.56 -9.46 -7.19
CA TYR F 539 -26.93 -9.36 -8.50
C TYR F 539 -27.82 -9.87 -9.62
N ALA F 540 -28.94 -10.53 -9.29
CA ALA F 540 -29.86 -11.04 -10.30
C ALA F 540 -30.87 -9.99 -10.76
N ASP F 541 -30.93 -8.83 -10.12
CA ASP F 541 -31.87 -7.79 -10.50
C ASP F 541 -31.26 -6.92 -11.59
N PRO F 542 -31.80 -6.91 -12.80
CA PRO F 542 -31.17 -6.13 -13.88
C PRO F 542 -31.44 -4.63 -13.81
N GLU F 543 -32.46 -4.19 -13.08
CA GLU F 543 -32.84 -2.79 -13.10
C GLU F 543 -31.86 -1.90 -12.35
N LYS F 544 -30.99 -2.47 -11.52
CA LYS F 544 -30.07 -1.69 -10.71
C LYS F 544 -28.74 -1.40 -11.40
N ASP F 545 -28.57 -1.85 -12.65
CA ASP F 545 -27.30 -1.63 -13.34
C ASP F 545 -27.07 -0.15 -13.65
N SER F 546 -28.13 0.62 -13.82
CA SER F 546 -27.97 2.04 -14.11
C SER F 546 -27.34 2.79 -12.94
N ILE F 547 -27.79 2.49 -11.71
CA ILE F 547 -27.25 3.18 -10.54
C ILE F 547 -25.82 2.73 -10.26
N ASN F 548 -25.57 1.43 -10.34
CA ASN F 548 -24.26 0.90 -9.95
C ASN F 548 -23.15 1.44 -10.84
N ALA F 549 -23.39 1.51 -12.16
CA ALA F 549 -22.37 2.02 -13.05
C ALA F 549 -22.04 3.48 -12.76
N THR F 550 -23.06 4.27 -12.42
CA THR F 550 -22.82 5.67 -12.07
C THR F 550 -22.09 5.80 -10.74
N ALA F 551 -22.40 4.93 -9.78
CA ALA F 551 -21.75 5.00 -8.48
C ALA F 551 -20.25 4.70 -8.58
N LEU F 552 -19.89 3.66 -9.33
CA LEU F 552 -18.47 3.36 -9.55
C LEU F 552 -17.80 4.39 -10.44
N ALA F 553 -18.58 5.10 -11.26
CA ALA F 553 -18.01 6.14 -12.10
C ALA F 553 -17.46 7.28 -11.27
N PHE F 554 -18.20 7.70 -10.23
CA PHE F 554 -17.74 8.79 -9.38
C PHE F 554 -16.63 8.36 -8.44
N GLY F 555 -16.47 7.05 -8.19
CA GLY F 555 -15.39 6.59 -7.33
C GLY F 555 -14.02 6.97 -7.85
N TYR F 556 -13.83 6.88 -9.17
CA TYR F 556 -12.57 7.28 -9.77
C TYR F 556 -12.42 8.80 -9.83
N VAL F 557 -13.53 9.54 -9.88
CA VAL F 557 -13.47 11.00 -10.01
C VAL F 557 -12.73 11.60 -8.83
N LYS F 558 -13.03 11.15 -7.61
CA LYS F 558 -12.32 11.63 -6.44
C LYS F 558 -10.87 11.15 -6.43
N SER F 559 -10.62 9.93 -6.92
CA SER F 559 -9.28 9.37 -6.85
C SER F 559 -8.29 10.15 -7.71
N LEU F 560 -8.69 10.52 -8.92
CA LEU F 560 -7.79 11.27 -9.80
C LEU F 560 -7.48 12.65 -9.21
N HIS F 561 -8.50 13.30 -8.63
CA HIS F 561 -8.28 14.61 -8.04
C HIS F 561 -7.31 14.55 -6.86
N LYS F 562 -7.28 13.43 -6.16
CA LYS F 562 -6.35 13.21 -5.05
C LYS F 562 -5.08 12.49 -5.47
N GLN F 563 -4.91 12.21 -6.78
CA GLN F 563 -3.71 11.57 -7.31
C GLN F 563 -3.47 10.20 -6.66
N ILE F 564 -4.56 9.46 -6.44
CA ILE F 564 -4.49 8.12 -5.87
C ILE F 564 -4.50 7.11 -7.01
N SER F 565 -3.75 6.02 -6.84
CA SER F 565 -3.71 4.98 -7.86
C SER F 565 -5.07 4.33 -8.05
N ALA F 566 -5.81 4.13 -6.95
CA ALA F 566 -7.14 3.52 -6.98
C ALA F 566 -7.10 2.12 -7.57
N GLU F 567 -6.06 1.36 -7.23
CA GLU F 567 -5.99 -0.04 -7.66
C GLU F 567 -7.00 -0.89 -6.90
N ASP F 568 -7.39 -0.46 -5.70
CA ASP F 568 -8.39 -1.19 -4.93
C ASP F 568 -9.75 -1.15 -5.61
N LEU F 569 -10.12 -0.01 -6.19
CA LEU F 569 -11.42 0.12 -6.83
C LEU F 569 -11.51 -0.72 -8.09
N THR F 570 -10.40 -0.86 -8.81
CA THR F 570 -10.40 -1.63 -10.06
C THR F 570 -10.73 -3.10 -9.80
N ILE F 571 -10.19 -3.68 -8.72
CA ILE F 571 -10.45 -5.07 -8.41
C ILE F 571 -11.93 -5.28 -8.11
N ALA F 572 -12.53 -4.38 -7.33
CA ALA F 572 -13.92 -4.54 -6.93
C ALA F 572 -14.86 -4.48 -8.12
N ALA F 573 -14.59 -3.59 -9.09
CA ALA F 573 -15.47 -3.47 -10.25
C ALA F 573 -15.45 -4.74 -11.08
N LYS F 574 -14.28 -5.37 -11.24
CA LYS F 574 -14.17 -6.55 -12.09
C LYS F 574 -14.94 -7.74 -11.52
N THR F 575 -14.93 -7.91 -10.20
CA THR F 575 -15.61 -9.06 -9.60
C THR F 575 -17.11 -9.02 -9.87
N HIS F 576 -17.72 -7.84 -9.76
CA HIS F 576 -19.14 -7.71 -10.07
C HIS F 576 -19.43 -8.00 -11.55
N ILE F 577 -18.57 -7.50 -12.43
CA ILE F 577 -18.75 -7.75 -13.87
C ILE F 577 -18.61 -9.24 -14.17
N LEU F 578 -17.68 -9.92 -13.49
CA LEU F 578 -17.48 -11.34 -13.73
C LEU F 578 -18.72 -12.14 -13.37
N ARG F 579 -19.37 -11.79 -12.25
CA ARG F 579 -20.59 -12.49 -11.87
C ARG F 579 -21.72 -12.23 -12.85
N ILE F 580 -21.76 -11.04 -13.46
CA ILE F 580 -22.77 -10.75 -14.47
C ILE F 580 -22.54 -11.59 -15.71
N SER F 581 -21.29 -11.70 -16.16
CA SER F 581 -20.98 -12.43 -17.38
C SER F 581 -21.22 -13.92 -17.25
N PHE F 582 -21.22 -14.46 -16.04
CA PHE F 582 -21.47 -15.89 -15.86
C PHE F 582 -22.88 -16.28 -16.26
N LEU F 583 -23.85 -15.39 -16.03
CA LEU F 583 -25.23 -15.67 -16.40
C LEU F 583 -25.58 -15.20 -17.80
N ASP F 584 -25.32 -13.93 -18.10
CA ASP F 584 -25.61 -13.35 -19.41
C ASP F 584 -24.41 -12.55 -19.87
N ARG F 585 -23.75 -13.00 -20.94
CA ARG F 585 -22.58 -12.31 -21.45
C ARG F 585 -22.96 -11.01 -22.15
N LYS F 586 -24.14 -10.97 -22.76
CA LYS F 586 -24.57 -9.77 -23.47
C LYS F 586 -24.77 -8.60 -22.50
N ARG F 587 -25.32 -8.88 -21.32
CA ARG F 587 -25.62 -7.82 -20.37
C ARG F 587 -24.35 -7.14 -19.87
N ALA F 588 -23.28 -7.91 -19.64
CA ALA F 588 -22.07 -7.36 -19.06
C ALA F 588 -21.39 -6.36 -19.98
N LYS F 589 -21.51 -6.53 -21.30
CA LYS F 589 -20.88 -5.61 -22.24
C LYS F 589 -21.48 -4.21 -22.13
N GLU F 590 -22.81 -4.12 -21.99
CA GLU F 590 -23.45 -2.82 -21.87
C GLU F 590 -23.11 -2.14 -20.55
N PHE F 591 -22.79 -2.93 -19.52
CA PHE F 591 -22.43 -2.35 -18.23
C PHE F 591 -21.16 -1.51 -18.35
N ILE F 592 -20.18 -1.98 -19.12
CA ILE F 592 -18.95 -1.23 -19.30
C ILE F 592 -19.22 0.09 -20.03
N THR F 593 -20.03 0.04 -21.09
CA THR F 593 -20.26 1.23 -21.90
C THR F 593 -20.92 2.34 -21.09
N THR F 594 -21.94 2.00 -20.29
CA THR F 594 -22.61 3.01 -19.48
C THR F 594 -21.68 3.52 -18.37
N LEU F 595 -20.86 2.64 -17.80
CA LEU F 595 -20.01 3.03 -16.68
C LEU F 595 -18.98 4.07 -17.11
N LEU F 596 -18.27 3.81 -18.21
CA LEU F 596 -17.22 4.73 -18.65
C LEU F 596 -17.80 6.01 -19.23
N LYS F 597 -19.05 5.99 -19.71
CA LYS F 597 -19.67 7.19 -20.24
C LYS F 597 -19.84 8.25 -19.16
N SER F 598 -20.21 7.83 -17.94
CA SER F 598 -20.43 8.78 -16.87
C SER F 598 -19.15 9.48 -16.44
N LEU F 599 -17.99 8.85 -16.67
CA LEU F 599 -16.73 9.51 -16.35
C LEU F 599 -16.55 10.80 -17.14
N TYR F 600 -16.89 10.77 -18.43
CA TYR F 600 -16.74 11.95 -19.26
C TYR F 600 -17.66 13.08 -18.80
N SER F 601 -18.90 12.75 -18.43
CA SER F 601 -19.83 13.76 -17.95
C SER F 601 -19.37 14.35 -16.62
N PHE F 602 -18.84 13.52 -15.73
CA PHE F 602 -18.40 13.99 -14.41
C PHE F 602 -17.24 14.96 -14.54
N PHE F 603 -16.29 14.69 -15.43
CA PHE F 603 -15.08 15.50 -15.59
C PHE F 603 -15.27 16.63 -16.58
N ASN F 604 -16.49 16.83 -17.08
CA ASN F 604 -16.80 17.89 -18.04
C ASN F 604 -15.93 17.78 -19.30
N ILE F 605 -15.73 16.55 -19.76
CA ILE F 605 -15.07 16.28 -21.03
C ILE F 605 -16.05 15.52 -21.92
N SER F 606 -16.19 15.97 -23.16
CA SER F 606 -17.21 15.44 -24.07
C SER F 606 -16.60 14.89 -25.34
N PRO F 607 -16.71 13.58 -25.59
CA PRO F 607 -16.20 13.03 -26.87
C PRO F 607 -17.03 13.43 -28.09
N ASP F 608 -18.15 14.12 -27.90
CA ASP F 608 -18.94 14.63 -29.01
C ASP F 608 -18.71 16.13 -29.23
N ALA F 609 -17.68 16.70 -28.62
CA ALA F 609 -17.39 18.12 -28.73
C ALA F 609 -16.71 18.43 -30.06
N PRO F 610 -16.61 19.71 -30.42
CA PRO F 610 -15.83 20.08 -31.61
C PRO F 610 -14.38 19.62 -31.51
N LYS F 611 -13.68 19.74 -32.63
CA LYS F 611 -12.32 19.19 -32.75
C LYS F 611 -11.30 19.91 -31.89
N GLU F 612 -11.59 21.14 -31.46
CA GLU F 612 -10.62 21.88 -30.66
C GLU F 612 -10.33 21.18 -29.33
N ILE F 613 -11.38 20.71 -28.65
CA ILE F 613 -11.19 20.01 -27.39
C ILE F 613 -10.50 18.67 -27.60
N MET F 614 -10.59 18.12 -28.82
CA MET F 614 -10.08 16.78 -29.07
C MET F 614 -8.56 16.74 -28.93
N ASP F 615 -7.88 17.83 -29.28
CA ASP F 615 -6.43 17.90 -29.07
C ASP F 615 -6.09 17.84 -27.59
N LYS F 616 -6.90 18.49 -26.75
CA LYS F 616 -6.68 18.45 -25.31
C LYS F 616 -6.84 17.04 -24.75
N ILE F 617 -7.72 16.24 -25.37
CA ILE F 617 -7.96 14.89 -24.86
C ILE F 617 -6.72 14.01 -25.00
N ILE F 618 -6.04 14.11 -26.14
CA ILE F 618 -4.91 13.22 -26.42
C ILE F 618 -3.79 13.42 -25.40
N THR F 619 -3.51 14.67 -25.04
CA THR F 619 -2.47 14.96 -24.07
C THR F 619 -2.91 14.74 -22.63
N SER F 620 -4.17 14.41 -22.40
CA SER F 620 -4.69 14.28 -21.04
C SER F 620 -4.16 13.02 -20.37
N ARG F 621 -3.76 13.17 -19.11
CA ARG F 621 -3.36 12.02 -18.30
C ARG F 621 -4.45 10.97 -18.14
N PRO F 622 -5.74 11.31 -17.95
CA PRO F 622 -6.74 10.27 -17.64
C PRO F 622 -6.79 9.11 -18.64
N LEU F 623 -6.53 9.34 -19.93
CA LEU F 623 -6.59 8.23 -20.88
C LEU F 623 -5.57 7.15 -20.55
N GLN F 624 -4.47 7.52 -19.88
CA GLN F 624 -3.53 6.53 -19.40
C GLN F 624 -4.14 5.64 -18.32
N LYS F 625 -5.24 6.08 -17.70
CA LYS F 625 -5.90 5.32 -16.64
C LYS F 625 -7.31 4.88 -16.98
N ILE F 626 -8.12 5.74 -17.60
CA ILE F 626 -9.49 5.35 -17.93
C ILE F 626 -9.49 4.27 -18.99
N MET F 627 -8.57 4.35 -19.96
CA MET F 627 -8.42 3.26 -20.92
C MET F 627 -7.85 2.02 -20.26
N LEU F 628 -7.02 2.20 -19.23
CA LEU F 628 -6.53 1.05 -18.47
C LEU F 628 -7.65 0.33 -17.74
N LEU F 629 -8.76 1.01 -17.46
CA LEU F 629 -9.88 0.36 -16.78
C LEU F 629 -10.44 -0.78 -17.61
N GLN F 630 -10.77 -0.51 -18.88
CA GLN F 630 -11.25 -1.58 -19.74
C GLN F 630 -10.15 -2.57 -20.09
N LEU F 631 -8.89 -2.18 -19.96
CA LEU F 631 -7.79 -3.13 -20.16
C LEU F 631 -7.83 -4.23 -19.10
N GLU F 632 -8.34 -3.93 -17.90
CA GLU F 632 -8.51 -4.93 -16.87
C GLU F 632 -9.93 -5.45 -16.76
N LEU F 633 -10.92 -4.58 -16.99
CA LEU F 633 -12.32 -5.01 -16.91
C LEU F 633 -12.76 -5.87 -18.08
N GLY F 634 -11.99 -5.87 -19.17
CA GLY F 634 -12.29 -6.71 -20.32
C GLY F 634 -11.30 -7.82 -20.59
N SER F 635 -10.47 -8.19 -19.60
CA SER F 635 -9.44 -9.19 -19.84
C SER F 635 -10.02 -10.59 -20.01
N CYS F 636 -11.04 -10.93 -19.21
CA CYS F 636 -11.61 -12.27 -19.26
C CYS F 636 -12.23 -12.57 -20.62
N PHE F 637 -12.73 -11.56 -21.32
CA PHE F 637 -13.39 -11.77 -22.59
C PHE F 637 -12.37 -12.11 -23.68
N SER F 638 -12.13 -13.39 -23.91
CA SER F 638 -11.18 -13.82 -24.92
C SER F 638 -11.71 -13.50 -26.32
N GLN F 639 -10.76 -13.20 -27.22
CA GLN F 639 -11.08 -12.87 -28.61
C GLN F 639 -12.04 -11.70 -28.72
N GLU F 640 -11.93 -10.73 -27.80
CA GLU F 640 -12.76 -9.54 -27.81
C GLU F 640 -11.91 -8.31 -28.01
N ASN F 641 -12.47 -7.32 -28.69
CA ASN F 641 -11.74 -6.14 -29.12
C ASN F 641 -11.93 -4.94 -28.20
N ILE F 642 -12.56 -5.13 -27.03
CA ILE F 642 -12.71 -4.03 -26.09
C ILE F 642 -11.36 -3.61 -25.54
N GLU F 643 -10.56 -4.59 -25.09
CA GLU F 643 -9.22 -4.28 -24.59
C GLU F 643 -8.26 -3.97 -25.73
N GLU F 644 -8.43 -4.63 -26.88
CA GLU F 644 -7.54 -4.39 -28.02
C GLU F 644 -7.68 -2.97 -28.53
N MET F 645 -8.91 -2.45 -28.59
CA MET F 645 -9.12 -1.08 -29.06
C MET F 645 -8.46 -0.07 -28.13
N ALA F 646 -8.52 -0.30 -26.82
CA ALA F 646 -7.90 0.64 -25.89
C ALA F 646 -6.38 0.56 -25.96
N ARG F 647 -5.84 -0.66 -26.11
CA ARG F 647 -4.38 -0.82 -26.11
C ARG F 647 -3.74 -0.17 -27.32
N VAL F 648 -4.34 -0.32 -28.50
CA VAL F 648 -3.75 0.26 -29.71
C VAL F 648 -3.73 1.79 -29.62
N ILE F 649 -4.80 2.38 -29.11
CA ILE F 649 -4.82 3.82 -28.88
C ILE F 649 -3.80 4.20 -27.81
N LEU F 650 -3.74 3.41 -26.73
CA LEU F 650 -2.77 3.67 -25.67
C LEU F 650 -1.34 3.54 -26.19
N TYR F 651 -1.07 2.50 -26.98
CA TYR F 651 0.26 2.34 -27.55
C TYR F 651 0.56 3.40 -28.61
N LEU F 652 -0.47 3.84 -29.33
CA LEU F 652 -0.29 4.97 -30.24
C LEU F 652 0.14 6.22 -29.49
N LYS F 653 -0.36 6.39 -28.26
CA LYS F 653 0.11 7.48 -27.42
C LYS F 653 1.60 7.32 -27.12
N ASN F 654 2.05 6.10 -26.84
CA ASN F 654 3.48 5.84 -26.73
C ASN F 654 4.18 6.10 -28.06
N VAL F 655 3.55 5.69 -29.16
CA VAL F 655 4.07 6.04 -30.49
C VAL F 655 4.07 7.55 -30.68
N LEU F 656 3.05 8.23 -30.14
CA LEU F 656 3.02 9.69 -30.21
C LEU F 656 4.18 10.30 -29.46
N PHE F 657 4.49 9.78 -28.26
CA PHE F 657 5.61 10.31 -27.48
C PHE F 657 6.95 10.06 -28.16
N ALA F 658 7.02 9.13 -29.11
CA ALA F 658 8.28 8.80 -29.75
C ALA F 658 8.69 9.87 -30.75
N PHE F 659 7.86 10.08 -31.78
CA PHE F 659 8.23 11.01 -32.85
C PHE F 659 8.06 12.46 -32.42
N ASN F 660 6.86 12.85 -32.01
CA ASN F 660 6.62 14.23 -31.58
C ASN F 660 7.34 14.56 -30.28
N GLY F 661 7.67 13.55 -29.47
CA GLY F 661 8.50 13.80 -28.31
C GLY F 661 9.90 14.24 -28.67
N VAL F 662 10.41 13.76 -29.81
CA VAL F 662 11.75 14.16 -30.25
C VAL F 662 11.70 15.18 -31.39
N ALA F 663 10.57 15.34 -32.05
CA ALA F 663 10.45 16.36 -33.09
C ALA F 663 10.66 17.75 -32.51
N ARG F 664 10.07 18.02 -31.35
CA ARG F 664 10.34 19.27 -30.66
C ARG F 664 11.80 19.36 -30.24
N ASN F 665 12.36 18.26 -29.73
CA ASN F 665 13.76 18.27 -29.31
C ASN F 665 14.69 18.47 -30.50
N PHE F 666 14.39 17.82 -31.63
CA PHE F 666 15.25 17.95 -32.81
C PHE F 666 15.17 19.36 -33.41
N HIS F 667 14.02 20.03 -33.28
CA HIS F 667 13.88 21.37 -33.84
C HIS F 667 14.84 22.35 -33.18
N PHE F 668 14.97 22.27 -31.86
CA PHE F 668 15.87 23.17 -31.15
C PHE F 668 17.33 22.90 -31.48
N ALA F 669 17.66 21.69 -31.93
CA ALA F 669 19.04 21.40 -32.31
C ALA F 669 19.47 22.13 -33.57
N ILE F 670 18.52 22.56 -34.40
CA ILE F 670 18.85 23.27 -35.62
C ILE F 670 19.47 24.63 -35.30
N GLU F 671 18.87 25.34 -34.34
CA GLU F 671 19.37 26.67 -33.98
C GLU F 671 20.72 26.58 -33.28
N GLN F 672 20.96 25.52 -32.51
CA GLN F 672 22.22 25.39 -31.80
C GLN F 672 23.41 25.26 -32.76
N ILE F 673 23.16 24.79 -33.98
CA ILE F 673 24.25 24.61 -34.93
C ILE F 673 24.80 25.96 -35.37
N SER F 674 23.92 26.89 -35.72
CA SER F 674 24.37 28.17 -36.28
C SER F 674 25.08 29.03 -35.25
N ASN F 675 24.51 29.13 -34.04
CA ASN F 675 25.07 30.02 -33.04
C ASN F 675 26.34 29.48 -32.40
N ASN F 676 26.59 28.17 -32.49
CA ASN F 676 27.78 27.55 -31.91
C ASN F 676 28.78 27.12 -32.96
N SER F 677 28.78 27.79 -34.12
CA SER F 677 29.69 27.48 -35.20
C SER F 677 30.97 28.30 -35.16
N ASN F 678 31.14 29.16 -34.15
CA ASN F 678 32.33 30.00 -34.04
C ASN F 678 33.46 29.35 -33.26
N GLN F 679 33.22 28.19 -32.64
CA GLN F 679 34.25 27.46 -31.90
C GLN F 679 34.15 25.99 -32.31
N GLN F 680 35.03 25.57 -33.21
CA GLN F 680 35.01 24.21 -33.71
C GLN F 680 35.96 23.28 -32.96
N GLN F 681 37.05 23.80 -32.44
CA GLN F 681 38.07 22.98 -31.79
C GLN F 681 37.80 22.76 -30.30
N ASN F 682 36.74 23.34 -29.74
CA ASN F 682 36.45 23.18 -28.34
C ASN F 682 36.07 21.73 -28.03
N PRO F 683 36.41 21.23 -26.85
CA PRO F 683 36.06 19.84 -26.51
C PRO F 683 34.59 19.62 -26.19
N LYS F 684 33.77 20.67 -26.19
CA LYS F 684 32.34 20.53 -25.94
C LYS F 684 31.53 20.34 -27.21
N LEU F 685 31.97 20.93 -28.33
CA LEU F 685 31.23 20.75 -29.58
C LEU F 685 31.34 19.33 -30.11
N PHE F 686 32.48 18.67 -29.92
CA PHE F 686 32.66 17.32 -30.44
C PHE F 686 31.66 16.36 -29.83
N GLN F 687 31.44 16.45 -28.52
CA GLN F 687 30.39 15.63 -27.89
C GLN F 687 29.01 16.10 -28.34
N THR F 688 28.83 17.41 -28.55
CA THR F 688 27.57 17.91 -29.07
C THR F 688 27.30 17.39 -30.48
N ILE F 689 28.32 17.37 -31.33
CA ILE F 689 28.16 16.87 -32.69
C ILE F 689 27.83 15.38 -32.68
N PHE F 690 28.53 14.61 -31.85
CA PHE F 690 28.29 13.17 -31.79
C PHE F 690 26.86 12.87 -31.35
N SER F 691 26.36 13.59 -30.35
CA SER F 691 25.01 13.34 -29.86
C SER F 691 23.93 13.70 -30.88
N LYS F 692 24.22 14.62 -31.80
CA LYS F 692 23.20 15.02 -32.78
C LYS F 692 22.82 13.86 -33.69
N GLN F 693 23.81 13.14 -34.20
CA GLN F 693 23.55 12.02 -35.11
C GLN F 693 23.31 10.71 -34.39
N ASP F 694 23.59 10.63 -33.09
CA ASP F 694 23.27 9.42 -32.34
C ASP F 694 21.80 9.32 -32.01
N LEU F 695 21.14 10.45 -31.75
CA LEU F 695 19.74 10.43 -31.34
C LEU F 695 18.84 9.87 -32.44
N ILE F 696 19.08 10.27 -33.69
CA ILE F 696 18.25 9.80 -34.79
C ILE F 696 18.39 8.30 -35.01
N HIS F 697 19.52 7.71 -34.59
CA HIS F 697 19.72 6.28 -34.78
C HIS F 697 18.72 5.47 -33.95
N SER F 698 18.43 5.91 -32.73
CA SER F 698 17.55 5.16 -31.84
C SER F 698 16.10 5.18 -32.28
N LEU F 699 15.72 6.09 -33.19
CA LEU F 699 14.36 6.13 -33.69
C LEU F 699 14.08 5.01 -34.70
N ILE F 700 15.13 4.43 -35.29
CA ILE F 700 14.95 3.40 -36.32
C ILE F 700 14.19 2.19 -35.78
N PRO F 701 14.53 1.61 -34.63
CA PRO F 701 13.72 0.49 -34.12
C PRO F 701 12.27 0.85 -33.88
N VAL F 702 11.98 2.09 -33.49
CA VAL F 702 10.59 2.52 -33.31
C VAL F 702 9.87 2.55 -34.64
N ALA F 703 10.53 3.06 -35.68
CA ALA F 703 9.89 3.18 -36.99
C ALA F 703 9.52 1.83 -37.57
N LYS F 704 10.26 0.78 -37.22
CA LYS F 704 9.93 -0.56 -37.72
C LYS F 704 8.57 -1.00 -37.22
N TRP F 705 8.28 -0.77 -35.94
CA TRP F 705 6.95 -1.08 -35.42
C TRP F 705 5.90 -0.11 -35.96
N PHE F 706 6.30 1.12 -36.27
CA PHE F 706 5.37 2.08 -36.85
C PHE F 706 4.87 1.60 -38.22
N VAL F 707 5.78 1.11 -39.06
CA VAL F 707 5.37 0.54 -40.35
C VAL F 707 4.65 -0.78 -40.14
N LYS F 708 5.14 -1.61 -39.23
CA LYS F 708 4.52 -2.90 -38.96
C LYS F 708 3.10 -2.76 -38.43
N PHE F 709 2.74 -1.60 -37.87
CA PHE F 709 1.39 -1.41 -37.33
C PHE F 709 0.40 -1.09 -38.44
N ILE F 710 0.76 -0.18 -39.35
CA ILE F 710 -0.17 0.23 -40.40
C ILE F 710 -0.44 -0.91 -41.37
N THR F 711 0.48 -1.87 -41.48
CA THR F 711 0.24 -3.00 -42.36
C THR F 711 -0.83 -3.94 -41.81
N TYR F 712 -0.91 -4.07 -40.48
CA TYR F 712 -1.89 -4.96 -39.89
C TYR F 712 -3.32 -4.51 -40.20
N LEU F 713 -3.58 -3.20 -40.10
CA LEU F 713 -4.91 -2.69 -40.40
C LEU F 713 -5.22 -2.81 -41.89
N THR F 714 -4.21 -2.59 -42.75
CA THR F 714 -4.43 -2.76 -44.19
C THR F 714 -4.64 -4.22 -44.56
N GLN F 715 -3.99 -5.14 -43.85
CA GLN F 715 -4.20 -6.56 -44.10
C GLN F 715 -5.65 -6.96 -43.78
N GLU F 716 -6.19 -6.42 -42.69
CA GLU F 716 -7.56 -6.75 -42.31
C GLU F 716 -8.58 -6.21 -43.30
N ILE F 717 -8.23 -5.17 -44.06
CA ILE F 717 -9.15 -4.64 -45.08
C ILE F 717 -9.43 -5.71 -46.13
N LEU F 718 -8.40 -6.39 -46.60
CA LEU F 718 -8.58 -7.41 -47.63
C LEU F 718 -9.38 -8.60 -47.09
N ILE F 719 -9.14 -8.98 -45.83
CA ILE F 719 -9.82 -10.13 -45.25
C ILE F 719 -11.30 -9.83 -45.05
N LEU F 720 -11.63 -8.62 -44.59
CA LEU F 720 -13.02 -8.31 -44.24
C LEU F 720 -13.91 -8.24 -45.48
N ILE F 721 -13.36 -7.92 -46.64
CA ILE F 721 -14.17 -7.77 -47.85
C ILE F 721 -14.83 -9.09 -48.22
N ASN F 722 -14.08 -10.19 -48.16
CA ASN F 722 -14.64 -11.48 -48.54
C ASN F 722 -15.76 -11.91 -47.60
N ASP F 723 -15.57 -11.75 -46.29
CA ASP F 723 -16.54 -12.20 -45.29
C ASP F 723 -16.90 -11.03 -44.38
N PRO F 724 -17.91 -10.24 -44.73
CA PRO F 724 -18.31 -9.11 -43.87
C PRO F 724 -19.07 -9.53 -42.63
N THR F 725 -19.48 -10.79 -42.52
CA THR F 725 -20.30 -11.25 -41.41
C THR F 725 -19.47 -11.79 -40.24
N ASN F 726 -18.15 -11.68 -40.30
CA ASN F 726 -17.29 -12.19 -39.24
C ASN F 726 -17.22 -11.17 -38.11
N LYS F 727 -17.78 -11.52 -36.96
CA LYS F 727 -17.78 -10.62 -35.81
C LYS F 727 -16.44 -10.59 -35.09
N GLU F 728 -15.58 -11.59 -35.29
CA GLU F 728 -14.30 -11.64 -34.60
C GLU F 728 -13.30 -10.62 -35.13
N TYR F 729 -13.59 -9.97 -36.25
CA TYR F 729 -12.71 -8.98 -36.85
C TYR F 729 -13.35 -7.59 -36.89
N THR F 730 -14.13 -7.26 -35.86
CA THR F 730 -14.79 -5.96 -35.80
C THR F 730 -13.89 -4.87 -35.24
N LEU F 731 -12.66 -5.20 -34.84
CA LEU F 731 -11.75 -4.18 -34.33
C LEU F 731 -11.35 -3.18 -35.40
N VAL F 732 -11.34 -3.60 -36.67
CA VAL F 732 -10.92 -2.72 -37.75
C VAL F 732 -11.85 -1.52 -37.89
N HIS F 733 -13.13 -1.69 -37.54
CA HIS F 733 -14.08 -0.59 -37.65
C HIS F 733 -13.76 0.53 -36.67
N GLY F 734 -13.46 0.19 -35.42
CA GLY F 734 -13.24 1.21 -34.41
C GLY F 734 -11.98 2.02 -34.65
N ILE F 735 -10.93 1.39 -35.17
CA ILE F 735 -9.65 2.07 -35.34
C ILE F 735 -9.79 3.25 -36.30
N PHE F 736 -10.45 3.03 -37.43
CA PHE F 736 -10.68 4.13 -38.37
C PHE F 736 -11.73 5.10 -37.86
N GLY F 737 -12.68 4.62 -37.04
CA GLY F 737 -13.73 5.47 -36.55
C GLY F 737 -13.27 6.52 -35.56
N ALA F 738 -12.17 6.25 -34.85
CA ALA F 738 -11.64 7.21 -33.89
C ALA F 738 -11.26 8.51 -34.61
N LYS F 739 -11.73 9.63 -34.06
CA LYS F 739 -11.59 10.90 -34.77
C LYS F 739 -10.22 11.52 -34.57
N MET F 740 -9.68 11.46 -33.35
CA MET F 740 -8.36 12.05 -33.12
C MET F 740 -7.23 11.19 -33.67
N SER F 741 -7.45 9.86 -33.76
CA SER F 741 -6.42 8.98 -34.29
C SER F 741 -6.11 9.30 -35.74
N ARG F 742 -7.15 9.59 -36.54
CA ARG F 742 -6.92 10.00 -37.92
C ARG F 742 -6.12 11.29 -37.99
N THR F 743 -6.46 12.26 -37.15
CA THR F 743 -5.66 13.49 -37.06
C THR F 743 -4.29 13.22 -36.46
N LEU F 744 -4.21 12.33 -35.48
CA LEU F 744 -2.93 12.06 -34.82
C LEU F 744 -1.92 11.47 -35.78
N ILE F 745 -2.35 10.49 -36.60
CA ILE F 745 -1.47 9.91 -37.60
C ILE F 745 -1.09 10.94 -38.64
N LEU F 746 -2.05 11.80 -39.04
CA LEU F 746 -1.75 12.86 -39.98
C LEU F 746 -0.70 13.82 -39.42
N SER F 747 -0.81 14.14 -38.13
CA SER F 747 0.22 14.96 -37.49
C SER F 747 1.56 14.24 -37.47
N ILE F 748 1.55 12.93 -37.22
CA ILE F 748 2.78 12.15 -37.27
C ILE F 748 3.36 12.16 -38.68
N LEU F 749 2.49 11.99 -39.69
CA LEU F 749 2.95 12.08 -41.07
C LEU F 749 3.39 13.49 -41.42
N ASN F 750 2.78 14.50 -40.80
CA ASN F 750 3.19 15.88 -41.05
C ASN F 750 4.60 16.14 -40.53
N GLU F 751 4.87 15.78 -39.28
CA GLU F 751 6.20 15.99 -38.71
C GLU F 751 7.23 15.10 -39.39
N ILE F 752 6.83 13.91 -39.85
CA ILE F 752 7.74 13.06 -40.62
C ILE F 752 8.17 13.77 -41.89
N LYS F 753 7.23 14.39 -42.59
CA LYS F 753 7.58 15.21 -43.75
C LYS F 753 8.45 16.38 -43.35
N LYS F 754 8.10 17.05 -42.24
CA LYS F 754 8.89 18.19 -41.78
C LYS F 754 10.31 17.76 -41.39
N VAL F 755 10.44 16.63 -40.68
CA VAL F 755 11.76 16.15 -40.28
C VAL F 755 12.60 15.82 -41.51
N THR F 756 12.02 15.08 -42.46
CA THR F 756 12.74 14.73 -43.68
C THR F 756 13.10 15.97 -44.48
N GLN F 757 12.17 16.93 -44.58
CA GLN F 757 12.46 18.17 -45.27
C GLN F 757 13.58 18.95 -44.58
N ILE F 758 13.54 19.00 -43.24
CA ILE F 758 14.58 19.69 -42.50
C ILE F 758 15.91 18.97 -42.64
N VAL F 759 15.91 17.63 -42.55
CA VAL F 759 17.14 16.86 -42.73
C VAL F 759 17.70 17.07 -44.14
N ALA F 760 16.82 17.05 -45.15
CA ALA F 760 17.26 17.37 -46.50
C ALA F 760 17.75 18.81 -46.59
N LYS F 761 17.04 19.74 -45.94
CA LYS F 761 17.46 21.13 -45.94
C LYS F 761 18.75 21.32 -45.14
N PHE F 762 18.91 20.58 -44.05
CA PHE F 762 20.07 20.70 -43.15
C PHE F 762 20.68 19.32 -42.93
N PRO F 763 21.42 18.81 -43.90
CA PRO F 763 22.07 17.50 -43.72
C PRO F 763 23.39 17.64 -42.96
N GLU F 764 23.94 16.49 -42.60
CA GLU F 764 25.23 16.43 -41.91
C GLU F 764 26.34 16.41 -42.95
N THR F 765 27.26 17.38 -42.84
CA THR F 765 28.33 17.54 -43.82
C THR F 765 29.72 17.34 -43.26
N SER F 766 29.93 17.61 -41.96
CA SER F 766 31.27 17.49 -41.39
C SER F 766 31.76 16.05 -41.43
N TYR F 767 30.90 15.09 -41.09
CA TYR F 767 31.27 13.69 -41.03
C TYR F 767 30.33 12.87 -41.89
N PRO F 768 30.77 12.44 -43.08
CA PRO F 768 29.90 11.62 -43.94
C PRO F 768 29.51 10.29 -43.31
N ILE F 769 30.34 9.74 -42.43
CA ILE F 769 30.05 8.44 -41.83
C ILE F 769 28.80 8.50 -40.96
N LEU F 770 28.49 9.67 -40.41
CA LEU F 770 27.32 9.84 -39.56
C LEU F 770 26.03 10.01 -40.34
N ASN F 771 26.10 10.10 -41.67
CA ASN F 771 24.91 10.27 -42.50
C ASN F 771 24.10 9.00 -42.66
N GLU F 772 24.59 7.86 -42.17
CA GLU F 772 23.87 6.60 -42.34
C GLU F 772 22.50 6.65 -41.67
N SER F 773 22.44 7.17 -40.44
CA SER F 773 21.17 7.26 -39.74
C SER F 773 20.21 8.20 -40.47
N SER F 774 20.70 9.33 -40.94
CA SER F 774 19.86 10.25 -41.70
C SER F 774 19.42 9.63 -43.01
N THR F 775 20.34 8.96 -43.71
CA THR F 775 19.99 8.31 -44.98
C THR F 775 19.02 7.17 -44.77
N PHE F 776 19.22 6.37 -43.71
CA PHE F 776 18.32 5.25 -43.44
C PHE F 776 16.90 5.72 -43.18
N LEU F 777 16.74 6.90 -42.57
CA LEU F 777 15.40 7.43 -42.32
C LEU F 777 14.66 7.68 -43.63
N LYS F 778 15.36 8.22 -44.64
CA LYS F 778 14.73 8.39 -45.95
C LYS F 778 14.43 7.05 -46.59
N LEU F 779 15.34 6.09 -46.47
CA LEU F 779 15.17 4.80 -47.14
C LEU F 779 13.99 4.02 -46.58
N VAL F 780 13.83 4.00 -45.25
CA VAL F 780 12.77 3.19 -44.66
C VAL F 780 11.39 3.69 -45.06
N LEU F 781 11.26 5.00 -45.27
CA LEU F 781 9.98 5.55 -45.72
C LEU F 781 9.69 5.18 -47.16
N SER F 782 10.68 5.29 -48.04
CA SER F 782 10.48 4.98 -49.45
C SER F 782 10.32 3.48 -49.67
N GLU F 783 11.02 2.66 -48.89
CA GLU F 783 10.99 1.22 -49.07
C GLU F 783 9.80 0.56 -48.39
N SER F 784 8.92 1.32 -47.75
CA SER F 784 7.75 0.76 -47.10
C SER F 784 6.86 0.10 -48.15
N PRO F 785 6.25 -1.05 -47.83
CA PRO F 785 5.41 -1.74 -48.83
C PRO F 785 4.22 -0.93 -49.30
N VAL F 786 3.72 -0.01 -48.48
CA VAL F 786 2.60 0.86 -48.84
C VAL F 786 3.04 2.32 -48.75
N ASP F 787 2.73 3.08 -49.78
CA ASP F 787 3.12 4.49 -49.82
C ASP F 787 2.37 5.28 -48.76
N PHE F 788 3.09 6.13 -48.04
CA PHE F 788 2.47 6.91 -46.97
C PHE F 788 1.52 7.96 -47.52
N GLU F 789 1.84 8.55 -48.68
CA GLU F 789 0.98 9.56 -49.27
C GLU F 789 -0.38 8.97 -49.64
N LYS F 790 -0.39 7.77 -50.21
CA LYS F 790 -1.66 7.11 -50.51
C LYS F 790 -2.42 6.79 -49.22
N PHE F 791 -1.70 6.36 -48.19
CA PHE F 791 -2.34 6.07 -46.92
C PHE F 791 -2.75 7.34 -46.18
N GLU F 792 -2.05 8.45 -46.43
CA GLU F 792 -2.43 9.72 -45.82
C GLU F 792 -3.80 10.17 -46.29
N THR F 793 -4.07 10.07 -47.59
CA THR F 793 -5.36 10.46 -48.12
C THR F 793 -6.48 9.52 -47.66
N PHE F 794 -6.12 8.29 -47.28
CA PHE F 794 -7.12 7.33 -46.83
C PHE F 794 -7.85 7.83 -45.58
N LEU F 795 -7.08 8.25 -44.56
CA LEU F 795 -7.70 8.69 -43.32
C LEU F 795 -8.33 10.07 -43.46
N VAL F 796 -7.78 10.92 -44.33
CA VAL F 796 -8.34 12.26 -44.52
C VAL F 796 -9.76 12.18 -45.07
N ASP F 797 -9.98 11.31 -46.05
CA ASP F 797 -11.31 11.19 -46.65
C ASP F 797 -12.32 10.62 -45.65
N VAL F 798 -11.87 9.78 -44.73
CA VAL F 798 -12.78 9.19 -43.74
C VAL F 798 -13.31 10.28 -42.81
N ASN F 799 -12.46 11.24 -42.43
CA ASN F 799 -12.89 12.30 -41.53
C ASN F 799 -14.01 13.13 -42.14
N ASN F 800 -13.85 13.52 -43.41
CA ASN F 800 -14.85 14.37 -44.05
C ASN F 800 -16.18 13.65 -44.19
N LYS F 801 -16.15 12.36 -44.55
CA LYS F 801 -17.39 11.61 -44.72
C LYS F 801 -18.07 11.38 -43.37
N PHE F 802 -17.29 11.22 -42.30
CA PHE F 802 -17.86 11.01 -40.98
C PHE F 802 -18.34 12.29 -40.31
N ILE F 803 -18.03 13.46 -40.89
CA ILE F 803 -18.53 14.72 -40.36
C ILE F 803 -19.86 15.09 -40.98
N ALA F 804 -19.99 14.89 -42.30
CA ALA F 804 -21.26 15.17 -42.96
C ALA F 804 -22.38 14.26 -42.46
N LEU F 805 -22.03 13.03 -42.07
CA LEU F 805 -23.04 12.13 -41.52
C LEU F 805 -23.61 12.64 -40.20
N CYS F 806 -22.81 13.36 -39.42
CA CYS F 806 -23.31 13.94 -38.18
C CYS F 806 -24.37 15.00 -38.46
N GLU F 807 -24.17 15.82 -39.49
CA GLU F 807 -25.17 16.82 -39.85
C GLU F 807 -26.42 16.18 -40.43
N GLN F 808 -26.27 15.02 -41.10
CA GLN F 808 -27.43 14.34 -41.65
C GLN F 808 -28.39 13.90 -40.55
N GLN F 809 -27.86 13.35 -39.45
CA GLN F 809 -28.67 13.00 -38.30
C GLN F 809 -27.84 13.24 -37.04
N PRO F 810 -28.35 13.99 -36.07
CA PRO F 810 -27.59 14.27 -34.85
C PRO F 810 -27.55 13.05 -33.94
N SER F 811 -26.35 12.69 -33.49
CA SER F 811 -26.18 11.55 -32.60
C SER F 811 -24.85 11.69 -31.87
N GLN F 812 -24.85 11.41 -30.57
CA GLN F 812 -23.63 11.47 -29.78
C GLN F 812 -23.10 10.10 -29.38
N GLU F 813 -23.92 9.05 -29.48
CA GLU F 813 -23.44 7.71 -29.14
C GLU F 813 -22.46 7.19 -30.19
N ARG F 814 -22.55 7.67 -31.43
CA ARG F 814 -21.63 7.22 -32.46
C ARG F 814 -20.20 7.65 -32.15
N GLU F 815 -20.03 8.79 -31.49
CA GLU F 815 -18.68 9.20 -31.06
C GLU F 815 -18.11 8.21 -30.05
N PHE F 816 -18.94 7.76 -29.12
CA PHE F 816 -18.50 6.73 -28.18
C PHE F 816 -18.27 5.40 -28.90
N SER F 817 -19.13 5.07 -29.86
CA SER F 817 -19.03 3.79 -30.55
C SER F 817 -17.74 3.69 -31.36
N LEU F 818 -17.36 4.77 -32.04
CA LEU F 818 -16.15 4.75 -32.86
C LEU F 818 -14.88 4.81 -32.03
N LEU F 819 -14.98 5.19 -30.76
CA LEU F 819 -13.79 5.34 -29.92
C LEU F 819 -13.60 4.18 -28.94
N VAL F 820 -14.68 3.70 -28.32
CA VAL F 820 -14.61 2.70 -27.27
C VAL F 820 -15.23 1.38 -27.69
N LYS F 821 -16.49 1.41 -28.14
CA LYS F 821 -17.18 0.18 -28.50
C LYS F 821 -16.52 -0.52 -29.68
N ALA F 822 -15.87 0.25 -30.56
CA ALA F 822 -15.25 -0.28 -31.78
C ALA F 822 -16.27 -1.00 -32.65
N GLU F 823 -17.52 -0.54 -32.62
CA GLU F 823 -18.61 -1.14 -33.37
C GLU F 823 -19.49 -0.03 -33.91
N ILE F 824 -20.36 -0.40 -34.85
CA ILE F 824 -21.33 0.50 -35.44
C ILE F 824 -22.72 0.06 -35.00
N PRO F 825 -23.57 0.97 -34.50
CA PRO F 825 -24.89 0.56 -34.04
C PRO F 825 -25.71 -0.01 -35.17
N PRO F 826 -26.62 -0.94 -34.87
CA PRO F 826 -27.44 -1.54 -35.94
C PRO F 826 -28.26 -0.52 -36.71
N GLU F 827 -28.65 0.60 -36.07
CA GLU F 827 -29.40 1.64 -36.78
C GLU F 827 -28.57 2.29 -37.88
N TYR F 828 -27.25 2.16 -37.82
CA TYR F 828 -26.35 2.71 -38.83
C TYR F 828 -25.68 1.58 -39.64
N ALA F 829 -26.44 0.53 -39.94
CA ALA F 829 -25.88 -0.60 -40.67
C ALA F 829 -25.43 -0.20 -42.08
N LYS F 830 -26.08 0.81 -42.67
CA LYS F 830 -25.67 1.27 -44.00
C LYS F 830 -24.29 1.91 -43.96
N VAL F 831 -23.91 2.52 -42.84
CA VAL F 831 -22.60 3.16 -42.74
C VAL F 831 -21.49 2.12 -42.77
N GLY F 832 -21.74 0.95 -42.16
CA GLY F 832 -20.71 -0.09 -42.14
C GLY F 832 -20.34 -0.59 -43.53
N ASP F 833 -21.32 -0.64 -44.43
CA ASP F 833 -21.05 -1.12 -45.78
C ASP F 833 -20.13 -0.18 -46.55
N PHE F 834 -20.12 1.10 -46.20
CA PHE F 834 -19.28 2.06 -46.92
C PHE F 834 -17.80 1.78 -46.69
N LEU F 835 -17.43 1.39 -45.47
CA LEU F 835 -16.02 1.13 -45.16
C LEU F 835 -15.47 -0.01 -46.01
N LEU F 836 -16.26 -1.08 -46.18
CA LEU F 836 -15.79 -2.23 -46.94
C LEU F 836 -15.57 -1.87 -48.41
N GLN F 837 -16.50 -1.15 -49.02
CA GLN F 837 -16.44 -0.90 -50.46
C GLN F 837 -15.38 0.12 -50.83
N TYR F 838 -15.27 1.22 -50.07
CA TYR F 838 -14.41 2.31 -50.47
C TYR F 838 -12.93 2.03 -50.21
N ALA F 839 -12.61 1.25 -49.17
CA ALA F 839 -11.23 1.04 -48.80
C ALA F 839 -10.48 0.24 -49.86
N ASN F 840 -11.17 -0.59 -50.63
CA ASN F 840 -10.50 -1.44 -51.61
C ASN F 840 -9.88 -0.62 -52.74
N ASN F 841 -10.63 0.35 -53.28
CA ASN F 841 -10.16 1.08 -54.45
C ASN F 841 -9.29 2.29 -54.09
N ALA F 842 -9.22 2.66 -52.82
CA ALA F 842 -8.55 3.91 -52.46
C ALA F 842 -7.03 3.75 -52.41
N VAL F 843 -6.54 2.87 -51.52
CA VAL F 843 -5.11 2.74 -51.29
C VAL F 843 -4.54 1.44 -51.83
N ILE F 844 -5.29 0.34 -51.80
CA ILE F 844 -4.77 -0.96 -52.23
C ILE F 844 -4.39 -0.94 -53.70
N SER F 845 -5.01 -0.06 -54.49
CA SER F 845 -4.72 0.02 -55.92
C SER F 845 -3.27 0.43 -56.19
N HIS F 846 -2.61 1.08 -55.23
CA HIS F 846 -1.24 1.53 -55.40
C HIS F 846 -0.23 0.68 -54.63
N ALA F 847 -0.65 -0.47 -54.11
CA ALA F 847 0.24 -1.35 -53.34
C ALA F 847 0.14 -2.76 -53.89
N ASN F 848 1.02 -3.62 -53.37
CA ASN F 848 1.06 -5.02 -53.78
C ASN F 848 0.06 -5.80 -52.91
N ALA F 849 -1.02 -6.27 -53.55
CA ALA F 849 -2.04 -7.01 -52.81
C ALA F 849 -1.50 -8.34 -52.30
N ALA F 850 -0.75 -9.06 -53.13
CA ALA F 850 -0.25 -10.37 -52.73
C ALA F 850 0.75 -10.27 -51.58
N ALA F 851 1.59 -9.23 -51.60
CA ALA F 851 2.63 -9.11 -50.59
C ALA F 851 2.06 -8.80 -49.21
N VAL F 852 1.09 -7.89 -49.13
CA VAL F 852 0.58 -7.47 -47.84
C VAL F 852 -0.17 -8.60 -47.14
N TYR F 853 -0.88 -9.45 -47.90
CA TYR F 853 -1.61 -10.55 -47.29
C TYR F 853 -0.68 -11.53 -46.59
N PHE F 854 0.44 -11.86 -47.23
CA PHE F 854 1.39 -12.82 -46.69
C PHE F 854 2.50 -12.17 -45.87
N ALA F 855 2.45 -10.85 -45.67
CA ALA F 855 3.48 -10.17 -44.89
C ALA F 855 3.45 -10.63 -43.45
N ASP F 856 4.64 -10.67 -42.84
CA ASP F 856 4.79 -11.15 -41.46
C ASP F 856 4.61 -9.96 -40.52
N THR F 857 3.37 -9.75 -40.08
CA THR F 857 3.05 -8.73 -39.10
C THR F 857 2.83 -9.31 -37.71
N SER F 858 3.19 -10.57 -37.49
CA SER F 858 3.03 -11.20 -36.19
C SER F 858 4.03 -10.63 -35.19
N GLY F 859 3.69 -10.76 -33.91
CA GLY F 859 4.52 -10.22 -32.85
C GLY F 859 4.29 -8.77 -32.52
N LEU F 860 3.15 -8.20 -32.93
CA LEU F 860 2.86 -6.80 -32.63
C LEU F 860 2.59 -6.54 -31.16
N LYS F 861 2.40 -7.59 -30.35
CA LYS F 861 2.11 -7.45 -28.92
C LYS F 861 0.85 -6.61 -28.70
N ILE F 862 -0.18 -6.88 -29.49
CA ILE F 862 -1.43 -6.13 -29.36
C ILE F 862 -2.41 -6.87 -28.45
N SER F 863 -2.58 -8.17 -28.67
CA SER F 863 -3.49 -8.95 -27.85
C SER F 863 -2.84 -9.37 -26.54
N ASN F 864 -3.67 -9.57 -25.51
CA ASN F 864 -3.15 -9.98 -24.21
C ASN F 864 -2.64 -11.42 -24.24
N SER F 865 -3.17 -12.24 -25.15
CA SER F 865 -2.75 -13.64 -25.21
C SER F 865 -1.27 -13.79 -25.52
N GLU F 866 -0.68 -12.80 -26.19
CA GLU F 866 0.73 -12.82 -26.52
C GLU F 866 1.56 -11.91 -25.63
N PHE F 867 1.02 -11.53 -24.47
CA PHE F 867 1.78 -10.85 -23.43
C PHE F 867 2.19 -11.80 -22.31
N PHE F 868 1.22 -12.49 -21.72
CA PHE F 868 1.49 -13.45 -20.66
C PHE F 868 1.75 -14.84 -21.25
N ASN F 869 2.50 -15.65 -20.51
CA ASN F 869 2.79 -16.99 -20.96
C ASN F 869 1.52 -17.84 -20.97
N PRO F 870 1.42 -18.79 -21.91
CA PRO F 870 0.18 -19.59 -22.01
C PRO F 870 -0.09 -20.47 -20.80
N GLU F 871 0.92 -20.72 -19.96
CA GLU F 871 0.70 -21.58 -18.79
C GLU F 871 -0.28 -20.93 -17.81
N ILE F 872 -0.18 -19.60 -17.64
CA ILE F 872 -0.97 -18.88 -16.64
C ILE F 872 -2.10 -18.09 -17.26
N PHE F 873 -2.23 -18.08 -18.59
CA PHE F 873 -3.27 -17.28 -19.25
C PHE F 873 -4.60 -18.03 -19.21
N HIS F 874 -5.13 -18.13 -17.99
CA HIS F 874 -6.44 -18.75 -17.75
C HIS F 874 -6.85 -18.45 -16.33
N LEU F 875 -8.14 -18.63 -16.05
CA LEU F 875 -8.64 -18.47 -14.69
C LEU F 875 -8.10 -19.59 -13.81
N LEU F 876 -7.60 -19.24 -12.64
CA LEU F 876 -6.96 -20.21 -11.75
C LEU F 876 -7.82 -20.63 -10.57
N GLN F 877 -8.70 -19.75 -10.09
CA GLN F 877 -9.53 -20.06 -8.95
C GLN F 877 -10.98 -19.68 -9.22
N PRO F 878 -11.92 -20.35 -8.58
CA PRO F 878 -13.34 -20.00 -8.76
C PRO F 878 -13.63 -18.61 -8.23
N LEU F 879 -14.69 -18.00 -8.79
CA LEU F 879 -15.09 -16.66 -8.37
C LEU F 879 -15.48 -16.59 -6.90
N GLU F 880 -15.92 -17.70 -6.32
CA GLU F 880 -16.25 -17.71 -4.90
C GLU F 880 -15.02 -17.46 -4.04
N GLU F 881 -13.87 -18.01 -4.43
CA GLU F 881 -12.64 -17.80 -3.68
C GLU F 881 -12.09 -16.39 -3.83
N GLY F 882 -12.65 -15.59 -4.73
CA GLY F 882 -12.20 -14.22 -4.94
C GLY F 882 -11.39 -14.08 -6.22
N LEU F 883 -10.94 -12.86 -6.44
CA LEU F 883 -10.16 -12.52 -7.64
C LEU F 883 -8.66 -12.41 -7.37
N ILE F 884 -8.26 -12.10 -6.15
CA ILE F 884 -6.86 -11.99 -5.80
C ILE F 884 -6.33 -13.37 -5.44
N ILE F 885 -5.11 -13.68 -5.88
CA ILE F 885 -4.52 -15.00 -5.72
C ILE F 885 -3.19 -14.85 -4.98
N ASP F 886 -3.01 -15.66 -3.94
CA ASP F 886 -1.73 -15.74 -3.26
C ASP F 886 -0.69 -16.41 -4.13
N THR F 887 0.57 -15.99 -3.97
CA THR F 887 1.64 -16.52 -4.81
C THR F 887 1.85 -18.02 -4.58
N ASP F 888 1.60 -18.49 -3.36
CA ASP F 888 1.88 -19.90 -3.04
C ASP F 888 1.03 -20.86 -3.87
N LYS F 889 -0.10 -20.41 -4.42
CA LYS F 889 -0.95 -21.26 -5.24
C LYS F 889 -0.51 -21.33 -6.69
N LEU F 890 0.44 -20.50 -7.11
CA LEU F 890 0.91 -20.52 -8.48
C LEU F 890 1.74 -21.76 -8.76
N PRO F 891 1.84 -22.16 -10.02
CA PRO F 891 2.71 -23.30 -10.36
C PRO F 891 4.17 -23.01 -10.03
N ILE F 892 4.91 -24.09 -9.75
CA ILE F 892 6.29 -23.95 -9.30
C ILE F 892 7.12 -23.19 -10.33
N LYS F 893 6.97 -23.54 -11.61
CA LYS F 893 7.67 -22.82 -12.66
C LYS F 893 7.07 -21.45 -12.95
N ASN F 894 5.90 -21.14 -12.37
CA ASN F 894 5.21 -19.87 -12.61
C ASN F 894 5.09 -19.04 -11.35
N ARG F 895 6.05 -19.19 -10.43
CA ARG F 895 6.04 -18.46 -9.16
C ARG F 895 7.01 -17.29 -9.15
N THR F 896 7.51 -16.88 -10.31
CA THR F 896 8.41 -15.74 -10.41
C THR F 896 7.91 -14.79 -11.49
N SER F 897 8.30 -13.53 -11.38
CA SER F 897 7.90 -12.54 -12.37
C SER F 897 8.58 -12.75 -13.71
N LYS F 898 9.67 -13.52 -13.75
CA LYS F 898 10.34 -13.77 -15.01
C LYS F 898 9.54 -14.66 -15.93
N SER F 899 8.78 -15.60 -15.37
CA SER F 899 7.99 -16.54 -16.15
C SER F 899 6.58 -16.04 -16.44
N PHE F 900 6.23 -14.82 -16.01
CA PHE F 900 4.87 -14.33 -16.19
C PHE F 900 4.60 -13.89 -17.63
N SER F 901 5.58 -13.28 -18.29
CA SER F 901 5.35 -12.66 -19.59
C SER F 901 6.38 -13.16 -20.60
N LYS F 902 6.15 -12.78 -21.87
CA LYS F 902 7.09 -13.06 -22.94
C LYS F 902 8.19 -12.00 -22.92
N LEU F 903 9.40 -12.41 -22.54
CA LEU F 903 10.54 -11.50 -22.48
C LEU F 903 11.37 -11.59 -23.77
N LEU F 904 10.72 -11.19 -24.86
CA LEU F 904 11.33 -11.26 -26.19
C LEU F 904 11.51 -9.90 -26.85
N TYR F 905 10.51 -9.02 -26.77
CA TYR F 905 10.55 -7.73 -27.45
C TYR F 905 10.41 -6.60 -26.44
N ASP F 906 10.93 -5.44 -26.82
CA ASP F 906 10.83 -4.24 -25.99
C ASP F 906 9.54 -3.50 -26.31
N ASP F 907 9.11 -2.65 -25.37
CA ASP F 907 7.81 -2.01 -25.46
C ASP F 907 7.86 -0.50 -25.66
N VAL F 908 8.99 0.15 -25.40
CA VAL F 908 9.11 1.59 -25.57
C VAL F 908 9.82 1.94 -26.87
N THR F 909 11.02 1.42 -27.09
CA THR F 909 11.74 1.68 -28.34
C THR F 909 11.44 0.65 -29.41
N CYS F 910 10.64 -0.37 -29.11
CA CYS F 910 10.21 -1.37 -30.08
C CYS F 910 11.41 -2.05 -30.75
N ASP F 911 12.33 -2.55 -29.93
CA ASP F 911 13.53 -3.20 -30.41
C ASP F 911 13.62 -4.60 -29.83
N LYS F 912 14.26 -5.49 -30.59
CA LYS F 912 14.45 -6.86 -30.13
C LYS F 912 15.41 -6.90 -28.94
N LEU F 913 15.10 -7.76 -27.98
CA LEU F 913 15.91 -7.89 -26.76
C LEU F 913 16.91 -9.03 -26.94
N SER F 914 18.19 -8.72 -26.84
CA SER F 914 19.23 -9.73 -26.95
C SER F 914 19.40 -10.47 -25.62
N VAL F 915 20.23 -11.51 -25.66
CA VAL F 915 20.46 -12.31 -24.45
C VAL F 915 21.19 -11.50 -23.39
N SER F 916 22.09 -10.62 -23.79
CA SER F 916 22.84 -9.81 -22.82
C SER F 916 21.91 -8.89 -22.03
N GLU F 917 20.96 -8.26 -22.71
CA GLU F 917 20.04 -7.35 -22.02
C GLU F 917 19.04 -8.10 -21.16
N ILE F 918 18.75 -9.36 -21.50
CA ILE F 918 17.85 -10.16 -20.68
C ILE F 918 18.52 -10.56 -19.37
N SER F 919 19.78 -10.97 -19.43
CA SER F 919 20.45 -11.58 -18.28
C SER F 919 21.06 -10.57 -17.32
N ASP F 920 21.17 -9.30 -17.69
CA ASP F 920 21.83 -8.33 -16.82
C ASP F 920 20.95 -7.87 -15.67
N GLY F 921 19.66 -8.17 -15.69
CA GLY F 921 18.78 -7.78 -14.61
C GLY F 921 18.51 -6.30 -14.50
N LYS F 922 18.73 -5.54 -15.57
CA LYS F 922 18.50 -4.10 -15.58
C LYS F 922 17.21 -3.72 -16.29
N LEU F 923 16.36 -4.68 -16.62
CA LEU F 923 15.10 -4.43 -17.29
C LEU F 923 13.95 -4.35 -16.29
N LYS F 924 12.88 -3.67 -16.68
CA LYS F 924 11.77 -3.37 -15.79
C LYS F 924 10.48 -3.95 -16.34
N ARG F 925 9.55 -4.23 -15.44
CA ARG F 925 8.23 -4.77 -15.77
C ARG F 925 7.15 -3.88 -15.20
N CYS F 926 6.06 -3.72 -15.94
CA CYS F 926 4.92 -2.93 -15.49
C CYS F 926 3.95 -3.81 -14.71
N SER F 927 3.60 -3.38 -13.50
CA SER F 927 2.70 -4.16 -12.64
C SER F 927 1.25 -4.09 -13.11
N ARG F 928 0.93 -3.25 -14.10
CA ARG F 928 -0.45 -3.07 -14.53
C ARG F 928 -0.78 -3.89 -15.78
N CYS F 929 -0.03 -3.66 -16.87
CA CYS F 929 -0.32 -4.30 -18.15
C CYS F 929 0.62 -5.43 -18.49
N GLY F 930 1.60 -5.74 -17.62
CA GLY F 930 2.52 -6.82 -17.89
C GLY F 930 3.64 -6.48 -18.86
N SER F 931 3.75 -5.22 -19.29
CA SER F 931 4.78 -4.84 -20.23
C SER F 931 6.16 -4.97 -19.61
N VAL F 932 7.15 -5.25 -20.46
CA VAL F 932 8.55 -5.40 -20.05
C VAL F 932 9.39 -4.43 -20.86
N THR F 933 10.19 -3.62 -20.19
CA THR F 933 11.01 -2.63 -20.87
C THR F 933 12.30 -2.38 -20.09
N ARG F 934 13.39 -2.18 -20.81
CA ARG F 934 14.68 -1.82 -20.24
C ARG F 934 14.93 -0.31 -20.31
N ALA F 935 13.87 0.49 -20.22
CA ALA F 935 14.01 1.93 -20.32
C ALA F 935 14.67 2.50 -19.07
N GLY F 936 15.26 3.68 -19.23
CA GLY F 936 15.87 4.37 -18.12
C GLY F 936 17.26 3.89 -17.74
N ASN F 937 17.88 3.06 -18.57
CA ASN F 937 19.21 2.53 -18.29
C ASN F 937 20.11 2.76 -19.49
N ILE F 938 21.41 2.80 -19.22
CA ILE F 938 22.39 2.99 -20.29
C ILE F 938 22.38 1.78 -21.22
N ILE F 939 22.38 2.05 -22.51
CA ILE F 939 22.32 0.99 -23.52
C ILE F 939 23.72 0.46 -23.77
N SER F 940 23.80 -0.80 -24.22
CA SER F 940 25.08 -1.42 -24.51
C SER F 940 25.69 -0.80 -25.77
N SER F 941 27.00 -0.98 -25.91
CA SER F 941 27.73 -0.37 -27.01
C SER F 941 27.31 -0.93 -28.36
N ASP F 942 26.89 -2.20 -28.40
CA ASP F 942 26.50 -2.80 -29.67
C ASP F 942 25.23 -2.18 -30.25
N LYS F 943 24.41 -1.53 -29.42
CA LYS F 943 23.21 -0.87 -29.88
C LYS F 943 23.46 0.56 -30.33
N THR F 944 24.67 1.07 -30.18
CA THR F 944 24.99 2.44 -30.55
C THR F 944 25.44 2.49 -32.01
N ILE F 945 25.66 3.71 -32.51
CA ILE F 945 26.12 3.87 -33.88
C ILE F 945 27.51 3.30 -34.06
N VAL F 946 28.39 3.50 -33.07
CA VAL F 946 29.73 2.95 -33.09
C VAL F 946 30.03 2.38 -31.71
N PRO F 947 30.58 1.17 -31.61
CA PRO F 947 30.90 0.61 -30.28
C PRO F 947 31.87 1.49 -29.52
N THR F 948 31.42 2.00 -28.38
CA THR F 948 32.22 2.89 -27.56
C THR F 948 31.76 2.78 -26.11
N SER F 949 32.62 3.22 -25.21
CA SER F 949 32.33 3.20 -23.78
C SER F 949 31.70 4.49 -23.27
N ILE F 950 31.44 5.45 -24.15
CA ILE F 950 30.84 6.71 -23.74
C ILE F 950 29.39 6.47 -23.32
N GLN F 951 29.01 6.98 -22.16
CA GLN F 951 27.67 6.82 -21.64
C GLN F 951 26.82 8.02 -22.04
N THR F 952 25.70 7.76 -22.70
CA THR F 952 24.77 8.80 -23.13
C THR F 952 23.39 8.50 -22.55
N LYS F 953 22.76 9.53 -21.98
CA LYS F 953 21.43 9.39 -21.40
C LYS F 953 20.40 9.51 -22.51
N ARG F 954 19.80 8.38 -22.88
CA ARG F 954 18.84 8.35 -23.97
C ARG F 954 17.43 8.62 -23.46
N TRP F 955 16.51 8.87 -24.40
CA TRP F 955 15.12 9.22 -24.14
C TRP F 955 14.37 8.22 -23.27
N PRO F 956 14.73 6.91 -23.26
CA PRO F 956 14.09 5.99 -22.30
C PRO F 956 14.13 6.45 -20.85
N THR F 957 14.90 7.48 -20.53
CA THR F 957 14.95 7.99 -19.16
C THR F 957 13.67 8.71 -18.75
N MET F 958 12.75 8.98 -19.68
CA MET F 958 11.48 9.58 -19.32
C MET F 958 10.60 8.59 -18.54
N TYR F 959 10.70 7.29 -18.87
CA TYR F 959 9.87 6.27 -18.27
C TYR F 959 10.60 5.48 -17.18
N THR F 960 11.47 6.15 -16.42
CA THR F 960 12.19 5.44 -15.36
C THR F 960 11.25 4.90 -14.29
N ARG F 961 10.26 5.70 -13.90
CA ARG F 961 9.36 5.33 -12.82
C ARG F 961 7.92 5.08 -13.26
N LEU F 962 7.47 5.70 -14.34
CA LEU F 962 6.11 5.55 -14.83
C LEU F 962 6.10 4.81 -16.15
N CYS F 963 5.26 3.78 -16.25
CA CYS F 963 5.16 3.00 -17.47
C CYS F 963 4.34 3.76 -18.52
N ILE F 964 4.12 3.11 -19.66
CA ILE F 964 3.34 3.73 -20.73
C ILE F 964 1.88 3.89 -20.32
N CYS F 965 1.34 2.96 -19.54
CA CYS F 965 -0.05 2.97 -19.11
C CYS F 965 -0.23 3.63 -17.74
N SER F 966 0.64 4.57 -17.38
CA SER F 966 0.66 5.25 -16.09
C SER F 966 0.90 4.30 -14.92
N GLY F 967 1.29 3.05 -15.20
CA GLY F 967 1.64 2.14 -14.14
C GLY F 967 3.07 2.35 -13.66
N MET F 968 3.39 1.74 -12.53
CA MET F 968 4.72 1.86 -11.95
C MET F 968 5.65 0.79 -12.52
N LEU F 969 6.89 1.19 -12.75
CA LEU F 969 7.92 0.28 -13.24
C LEU F 969 8.86 -0.09 -12.08
N PHE F 970 9.20 -1.37 -12.01
CA PHE F 970 10.06 -1.86 -10.94
C PHE F 970 11.14 -2.76 -11.52
N GLU F 971 12.25 -2.86 -10.80
CA GLU F 971 13.35 -3.72 -11.22
C GLU F 971 12.91 -5.18 -11.21
N MET F 972 13.12 -5.87 -12.32
CA MET F 972 12.69 -7.24 -12.44
C MET F 972 13.60 -8.15 -11.64
N ASP F 973 13.01 -9.00 -10.79
CA ASP F 973 13.79 -9.91 -9.97
C ASP F 973 14.44 -10.99 -10.83
N GLY F 974 15.64 -11.41 -10.44
CA GLY F 974 16.36 -12.42 -11.17
C GLY F 974 16.23 -13.81 -10.59
#